data_7JK6
#
_entry.id   7JK6
#
_cell.length_a   1.00
_cell.length_b   1.00
_cell.length_c   1.00
_cell.angle_alpha   90.00
_cell.angle_beta   90.00
_cell.angle_gamma   90.00
#
_symmetry.space_group_name_H-M   'P 1'
#
loop_
_entity.id
_entity.type
_entity.pdbx_description
1 polymer 'Origin recognition complex subunit 4'
2 polymer 'Origin recognition complex subunit 5'
3 polymer 'Origin recognition complex subunit 1'
4 polymer 'Origin recognition complex subunit 2'
5 polymer 'Origin recognition complex subunit 3'
6 polymer 'Origin recognition complex subunit 6'
7 non-polymer "ADENOSINE-5'-TRIPHOSPHATE"
8 non-polymer 'MAGNESIUM ION'
#
loop_
_entity_poly.entity_id
_entity_poly.type
_entity_poly.pdbx_seq_one_letter_code
_entity_poly.pdbx_strand_id
1 'polypeptide(L)'
;SNAMPEADRELVSIRRFLKERLQRDYTTLRGYAKERSNVRLLLQRTAEMGESNSLLLLGPRGSGKTTLINSVLADLLPNK
SFGENTLIVHLDGNLHTDDRVALKSITVQMQLENAADGKVFGSFAENLAFLLQCLKAGGKHSKSVIFILEEFDLFCAHHN
QTLLYNLFDVSQSAQAPICVLGVTCRLDVIELLEKRVKSRFSHRQVFLFPSLRRFEDYVDLCRDLLSLPTGNSLLLAAEK
IYNLQNIQSGALYFSRNHFDPGEYGFSPRLRDAWNKQICKVLATQQARSTLQALHDFDISEAYLKNFLFRLVAHLRPQSP
HITAEKMAAVGSQFEGDDKIELLCGLSVLELCLIIAIKHHSQIYDRDSFNFEIIYARFSKFAKVSTTMQAVERSIVLKAF
EHLRIAELIMPLTGGAGGGVGKVQKEFEMHKLALTYSQIHHCMQRYQALPTEVAQWAQSSLI
;
D
2 'polypeptide(L)'
;MEAICSSLEPLFPCREAAIETLGELIGDSSETYPSAIYLFGHSGTGKTALTRAFLKECGKRQNVRTAHLNAIECYTTKIM
LEILLDSLAPDQGDALKVDNMLDFVEQLRRQAATRVEDQGFLIAVDNAERLRDMDANVLPVLLRLQELTNLNLCVILLSQ
LPFEKFYNKTGLSEIVCLHLAQYNKAETQRILGSDFQQVRNQLLEQFAQDKKRLEICQEAVTEDFYNNYLNLFLSVFYKA
CRDVPELQLTARKCLSTYLEPVLDGTVDATDISRLWRHIAGPLRSALTQIYMRIEKPAEEVEDFTAIEDQSVRKLAQSLE
LPYYAKFLLIAAFLASHNAAKQDKRLFVKHHGKQRKRMQTVNARAKTTEKMSTTLGPKSFSIDRLLAIFYAILEEKVGLT
CNLLSQISTLVHLNLLSFVSGEQNIMEGSARLQCTIGLEFVLQIGKVVGFNVRQYLCDFM
;
E
3 'polypeptide(L)'
;SNAPRRSIHLSNIVEQRVFEDDEIISTPKRGRSKKTVQDNDEDYSPKKSVQKTPTRTRRSSTTTKTATTPSKGITTATAT
PMTPSQKMKKIRAGELSPSMQQRTDLPAKDSSKSELQLAREQLHVSVVPKSLPCREREFENIYAFLEGKIQDQCGGCMYV
SGVPGTGKTATVTGVIRTLQRMAKQNELPAFEYLEINGMRLTEPRQAYVQIYKQLTGKTVSWEQAHALLEKRFTTPAPRR
VTTVLLVDELDILCNRRQDVVYNLLDWPTKSAAKLVVVTIANTMDLPERLLMGKVTSRLGLTRLTFQPYSHKQLQEIVTA
RLGGSETFKGEAVQLVARKVAAVSGDARRALDICRRATEIADTAAVKCVTMLHVQQALAEMIASAKVQAIRNCSRMEQIF
LQAIAAEVTRTGVEETTFMGVYQQVETIAAFMGVTFPPPGRALRLCSKLGAERLIISEHSRNDLFQKILLNVSADDIHYA
LRVEEMVN
;
A
4 'polypeptide(L)'
;MSASNKGGYKTPRKENLMSIENLTNSEEESEDLNTAMVGNAVESQPKVTSRRSTRRPSPTKKYQAYQKESNGKGQEERIV
VNYVEMSDERSSDAEDQEEEESIEESENAARPAAKDLHLIQSEYNVAGTSMFGFNTPKKRDAMALAALNATPCTPKTPKT
PRLGVKTPDTKRKKSMDQPKTPAHVRTRVKKQIAKIVADSDEDFSGDESDFRPSDEESSSSSSSSDAGNSSDNDAADDEP
KTPSRARRAIVVPVLPKTPSAARLRQSARAKKSNEFVPESDGYFHSHASSKILTSDHTLDRLKNPRLAADRVFSLLSEIK
TSAEHEGSINAIMEEYRSYFPKWMCILNEGFNILLYGLGSKHQLLQSFHREVLHKQTVLVVNGFFPSLTIKDMLDSITSD
ILDAGISPANPHEAVDMIEEEFALIPETHLFLIVHNLDGAMLRNVKAQAILSRLARIPNIHLLASIDHINTPLLWDQGKL
CSFNFSWWDCTTMLPYTNETAFENSLLVQNSGELALSSMRSVFSSLTTNSRGIYMLIVKYQLKNKGNATYQGMPFRDLYS
SCREAFLVSSDLALRAQLTEFLDHKLVKSKRSVDGSEQLTIPIDGALLQQFLEEQEKK
;
B
5 'polypeptide(L)'
;MDPTISVSKGCFVYKNGATRAGKKAASKRKRPAAESSSLLGKEVVQQPFYEEYRKAWNQINDHIADLQHRSYARTLEQLV
DFVVGQAERDTPDEVLPTAALLTGINQPDHLSQFTALTQRLHAQRAAMVCVLQSRDCATLKAAVETLVFGLVEDNAEVEQ
MEDEDEDEDGAERDRKRLRRSQCTMKQLKSWYTNNFDSEQKRRQLVVILPDFECFNASVLQDLILILSAHCGSLPFVLVL
GVATAMTAVHGTLPYHVSSKIRLRVFQTQAAPTGLNEVLDKVLLSPKYAFHLSGKTFKFLTHIFLYYDFSIHGFIQGFKY
CLMEHFFGGNAFALCTDYSKALGRIKQLTHEDMETIRRLPSFRPYVEQINDCKRIIAVLTDDDYLKKKLPQLLRDCLLHF
LLFRCSLEFLTELVGDLPRCPLGKLRRELYVNCLNRAIISTPEYKECLQMLSFLSKDEFVAKVNRALERTEQFLVEEIAP
LELGEACTAVLRPKLEAIRLAVDEVVKATMATITTTSPNETRQATDHLTPVASRQELKDQLLQRSKEDKMRHQLNTPTTQ
FGRALQKTLQLIETQIVQDHLRALQDAPPIHELFVFSDIATVRRNIIGAPRAALHTALNNPHFYMQCKCCELQDQSLLVG
TLPDLSVVYKLHLECGRMINLFDWLQAFRSVVSDSDHEEVAQEQIDPQIQARFTRAVAELQFLGYIKMSKRKTDHATRLT
W
;
C
6 'polypeptide(L)'
;MTTLIEQLITKMGLREEPNVLEKTTELVRLLELRSTNVPLQINEYGKIVLCADLASCMIGIAFDKEQALKLSGLRKSQYL
NNKRMFEKLLDLNKLASVNDICVQLGLNEVARKAEELMTLFKGVAATEDMGTDTSHPQYATMAVFQACRLLKKKVSKSKL
MPFSNLRPSQFQLLEQQWERMIAKHHKESKVPSSTDMEGKLKENQNENIKGHEAKKAHKPPPEDYEIWKARMLAKAQAKL
KELEASQSHMDSQLLEA
;
F
#
loop_
_chem_comp.id
_chem_comp.type
_chem_comp.name
_chem_comp.formula
ATP non-polymer ADENOSINE-5'-TRIPHOSPHATE 'C10 H16 N5 O13 P3'
MG non-polymer 'MAGNESIUM ION' 'Mg 2'
#
# COMPACT_ATOMS: atom_id res chain seq x y z
N PRO A 5 -50.50 -26.87 -14.20
CA PRO A 5 -49.96 -28.22 -14.41
C PRO A 5 -49.57 -28.89 -13.11
N GLU A 6 -49.97 -30.15 -12.93
CA GLU A 6 -49.64 -30.84 -11.69
C GLU A 6 -48.29 -31.55 -11.75
N ALA A 7 -47.90 -32.10 -12.91
CA ALA A 7 -46.61 -32.77 -13.01
C ALA A 7 -45.47 -31.77 -12.89
N ASP A 8 -45.72 -30.53 -13.34
CA ASP A 8 -44.76 -29.46 -13.20
C ASP A 8 -44.62 -29.05 -11.75
N ARG A 9 -45.68 -29.18 -10.95
CA ARG A 9 -45.54 -28.73 -9.58
C ARG A 9 -44.85 -29.80 -8.79
N GLU A 10 -45.10 -31.07 -9.15
CA GLU A 10 -44.43 -32.16 -8.45
C GLU A 10 -42.93 -32.12 -8.75
N LEU A 11 -42.54 -31.74 -9.97
CA LEU A 11 -41.12 -31.58 -10.26
C LEU A 11 -40.54 -30.37 -9.55
N VAL A 12 -41.31 -29.28 -9.42
CA VAL A 12 -40.82 -28.12 -8.68
C VAL A 12 -40.66 -28.44 -7.20
N SER A 13 -41.59 -29.22 -6.64
CA SER A 13 -41.46 -29.65 -5.26
C SER A 13 -40.27 -30.58 -5.06
N ILE A 14 -40.01 -31.47 -6.02
CA ILE A 14 -38.87 -32.37 -5.91
C ILE A 14 -37.56 -31.58 -6.00
N ARG A 15 -37.49 -30.61 -6.90
CA ARG A 15 -36.26 -29.84 -7.05
C ARG A 15 -36.02 -28.94 -5.84
N ARG A 16 -37.09 -28.33 -5.31
CA ARG A 16 -36.98 -27.53 -4.08
C ARG A 16 -36.62 -28.39 -2.88
N PHE A 17 -37.14 -29.61 -2.83
CA PHE A 17 -36.85 -30.53 -1.74
C PHE A 17 -35.38 -30.97 -1.77
N LEU A 18 -34.92 -31.40 -2.94
CA LEU A 18 -33.55 -31.88 -3.05
C LEU A 18 -32.54 -30.77 -2.86
N LYS A 19 -32.85 -29.55 -3.31
CA LYS A 19 -31.93 -28.46 -3.07
C LYS A 19 -31.87 -28.08 -1.60
N GLU A 20 -33.03 -28.02 -0.93
CA GLU A 20 -33.02 -27.68 0.49
C GLU A 20 -32.42 -28.76 1.34
N ARG A 21 -32.50 -30.02 0.91
CA ARG A 21 -31.86 -31.06 1.69
C ARG A 21 -30.35 -31.09 1.46
N LEU A 22 -29.91 -30.92 0.22
CA LEU A 22 -28.47 -30.93 -0.01
C LEU A 22 -27.78 -29.70 0.56
N GLN A 23 -28.47 -28.56 0.64
CA GLN A 23 -27.77 -27.39 1.14
C GLN A 23 -27.94 -27.13 2.63
N ARG A 24 -29.17 -27.08 3.12
CA ARG A 24 -29.33 -26.83 4.55
C ARG A 24 -29.35 -28.14 5.32
N ASP A 25 -30.35 -28.33 6.20
CA ASP A 25 -30.55 -29.55 6.98
C ASP A 25 -29.30 -29.84 7.83
N TYR A 26 -29.06 -28.95 8.79
CA TYR A 26 -27.83 -28.89 9.57
C TYR A 26 -27.75 -29.91 10.69
N THR A 27 -28.81 -30.65 10.99
CA THR A 27 -28.75 -31.51 12.17
C THR A 27 -28.59 -32.99 11.84
N THR A 28 -29.37 -33.52 10.89
CA THR A 28 -29.31 -34.95 10.61
C THR A 28 -27.99 -35.36 9.98
N LEU A 29 -27.50 -36.53 10.38
CA LEU A 29 -26.24 -37.05 9.89
C LEU A 29 -26.39 -38.55 9.65
N ARG A 30 -25.40 -39.13 8.98
CA ARG A 30 -25.36 -40.56 8.71
C ARG A 30 -24.05 -41.14 9.21
N GLY A 31 -24.13 -42.31 9.85
CA GLY A 31 -22.96 -42.92 10.42
C GLY A 31 -22.60 -42.30 11.76
N TYR A 32 -21.41 -42.68 12.25
CA TYR A 32 -20.85 -42.25 13.52
C TYR A 32 -21.76 -42.51 14.71
N ALA A 33 -21.82 -43.75 15.16
CA ALA A 33 -22.52 -44.07 16.40
C ALA A 33 -21.63 -43.78 17.61
N LYS A 34 -20.38 -44.26 17.56
CA LYS A 34 -19.51 -44.19 18.73
C LYS A 34 -19.07 -42.75 19.03
N GLU A 35 -18.70 -41.99 18.01
CA GLU A 35 -18.21 -40.64 18.23
C GLU A 35 -19.31 -39.70 18.70
N ARG A 36 -20.48 -39.76 18.05
CA ARG A 36 -21.62 -38.96 18.49
C ARG A 36 -22.09 -39.38 19.88
N SER A 37 -22.01 -40.68 20.19
CA SER A 37 -22.35 -41.11 21.54
C SER A 37 -21.36 -40.60 22.58
N ASN A 38 -20.08 -40.50 22.23
CA ASN A 38 -19.10 -39.95 23.17
C ASN A 38 -19.34 -38.48 23.44
N VAL A 39 -19.61 -37.71 22.38
CA VAL A 39 -19.86 -36.28 22.56
C VAL A 39 -21.14 -36.06 23.36
N ARG A 40 -22.17 -36.89 23.12
CA ARG A 40 -23.42 -36.72 23.84
C ARG A 40 -23.28 -37.08 25.31
N LEU A 41 -22.60 -38.19 25.62
CA LEU A 41 -22.39 -38.52 27.03
C LEU A 41 -21.48 -37.53 27.74
N LEU A 42 -20.51 -36.94 27.02
CA LEU A 42 -19.62 -35.97 27.65
C LEU A 42 -20.36 -34.67 27.98
N LEU A 43 -21.11 -34.13 27.01
CA LEU A 43 -21.88 -32.92 27.29
C LEU A 43 -23.02 -33.16 28.27
N GLN A 44 -23.60 -34.37 28.29
CA GLN A 44 -24.68 -34.63 29.24
C GLN A 44 -24.14 -34.71 30.66
N ARG A 45 -22.99 -35.36 30.84
CA ARG A 45 -22.35 -35.39 32.15
C ARG A 45 -21.85 -34.01 32.58
N THR A 46 -21.41 -33.17 31.63
CA THR A 46 -21.02 -31.82 32.01
C THR A 46 -22.23 -30.99 32.45
N ALA A 47 -23.36 -31.13 31.76
CA ALA A 47 -24.56 -30.39 32.14
C ALA A 47 -25.14 -30.87 33.47
N GLU A 48 -25.04 -32.17 33.78
CA GLU A 48 -25.66 -32.68 35.00
C GLU A 48 -24.67 -32.76 36.15
N MET A 49 -23.63 -33.57 36.02
CA MET A 49 -22.77 -33.84 37.15
C MET A 49 -21.80 -32.71 37.45
N GLY A 50 -21.66 -31.75 36.56
CA GLY A 50 -20.76 -30.64 36.78
C GLY A 50 -19.30 -30.88 36.56
N GLU A 51 -18.90 -31.99 35.96
CA GLU A 51 -17.50 -32.19 35.63
C GLU A 51 -17.09 -31.23 34.52
N SER A 52 -15.89 -30.70 34.64
CA SER A 52 -15.36 -29.75 33.66
C SER A 52 -14.45 -30.50 32.70
N ASN A 53 -14.88 -30.59 31.45
CA ASN A 53 -14.24 -31.43 30.44
C ASN A 53 -13.71 -30.56 29.31
N SER A 54 -13.04 -31.23 28.37
CA SER A 54 -12.55 -30.60 27.16
C SER A 54 -12.46 -31.69 26.12
N LEU A 55 -12.62 -31.30 24.86
CA LEU A 55 -12.68 -32.28 23.78
C LEU A 55 -12.24 -31.58 22.51
N LEU A 56 -11.73 -32.35 21.56
CA LEU A 56 -11.14 -31.77 20.35
C LEU A 56 -11.50 -32.60 19.13
N LEU A 57 -12.57 -32.22 18.45
CA LEU A 57 -12.93 -32.84 17.18
C LEU A 57 -11.90 -32.53 16.11
N LEU A 58 -11.52 -33.56 15.35
CA LEU A 58 -10.46 -33.50 14.37
C LEU A 58 -10.88 -34.29 13.15
N GLY A 59 -10.35 -33.92 11.99
CA GLY A 59 -10.64 -34.62 10.77
C GLY A 59 -10.45 -33.75 9.54
N PRO A 60 -10.53 -34.35 8.36
CA PRO A 60 -10.43 -33.57 7.13
C PRO A 60 -11.62 -32.64 6.97
N ARG A 61 -11.36 -31.51 6.31
CA ARG A 61 -12.43 -30.59 5.94
C ARG A 61 -13.42 -31.25 5.00
N GLY A 62 -14.69 -30.98 5.22
CA GLY A 62 -15.77 -31.62 4.50
C GLY A 62 -16.39 -32.77 5.24
N SER A 63 -15.68 -33.37 6.19
CA SER A 63 -16.31 -34.32 7.08
C SER A 63 -17.18 -33.58 8.09
N GLY A 64 -18.28 -34.21 8.48
CA GLY A 64 -19.28 -33.51 9.26
C GLY A 64 -18.95 -33.28 10.73
N LYS A 65 -18.16 -32.25 11.02
CA LYS A 65 -17.89 -31.92 12.41
C LYS A 65 -18.86 -30.88 12.96
N THR A 66 -19.06 -29.79 12.22
CA THR A 66 -20.07 -28.81 12.60
C THR A 66 -21.46 -29.41 12.59
N THR A 67 -21.73 -30.31 11.64
CA THR A 67 -23.00 -31.01 11.62
C THR A 67 -23.13 -31.94 12.81
N LEU A 68 -22.02 -32.53 13.27
CA LEU A 68 -22.05 -33.38 14.46
C LEU A 68 -22.33 -32.58 15.72
N ILE A 69 -21.72 -31.40 15.84
CA ILE A 69 -21.96 -30.55 17.00
C ILE A 69 -23.40 -30.06 17.01
N ASN A 70 -23.92 -29.70 15.84
CA ASN A 70 -25.32 -29.30 15.74
C ASN A 70 -26.27 -30.44 16.05
N SER A 71 -25.88 -31.68 15.71
CA SER A 71 -26.74 -32.83 16.01
C SER A 71 -26.77 -33.14 17.51
N VAL A 72 -25.61 -33.06 18.16
CA VAL A 72 -25.56 -33.30 19.61
C VAL A 72 -26.32 -32.22 20.37
N LEU A 73 -26.23 -30.98 19.91
CA LEU A 73 -26.98 -29.91 20.56
C LEU A 73 -28.47 -30.05 20.30
N ALA A 74 -28.85 -30.50 19.10
CA ALA A 74 -30.26 -30.70 18.80
C ALA A 74 -30.83 -31.88 19.57
N ASP A 75 -29.98 -32.83 19.96
CA ASP A 75 -30.45 -33.93 20.81
C ASP A 75 -30.53 -33.54 22.28
N LEU A 76 -29.66 -32.64 22.73
CA LEU A 76 -29.61 -32.28 24.15
C LEU A 76 -30.50 -31.13 24.56
N LEU A 77 -30.72 -30.14 23.68
CA LEU A 77 -31.44 -28.94 24.08
C LEU A 77 -32.87 -29.14 24.55
N PRO A 78 -33.76 -29.95 23.92
CA PRO A 78 -35.13 -30.05 24.48
C PRO A 78 -35.28 -30.83 25.78
N ASN A 79 -34.19 -31.27 26.44
CA ASN A 79 -34.32 -31.98 27.70
C ASN A 79 -34.83 -31.12 28.85
N LYS A 80 -34.68 -29.80 28.77
CA LYS A 80 -34.97 -28.85 29.87
C LYS A 80 -34.20 -29.17 31.14
N SER A 81 -32.99 -29.68 30.99
CA SER A 81 -32.01 -29.77 32.07
C SER A 81 -30.71 -29.23 31.49
N PHE A 82 -30.34 -29.77 30.34
CA PHE A 82 -29.36 -29.11 29.49
C PHE A 82 -29.86 -27.76 29.01
N GLY A 83 -31.16 -27.62 28.78
CA GLY A 83 -31.64 -26.34 28.35
C GLY A 83 -31.84 -25.32 29.44
N GLU A 84 -31.76 -25.72 30.72
CA GLU A 84 -32.00 -24.79 31.81
C GLU A 84 -30.80 -24.55 32.70
N ASN A 85 -29.86 -25.49 32.79
CA ASN A 85 -28.71 -25.35 33.68
C ASN A 85 -27.42 -25.12 32.92
N THR A 86 -27.52 -24.82 31.63
CA THR A 86 -26.37 -24.74 30.75
C THR A 86 -26.62 -23.70 29.69
N LEU A 87 -25.70 -22.77 29.57
CA LEU A 87 -25.69 -21.79 28.49
C LEU A 87 -24.57 -22.13 27.52
N ILE A 88 -24.85 -21.97 26.24
CA ILE A 88 -23.97 -22.40 25.16
C ILE A 88 -23.33 -21.17 24.55
N VAL A 89 -22.02 -21.24 24.31
CA VAL A 89 -21.28 -20.15 23.71
C VAL A 89 -20.64 -20.68 22.44
N HIS A 90 -21.25 -20.37 21.28
CA HIS A 90 -20.59 -20.64 20.01
C HIS A 90 -19.47 -19.62 19.83
N LEU A 91 -18.37 -20.06 19.23
CA LEU A 91 -17.29 -19.18 18.84
C LEU A 91 -16.70 -19.70 17.54
N ASP A 92 -16.18 -18.77 16.75
CA ASP A 92 -15.65 -19.10 15.44
C ASP A 92 -14.29 -18.47 15.29
N GLY A 93 -13.35 -19.24 14.76
CA GLY A 93 -12.01 -18.73 14.58
C GLY A 93 -11.86 -17.80 13.41
N ASN A 94 -12.84 -17.78 12.51
CA ASN A 94 -12.80 -16.87 11.38
C ASN A 94 -13.28 -15.47 11.74
N LEU A 95 -14.30 -15.38 12.57
CA LEU A 95 -14.84 -14.08 12.94
C LEU A 95 -14.14 -13.42 14.11
N HIS A 96 -13.77 -14.17 15.14
CA HIS A 96 -13.09 -13.58 16.30
C HIS A 96 -11.59 -13.62 16.10
N THR A 97 -11.12 -12.70 15.26
CA THR A 97 -9.71 -12.66 14.88
C THR A 97 -8.79 -12.19 15.99
N ASP A 98 -9.32 -11.50 17.00
CA ASP A 98 -8.51 -10.98 18.09
C ASP A 98 -9.15 -11.32 19.44
N ASP A 99 -8.34 -11.21 20.48
CA ASP A 99 -8.77 -11.60 21.82
C ASP A 99 -9.87 -10.70 22.33
N ARG A 100 -9.86 -9.41 21.96
CA ARG A 100 -10.91 -8.51 22.43
C ARG A 100 -12.24 -8.80 21.76
N VAL A 101 -12.21 -9.23 20.49
CA VAL A 101 -13.44 -9.56 19.81
C VAL A 101 -14.08 -10.82 20.38
N ALA A 102 -13.25 -11.84 20.66
CA ALA A 102 -13.77 -13.05 21.28
C ALA A 102 -14.26 -12.77 22.68
N LEU A 103 -13.62 -11.83 23.38
CA LEU A 103 -14.04 -11.51 24.72
C LEU A 103 -15.36 -10.74 24.73
N LYS A 104 -15.55 -9.81 23.81
CA LYS A 104 -16.84 -9.13 23.71
C LYS A 104 -17.96 -10.07 23.27
N SER A 105 -17.66 -11.05 22.42
CA SER A 105 -18.70 -12.02 22.07
C SER A 105 -19.05 -12.94 23.24
N ILE A 106 -18.05 -13.30 24.05
CA ILE A 106 -18.33 -14.09 25.24
C ILE A 106 -19.13 -13.28 26.25
N THR A 107 -18.77 -12.01 26.43
CA THR A 107 -19.46 -11.13 27.36
C THR A 107 -20.88 -10.82 26.92
N VAL A 108 -21.15 -10.77 25.62
CA VAL A 108 -22.53 -10.59 25.17
C VAL A 108 -23.31 -11.88 25.35
N GLN A 109 -22.77 -13.00 24.89
CA GLN A 109 -23.53 -14.25 24.89
C GLN A 109 -23.75 -14.82 26.28
N MET A 110 -22.89 -14.51 27.24
CA MET A 110 -23.15 -14.96 28.60
C MET A 110 -24.07 -14.03 29.37
N GLN A 111 -24.41 -12.87 28.79
CA GLN A 111 -25.27 -11.86 29.42
C GLN A 111 -24.73 -11.44 30.78
N LEU A 112 -23.45 -11.06 30.79
CA LEU A 112 -22.80 -10.63 32.02
C LEU A 112 -23.29 -9.24 32.41
N GLU A 113 -22.93 -8.81 33.62
CA GLU A 113 -23.44 -7.54 34.14
C GLU A 113 -22.94 -6.35 33.33
N ASN A 114 -21.75 -6.47 32.73
CA ASN A 114 -21.21 -5.38 31.94
C ASN A 114 -21.55 -5.53 30.46
N ALA A 115 -22.42 -6.47 30.12
CA ALA A 115 -22.84 -6.63 28.72
C ALA A 115 -23.84 -5.56 28.32
N ALA A 116 -25.06 -5.66 28.87
CA ALA A 116 -26.20 -4.77 28.65
C ALA A 116 -26.56 -4.65 27.17
N VAL A 120 -20.72 -3.43 24.83
CA VAL A 120 -19.96 -3.76 26.02
C VAL A 120 -19.26 -2.50 26.51
N PHE A 121 -19.28 -2.28 27.83
CA PHE A 121 -18.60 -1.14 28.42
C PHE A 121 -17.25 -1.56 28.98
N GLY A 122 -16.36 -0.57 29.10
CA GLY A 122 -15.07 -0.81 29.70
C GLY A 122 -14.05 -1.31 28.72
N SER A 123 -12.83 -1.46 29.24
CA SER A 123 -11.69 -1.84 28.44
C SER A 123 -11.67 -3.35 28.25
N PHE A 124 -10.78 -3.80 27.37
CA PHE A 124 -10.54 -5.22 27.19
C PHE A 124 -10.00 -5.86 28.47
N ALA A 125 -9.20 -5.12 29.24
CA ALA A 125 -8.70 -5.63 30.51
C ALA A 125 -9.80 -5.70 31.55
N GLU A 126 -10.70 -4.71 31.59
CA GLU A 126 -11.84 -4.79 32.50
C GLU A 126 -12.75 -5.95 32.11
N ASN A 127 -12.89 -6.21 30.82
CA ASN A 127 -13.69 -7.34 30.38
C ASN A 127 -13.05 -8.67 30.75
N LEU A 128 -11.72 -8.76 30.69
CA LEU A 128 -11.06 -10.00 31.09
C LEU A 128 -11.16 -10.23 32.58
N ALA A 129 -11.06 -9.15 33.36
CA ALA A 129 -11.19 -9.25 34.81
C ALA A 129 -12.60 -9.61 35.19
N PHE A 130 -13.58 -9.02 34.52
CA PHE A 130 -14.98 -9.35 34.80
C PHE A 130 -15.36 -10.76 34.37
N LEU A 131 -14.75 -11.27 33.30
CA LEU A 131 -15.08 -12.64 32.89
C LEU A 131 -14.51 -13.64 33.87
N LEU A 132 -13.24 -13.44 34.26
CA LEU A 132 -12.66 -14.33 35.25
C LEU A 132 -13.32 -14.18 36.61
N GLN A 133 -13.84 -13.00 36.95
CA GLN A 133 -14.52 -12.88 38.24
C GLN A 133 -15.90 -13.51 38.22
N CYS A 134 -16.64 -13.44 37.11
CA CYS A 134 -17.89 -14.17 37.04
C CYS A 134 -17.68 -15.68 37.03
N LEU A 135 -16.57 -16.15 36.44
CA LEU A 135 -16.32 -17.60 36.46
C LEU A 135 -15.82 -18.06 37.83
N LYS A 136 -14.99 -17.25 38.48
CA LYS A 136 -14.52 -17.55 39.84
C LYS A 136 -15.63 -17.43 40.87
N ALA A 137 -16.65 -16.62 40.60
CA ALA A 137 -17.74 -16.42 41.54
C ALA A 137 -18.65 -17.65 41.64
N GLY A 138 -18.58 -18.55 40.67
CA GLY A 138 -19.46 -19.70 40.65
C GLY A 138 -18.91 -20.88 41.42
N GLY A 139 -19.59 -21.99 41.27
CA GLY A 139 -19.25 -23.25 41.91
C GLY A 139 -20.10 -24.30 41.25
N LYS A 140 -20.43 -25.37 41.96
CA LYS A 140 -21.33 -26.37 41.39
C LYS A 140 -22.76 -25.86 41.29
N HIS A 141 -23.11 -24.81 42.03
CA HIS A 141 -24.44 -24.24 41.97
C HIS A 141 -24.66 -23.32 40.78
N SER A 142 -23.60 -22.97 40.04
CA SER A 142 -23.76 -22.05 38.93
C SER A 142 -24.09 -22.80 37.65
N LYS A 143 -24.65 -22.07 36.69
CA LYS A 143 -24.98 -22.62 35.38
C LYS A 143 -23.71 -23.03 34.63
N SER A 144 -23.79 -24.16 33.95
CA SER A 144 -22.64 -24.64 33.18
C SER A 144 -22.54 -23.94 31.84
N VAL A 145 -21.39 -23.36 31.55
CA VAL A 145 -21.10 -22.84 30.22
C VAL A 145 -20.59 -23.99 29.36
N ILE A 146 -20.91 -23.96 28.06
CA ILE A 146 -20.30 -24.88 27.10
C ILE A 146 -19.71 -24.04 25.99
N PHE A 147 -18.39 -23.86 25.99
CA PHE A 147 -17.72 -23.21 24.89
C PHE A 147 -17.53 -24.17 23.74
N ILE A 148 -17.75 -23.66 22.52
CA ILE A 148 -17.56 -24.42 21.29
C ILE A 148 -16.68 -23.53 20.43
N LEU A 149 -15.38 -23.82 20.39
CA LEU A 149 -14.40 -23.00 19.67
C LEU A 149 -14.17 -23.67 18.33
N GLU A 150 -14.96 -23.29 17.33
CA GLU A 150 -14.69 -23.77 16.00
C GLU A 150 -13.49 -23.08 15.38
N GLU A 151 -12.79 -23.80 14.51
CA GLU A 151 -11.47 -23.43 13.98
C GLU A 151 -10.48 -23.07 15.08
N PHE A 152 -10.19 -24.07 15.90
CA PHE A 152 -9.34 -23.92 17.07
C PHE A 152 -7.91 -23.57 16.71
N ASP A 153 -7.43 -24.00 15.53
CA ASP A 153 -6.05 -23.71 15.14
C ASP A 153 -5.77 -22.23 14.91
N LEU A 154 -6.75 -21.47 14.43
CA LEU A 154 -6.57 -20.01 14.36
C LEU A 154 -6.60 -19.39 15.75
N PHE A 155 -7.32 -20.00 16.70
CA PHE A 155 -7.25 -19.52 18.07
C PHE A 155 -5.88 -19.81 18.66
N CYS A 156 -5.21 -20.82 18.15
CA CYS A 156 -3.83 -21.04 18.56
C CYS A 156 -2.91 -19.96 17.99
N ALA A 157 -3.35 -19.24 16.95
CA ALA A 157 -2.49 -18.24 16.35
C ALA A 157 -2.54 -16.89 17.05
N HIS A 158 -3.45 -16.70 18.01
CA HIS A 158 -3.56 -15.41 18.67
C HIS A 158 -2.36 -15.19 19.60
N HIS A 159 -2.18 -13.95 20.02
CA HIS A 159 -1.05 -13.61 20.86
C HIS A 159 -1.11 -14.34 22.20
N ASN A 160 0.03 -14.93 22.57
CA ASN A 160 0.23 -15.74 23.76
C ASN A 160 -0.69 -16.95 23.93
N GLN A 161 -1.59 -17.19 22.97
CA GLN A 161 -2.77 -18.04 23.10
C GLN A 161 -3.59 -17.71 24.34
N THR A 162 -3.65 -16.42 24.70
CA THR A 162 -4.01 -16.08 26.09
C THR A 162 -5.45 -16.43 26.44
N LEU A 163 -6.39 -16.25 25.49
CA LEU A 163 -7.79 -16.63 25.74
C LEU A 163 -7.93 -18.13 25.97
N LEU A 164 -7.17 -18.92 25.21
CA LEU A 164 -7.20 -20.37 25.39
C LEU A 164 -6.70 -20.76 26.77
N TYR A 165 -5.71 -20.00 27.29
CA TYR A 165 -5.17 -20.30 28.60
C TYR A 165 -6.22 -20.06 29.68
N ASN A 166 -7.15 -19.14 29.44
CA ASN A 166 -8.21 -19.01 30.42
C ASN A 166 -9.19 -20.14 30.29
N LEU A 167 -9.57 -20.48 29.06
CA LEU A 167 -10.68 -21.41 28.87
C LEU A 167 -10.35 -22.82 29.28
N PHE A 168 -9.07 -23.17 29.31
CA PHE A 168 -8.71 -24.45 29.89
C PHE A 168 -8.56 -24.36 31.40
N ASP A 169 -8.04 -23.24 31.92
CA ASP A 169 -7.66 -23.18 33.34
C ASP A 169 -8.86 -23.23 34.27
N VAL A 170 -9.99 -22.65 33.85
CA VAL A 170 -11.22 -22.77 34.63
C VAL A 170 -11.68 -24.22 34.67
N SER A 171 -11.46 -24.95 33.56
CA SER A 171 -11.69 -26.38 33.52
C SER A 171 -10.75 -27.14 34.45
N GLN A 172 -9.59 -26.56 34.75
CA GLN A 172 -8.66 -27.17 35.69
C GLN A 172 -8.89 -26.71 37.12
N SER A 173 -9.87 -25.85 37.37
CA SER A 173 -10.04 -25.29 38.70
C SER A 173 -11.44 -25.54 39.23
N ALA A 174 -11.57 -25.44 40.55
CA ALA A 174 -12.85 -25.65 41.23
C ALA A 174 -13.69 -24.38 41.14
N GLN A 175 -14.21 -24.14 39.93
CA GLN A 175 -15.03 -22.97 39.68
C GLN A 175 -16.33 -23.35 38.96
N ALA A 176 -16.70 -22.57 37.96
CA ALA A 176 -17.88 -22.88 37.17
C ALA A 176 -17.61 -24.10 36.29
N PRO A 177 -18.59 -24.98 36.11
CA PRO A 177 -18.38 -26.15 35.25
C PRO A 177 -18.47 -25.83 33.76
N ILE A 178 -17.36 -25.44 33.15
CA ILE A 178 -17.35 -25.14 31.72
C ILE A 178 -16.87 -26.35 30.93
N CYS A 179 -17.25 -26.39 29.65
CA CYS A 179 -16.80 -27.42 28.71
C CYS A 179 -16.33 -26.79 27.42
N VAL A 180 -15.13 -27.17 26.98
CA VAL A 180 -14.49 -26.58 25.81
C VAL A 180 -14.39 -27.62 24.71
N LEU A 181 -15.22 -27.50 23.68
CA LEU A 181 -15.21 -28.39 22.51
C LEU A 181 -14.46 -27.67 21.40
N GLY A 182 -13.14 -27.82 21.36
CA GLY A 182 -12.39 -27.40 20.20
C GLY A 182 -12.72 -28.25 19.00
N VAL A 183 -12.87 -27.60 17.85
CA VAL A 183 -13.16 -28.25 16.58
C VAL A 183 -12.19 -27.72 15.55
N THR A 184 -11.40 -28.61 14.95
CA THR A 184 -10.40 -28.11 14.02
C THR A 184 -10.10 -29.15 12.96
N CYS A 185 -9.55 -28.69 11.85
CA CYS A 185 -9.24 -29.57 10.73
C CYS A 185 -7.83 -30.14 10.77
N ARG A 186 -6.88 -29.44 11.38
CA ARG A 186 -5.49 -29.91 11.42
C ARG A 186 -5.37 -31.14 12.31
N LEU A 187 -4.60 -32.12 11.85
CA LEU A 187 -4.42 -33.35 12.61
C LEU A 187 -3.41 -33.23 13.74
N ASP A 188 -2.63 -32.16 13.80
CA ASP A 188 -1.61 -32.03 14.83
C ASP A 188 -1.75 -30.68 15.51
N VAL A 189 -2.98 -30.34 15.88
CA VAL A 189 -3.17 -29.08 16.58
C VAL A 189 -2.63 -29.19 18.01
N ILE A 190 -2.52 -30.41 18.56
CA ILE A 190 -2.08 -30.48 19.95
C ILE A 190 -0.58 -30.23 20.03
N GLU A 191 0.13 -30.35 18.92
CA GLU A 191 1.53 -29.96 18.87
C GLU A 191 1.69 -28.48 18.57
N LEU A 192 0.62 -27.80 18.15
CA LEU A 192 0.62 -26.35 17.99
C LEU A 192 0.54 -25.60 19.32
N LEU A 193 0.07 -26.25 20.38
CA LEU A 193 -0.16 -25.56 21.64
C LEU A 193 1.13 -25.24 22.38
N GLU A 194 1.08 -24.16 23.16
CA GLU A 194 2.11 -23.82 24.11
C GLU A 194 2.07 -24.81 25.27
N LYS A 195 3.22 -24.95 25.94
CA LYS A 195 3.40 -25.99 26.95
C LYS A 195 2.48 -25.85 28.16
N ARG A 196 2.11 -24.62 28.54
CA ARG A 196 1.10 -24.47 29.58
C ARG A 196 -0.28 -24.88 29.08
N VAL A 197 -0.63 -24.50 27.85
CA VAL A 197 -1.91 -24.89 27.30
C VAL A 197 -1.95 -26.39 27.02
N LYS A 198 -0.81 -26.94 26.59
CA LYS A 198 -0.73 -28.38 26.36
C LYS A 198 -0.81 -29.18 27.65
N SER A 199 -0.31 -28.65 28.77
CA SER A 199 -0.44 -29.40 30.01
C SER A 199 -1.88 -29.35 30.53
N ARG A 200 -2.51 -28.18 30.45
CA ARG A 200 -3.89 -28.03 30.90
C ARG A 200 -4.93 -28.56 29.93
N PHE A 201 -4.57 -28.85 28.69
CA PHE A 201 -5.50 -29.55 27.83
C PHE A 201 -5.69 -30.99 28.29
N SER A 202 -6.93 -31.45 28.26
CA SER A 202 -7.22 -32.87 28.40
C SER A 202 -7.15 -33.51 27.02
N HIS A 203 -6.32 -34.55 26.88
CA HIS A 203 -5.87 -34.98 25.58
C HIS A 203 -6.83 -35.93 24.88
N ARG A 204 -8.07 -36.04 25.35
CA ARG A 204 -9.06 -36.81 24.60
C ARG A 204 -9.39 -36.14 23.27
N GLN A 205 -9.49 -36.96 22.23
CA GLN A 205 -9.53 -36.49 20.85
C GLN A 205 -10.45 -37.37 20.04
N VAL A 206 -11.60 -36.84 19.65
CA VAL A 206 -12.55 -37.59 18.84
C VAL A 206 -12.20 -37.33 17.38
N PHE A 207 -11.92 -38.39 16.63
CA PHE A 207 -11.58 -38.29 15.22
C PHE A 207 -12.81 -38.59 14.36
N LEU A 208 -12.99 -37.81 13.30
CA LEU A 208 -14.16 -37.98 12.46
C LEU A 208 -13.80 -38.25 10.99
N PHE A 209 -13.14 -39.36 10.73
CA PHE A 209 -12.90 -39.78 9.35
C PHE A 209 -14.17 -40.31 8.69
N PRO A 210 -14.36 -40.02 7.39
CA PRO A 210 -15.53 -40.55 6.67
C PRO A 210 -15.50 -42.08 6.57
N SER A 211 -16.69 -42.66 6.62
CA SER A 211 -16.88 -44.10 6.70
C SER A 211 -17.17 -44.73 5.34
N LEU A 212 -16.81 -44.07 4.25
CA LEU A 212 -17.20 -44.47 2.92
C LEU A 212 -16.04 -44.55 1.93
N ARG A 213 -14.90 -45.05 2.41
CA ARG A 213 -13.74 -45.26 1.54
C ARG A 213 -13.98 -46.33 0.49
N ARG A 214 -14.78 -47.34 0.79
CA ARG A 214 -15.15 -48.29 -0.25
C ARG A 214 -16.27 -47.72 -1.11
N PHE A 215 -16.25 -48.10 -2.39
CA PHE A 215 -17.07 -47.43 -3.41
C PHE A 215 -18.56 -47.71 -3.27
N GLU A 216 -18.92 -48.88 -2.74
CA GLU A 216 -20.33 -49.21 -2.63
C GLU A 216 -21.03 -48.31 -1.62
N ASP A 217 -20.31 -47.93 -0.56
CA ASP A 217 -20.83 -46.95 0.39
C ASP A 217 -20.99 -45.57 -0.25
N TYR A 218 -20.11 -45.21 -1.18
CA TYR A 218 -20.27 -43.92 -1.86
C TYR A 218 -21.51 -43.90 -2.75
N VAL A 219 -21.76 -45.01 -3.44
CA VAL A 219 -22.98 -45.10 -4.24
C VAL A 219 -24.21 -45.15 -3.35
N ASP A 220 -24.09 -45.81 -2.20
CA ASP A 220 -25.19 -45.86 -1.24
C ASP A 220 -25.47 -44.49 -0.64
N LEU A 221 -24.43 -43.69 -0.41
CA LEU A 221 -24.64 -42.34 0.12
C LEU A 221 -25.30 -41.46 -0.93
N CYS A 222 -24.88 -41.59 -2.19
CA CYS A 222 -25.54 -40.82 -3.26
C CYS A 222 -26.99 -41.26 -3.46
N ARG A 223 -27.28 -42.52 -3.16
CA ARG A 223 -28.65 -43.00 -3.25
C ARG A 223 -29.48 -42.48 -2.10
N ASP A 224 -28.93 -42.50 -0.89
CA ASP A 224 -29.67 -41.96 0.24
C ASP A 224 -29.83 -40.45 0.13
N LEU A 225 -28.88 -39.78 -0.51
CA LEU A 225 -28.99 -38.34 -0.68
C LEU A 225 -29.99 -38.00 -1.75
N LEU A 226 -30.27 -38.94 -2.65
CA LEU A 226 -31.21 -38.66 -3.72
C LEU A 226 -32.58 -39.26 -3.50
N SER A 227 -32.71 -40.29 -2.66
CA SER A 227 -34.00 -40.92 -2.52
C SER A 227 -34.93 -40.04 -1.69
N LEU A 228 -36.22 -40.14 -1.99
CA LEU A 228 -37.22 -39.43 -1.21
C LEU A 228 -37.70 -40.25 -0.03
N PRO A 229 -37.55 -39.76 1.20
CA PRO A 229 -37.96 -40.55 2.36
C PRO A 229 -39.48 -40.66 2.44
N THR A 230 -39.91 -41.72 3.12
CA THR A 230 -41.33 -41.97 3.36
C THR A 230 -41.90 -40.84 4.21
N GLY A 231 -43.19 -40.53 3.99
CA GLY A 231 -43.79 -39.34 4.58
C GLY A 231 -43.89 -39.36 6.09
N ASN A 232 -43.99 -40.54 6.70
CA ASN A 232 -43.93 -40.61 8.15
C ASN A 232 -42.56 -40.20 8.70
N SER A 233 -41.48 -40.49 7.98
CA SER A 233 -40.19 -39.95 8.37
C SER A 233 -40.13 -38.43 8.22
N LEU A 234 -40.83 -37.88 7.23
CA LEU A 234 -40.93 -36.42 7.11
C LEU A 234 -41.71 -35.82 8.25
N LEU A 235 -42.74 -36.53 8.72
CA LEU A 235 -43.52 -36.04 9.87
C LEU A 235 -42.71 -36.09 11.16
N LEU A 236 -41.93 -37.16 11.36
CA LEU A 236 -41.10 -37.25 12.55
C LEU A 236 -40.01 -36.17 12.52
N ALA A 237 -39.48 -35.88 11.33
CA ALA A 237 -38.48 -34.84 11.21
C ALA A 237 -39.10 -33.47 11.47
N ALA A 238 -40.34 -33.25 10.99
CA ALA A 238 -41.02 -31.99 11.25
C ALA A 238 -41.36 -31.83 12.73
N GLU A 239 -41.64 -32.92 13.43
CA GLU A 239 -41.89 -32.84 14.86
C GLU A 239 -40.62 -32.49 15.61
N LYS A 240 -39.49 -33.09 15.22
CA LYS A 240 -38.24 -32.76 15.89
C LYS A 240 -37.79 -31.33 15.58
N ILE A 241 -38.01 -30.84 14.36
CA ILE A 241 -37.64 -29.45 14.06
C ILE A 241 -38.54 -28.45 14.79
N TYR A 242 -39.84 -28.77 14.94
CA TYR A 242 -40.68 -27.90 15.73
C TYR A 242 -40.29 -27.94 17.21
N ASN A 243 -39.81 -29.08 17.69
CA ASN A 243 -39.35 -29.16 19.07
C ASN A 243 -38.08 -28.35 19.28
N LEU A 244 -37.16 -28.37 18.31
CA LEU A 244 -35.97 -27.54 18.48
C LEU A 244 -36.23 -26.06 18.19
N GLN A 245 -37.33 -25.72 17.52
CA GLN A 245 -37.69 -24.31 17.39
C GLN A 245 -38.56 -23.81 18.53
N ASN A 246 -39.13 -24.71 19.34
CA ASN A 246 -39.92 -24.27 20.50
C ASN A 246 -39.06 -23.61 21.56
N ILE A 247 -37.78 -23.92 21.63
CA ILE A 247 -36.91 -23.37 22.64
C ILE A 247 -36.54 -21.93 22.30
N TYR A 253 -28.84 -18.15 16.31
CA TYR A 253 -28.89 -19.60 16.18
C TYR A 253 -29.47 -19.95 14.82
N PHE A 254 -29.04 -21.09 14.28
CA PHE A 254 -29.40 -21.52 12.93
C PHE A 254 -30.82 -22.10 12.82
N SER A 255 -31.44 -22.39 13.95
CA SER A 255 -32.67 -23.16 14.03
C SER A 255 -33.86 -22.54 13.32
N ARG A 256 -33.88 -21.21 13.13
CA ARG A 256 -35.02 -20.61 12.43
C ARG A 256 -35.08 -21.01 10.96
N ASN A 257 -33.96 -21.34 10.32
CA ASN A 257 -34.15 -21.64 8.91
C ASN A 257 -34.28 -23.15 8.83
N HIS A 258 -33.14 -23.83 8.71
CA HIS A 258 -33.01 -25.28 8.61
C HIS A 258 -33.83 -25.87 7.47
N PHE A 259 -34.02 -27.20 7.48
CA PHE A 259 -34.71 -27.89 6.41
C PHE A 259 -36.21 -27.56 6.39
N ASP A 260 -36.89 -27.74 7.53
CA ASP A 260 -38.34 -27.60 7.73
C ASP A 260 -39.11 -28.44 6.71
N PRO A 261 -39.18 -29.76 6.92
CA PRO A 261 -39.76 -30.64 5.92
C PRO A 261 -41.27 -30.79 5.96
N GLY A 262 -41.99 -30.05 6.78
CA GLY A 262 -43.43 -30.23 6.78
C GLY A 262 -44.15 -29.57 5.63
N GLU A 263 -43.47 -28.68 4.91
CA GLU A 263 -44.03 -28.05 3.71
C GLU A 263 -44.21 -29.03 2.56
N TYR A 264 -43.43 -30.10 2.53
CA TYR A 264 -43.44 -31.03 1.42
C TYR A 264 -44.17 -32.31 1.81
N GLY A 265 -45.02 -32.77 0.91
CA GLY A 265 -45.82 -33.97 1.09
C GLY A 265 -46.07 -34.67 -0.23
N PHE A 266 -45.15 -35.53 -0.64
CA PHE A 266 -45.21 -36.10 -1.97
C PHE A 266 -46.29 -37.15 -2.05
N SER A 267 -46.87 -37.32 -3.24
CA SER A 267 -47.81 -38.42 -3.44
C SER A 267 -47.03 -39.73 -3.47
N PRO A 268 -47.64 -40.84 -3.01
CA PRO A 268 -46.94 -42.13 -3.04
C PRO A 268 -46.49 -42.59 -4.42
N ARG A 269 -47.26 -42.29 -5.47
CA ARG A 269 -46.87 -42.67 -6.82
C ARG A 269 -45.65 -41.88 -7.28
N LEU A 270 -45.53 -40.63 -6.84
CA LEU A 270 -44.41 -39.80 -7.22
C LEU A 270 -43.13 -40.28 -6.56
N ARG A 271 -43.21 -40.62 -5.28
CA ARG A 271 -42.07 -41.16 -4.56
C ARG A 271 -41.66 -42.51 -5.14
N ASP A 272 -42.64 -43.30 -5.57
CA ASP A 272 -42.30 -44.60 -6.13
C ASP A 272 -41.62 -44.50 -7.48
N ALA A 273 -42.12 -43.62 -8.36
CA ALA A 273 -41.47 -43.42 -9.65
C ALA A 273 -40.10 -42.78 -9.52
N TRP A 274 -39.92 -41.86 -8.57
CA TRP A 274 -38.63 -41.23 -8.40
C TRP A 274 -37.60 -42.18 -7.80
N ASN A 275 -38.00 -42.97 -6.81
CA ASN A 275 -37.07 -43.94 -6.26
C ASN A 275 -36.73 -45.04 -7.25
N LYS A 276 -37.68 -45.41 -8.12
CA LYS A 276 -37.41 -46.38 -9.16
C LYS A 276 -36.42 -45.84 -10.17
N GLN A 277 -36.60 -44.58 -10.56
CA GLN A 277 -35.67 -43.94 -11.49
C GLN A 277 -34.29 -43.75 -10.88
N ILE A 278 -34.22 -43.49 -9.57
CA ILE A 278 -32.93 -43.31 -8.92
C ILE A 278 -32.16 -44.62 -8.82
N CYS A 279 -32.82 -45.72 -8.42
CA CYS A 279 -32.13 -47.00 -8.38
C CYS A 279 -31.77 -47.52 -9.78
N LYS A 280 -32.60 -47.23 -10.78
CA LYS A 280 -32.31 -47.67 -12.13
C LYS A 280 -31.14 -46.90 -12.73
N VAL A 281 -31.06 -45.59 -12.45
CA VAL A 281 -29.92 -44.81 -12.93
C VAL A 281 -28.64 -45.24 -12.24
N LEU A 282 -28.72 -45.55 -10.94
CA LEU A 282 -27.51 -45.98 -10.26
C LEU A 282 -27.15 -47.44 -10.55
N ALA A 283 -28.04 -48.21 -11.15
CA ALA A 283 -27.63 -49.52 -11.65
C ALA A 283 -26.76 -49.49 -12.91
N THR A 284 -26.80 -48.41 -13.68
CA THR A 284 -26.09 -48.39 -14.97
C THR A 284 -24.59 -48.25 -14.78
N GLN A 285 -23.83 -48.81 -15.73
CA GLN A 285 -22.37 -48.75 -15.66
C GLN A 285 -21.84 -47.33 -15.90
N GLN A 286 -22.55 -46.48 -16.64
CA GLN A 286 -22.03 -45.16 -16.94
C GLN A 286 -22.11 -44.25 -15.72
N ALA A 287 -23.23 -44.28 -15.01
CA ALA A 287 -23.36 -43.52 -13.77
C ALA A 287 -22.40 -44.05 -12.72
N ARG A 288 -22.18 -45.35 -12.71
CA ARG A 288 -21.17 -45.91 -11.83
C ARG A 288 -19.77 -45.45 -12.23
N SER A 289 -19.52 -45.24 -13.52
CA SER A 289 -18.21 -44.73 -13.93
C SER A 289 -18.02 -43.27 -13.52
N THR A 290 -19.06 -42.45 -13.62
CA THR A 290 -18.95 -41.06 -13.19
C THR A 290 -18.75 -40.94 -11.69
N LEU A 291 -19.51 -41.73 -10.92
CA LEU A 291 -19.31 -41.77 -9.48
C LEU A 291 -17.97 -42.40 -9.14
N GLN A 292 -17.47 -43.30 -9.99
CA GLN A 292 -16.15 -43.86 -9.80
C GLN A 292 -15.07 -42.79 -9.97
N ALA A 293 -15.28 -41.87 -10.91
CA ALA A 293 -14.31 -40.79 -11.08
C ALA A 293 -14.34 -39.83 -9.90
N LEU A 294 -15.54 -39.44 -9.45
CA LEU A 294 -15.63 -38.56 -8.27
C LEU A 294 -15.15 -39.23 -6.99
N HIS A 295 -15.37 -40.54 -6.85
CA HIS A 295 -14.88 -41.25 -5.68
C HIS A 295 -13.39 -41.45 -5.72
N ASP A 296 -12.82 -41.60 -6.92
CA ASP A 296 -11.38 -41.65 -7.06
C ASP A 296 -10.77 -40.31 -6.69
N PHE A 297 -11.46 -39.23 -7.03
CA PHE A 297 -10.92 -37.90 -6.74
C PHE A 297 -11.04 -37.50 -5.28
N ASP A 298 -12.25 -37.22 -4.81
CA ASP A 298 -12.44 -36.77 -3.44
C ASP A 298 -13.65 -37.44 -2.84
N ILE A 299 -13.44 -38.15 -1.73
CA ILE A 299 -14.52 -38.92 -1.13
C ILE A 299 -15.45 -38.10 -0.26
N SER A 300 -15.09 -36.86 0.05
CA SER A 300 -15.82 -36.05 1.04
C SER A 300 -17.22 -35.73 0.57
N GLU A 301 -18.14 -35.66 1.53
CA GLU A 301 -19.56 -35.51 1.22
C GLU A 301 -19.88 -34.16 0.61
N ALA A 302 -19.07 -33.14 0.89
CA ALA A 302 -19.29 -31.84 0.28
C ALA A 302 -19.07 -31.85 -1.23
N TYR A 303 -18.14 -32.66 -1.72
CA TYR A 303 -17.92 -32.77 -3.16
C TYR A 303 -19.10 -33.40 -3.85
N LEU A 304 -19.63 -34.49 -3.27
CA LEU A 304 -20.79 -35.14 -3.83
C LEU A 304 -22.02 -34.26 -3.72
N LYS A 305 -22.13 -33.46 -2.64
CA LYS A 305 -23.25 -32.54 -2.54
C LYS A 305 -23.16 -31.42 -3.56
N ASN A 306 -21.94 -30.99 -3.89
CA ASN A 306 -21.77 -30.00 -4.94
C ASN A 306 -22.14 -30.56 -6.31
N PHE A 307 -21.73 -31.80 -6.59
CA PHE A 307 -22.08 -32.43 -7.85
C PHE A 307 -23.57 -32.70 -7.95
N LEU A 308 -24.18 -33.13 -6.85
CA LEU A 308 -25.61 -33.38 -6.85
C LEU A 308 -26.39 -32.08 -6.95
N PHE A 309 -25.85 -30.98 -6.43
CA PHE A 309 -26.55 -29.72 -6.62
C PHE A 309 -26.51 -29.26 -8.06
N ARG A 310 -25.37 -29.45 -8.74
CA ARG A 310 -25.33 -29.11 -10.16
C ARG A 310 -26.21 -30.03 -11.00
N LEU A 311 -26.42 -31.27 -10.54
CA LEU A 311 -27.26 -32.20 -11.28
C LEU A 311 -28.75 -31.93 -11.02
N VAL A 312 -29.14 -31.63 -9.78
CA VAL A 312 -30.53 -31.33 -9.45
C VAL A 312 -30.92 -29.99 -10.05
N ALA A 313 -29.95 -29.10 -10.27
CA ALA A 313 -30.24 -27.80 -10.86
C ALA A 313 -30.75 -27.89 -12.29
N HIS A 314 -30.50 -29.00 -13.00
CA HIS A 314 -30.88 -29.09 -14.40
C HIS A 314 -32.31 -29.57 -14.63
N LEU A 315 -33.07 -29.91 -13.59
CA LEU A 315 -34.39 -30.49 -13.81
C LEU A 315 -35.39 -29.42 -14.23
N ARG A 316 -35.36 -29.12 -15.52
CA ARG A 316 -36.39 -28.31 -16.11
C ARG A 316 -37.66 -29.16 -16.29
N PRO A 317 -38.83 -28.53 -16.30
CA PRO A 317 -40.08 -29.27 -16.53
C PRO A 317 -40.15 -30.01 -17.85
N GLN A 318 -39.49 -29.49 -18.88
CA GLN A 318 -39.44 -30.18 -20.18
C GLN A 318 -38.67 -31.50 -20.09
N SER A 319 -37.72 -31.64 -19.15
CA SER A 319 -36.95 -32.86 -18.99
C SER A 319 -36.93 -33.26 -17.52
N PRO A 320 -38.05 -33.80 -17.02
CA PRO A 320 -38.16 -34.13 -15.58
C PRO A 320 -37.17 -35.16 -15.03
N HIS A 321 -36.76 -36.14 -15.81
CA HIS A 321 -36.08 -37.31 -15.26
C HIS A 321 -34.57 -37.14 -15.20
N ILE A 322 -33.97 -37.63 -14.11
CA ILE A 322 -32.53 -37.87 -14.12
C ILE A 322 -32.22 -39.01 -15.07
N THR A 323 -31.15 -38.86 -15.84
CA THR A 323 -30.71 -39.88 -16.78
C THR A 323 -29.19 -39.99 -16.68
N ALA A 324 -28.66 -41.10 -17.20
CA ALA A 324 -27.23 -41.34 -17.13
C ALA A 324 -26.43 -40.32 -17.94
N GLU A 325 -27.01 -39.80 -19.03
CA GLU A 325 -26.31 -38.77 -19.79
C GLU A 325 -26.17 -37.46 -19.01
N LYS A 326 -27.12 -37.15 -18.11
CA LYS A 326 -26.95 -35.96 -17.30
C LYS A 326 -25.82 -36.11 -16.30
N MET A 327 -25.72 -37.27 -15.66
CA MET A 327 -24.59 -37.49 -14.75
C MET A 327 -23.27 -37.52 -15.50
N ALA A 328 -23.26 -38.05 -16.72
CA ALA A 328 -22.05 -37.98 -17.52
C ALA A 328 -21.71 -36.55 -17.94
N ALA A 329 -22.71 -35.72 -18.18
CA ALA A 329 -22.43 -34.33 -18.57
C ALA A 329 -21.91 -33.49 -17.40
N VAL A 330 -22.54 -33.61 -16.22
CA VAL A 330 -22.03 -32.90 -15.06
C VAL A 330 -20.68 -33.45 -14.60
N GLY A 331 -20.45 -34.75 -14.79
CA GLY A 331 -19.15 -35.29 -14.45
C GLY A 331 -18.08 -34.85 -15.43
N SER A 332 -18.45 -34.66 -16.69
CA SER A 332 -17.54 -34.04 -17.65
C SER A 332 -17.28 -32.58 -17.32
N GLN A 333 -18.27 -31.89 -16.74
CA GLN A 333 -18.02 -30.54 -16.24
C GLN A 333 -17.06 -30.56 -15.07
N PHE A 334 -17.11 -31.61 -14.24
CA PHE A 334 -16.23 -31.67 -13.09
C PHE A 334 -14.83 -32.03 -13.51
N GLU A 335 -14.71 -32.99 -14.42
CA GLU A 335 -13.44 -33.60 -14.75
C GLU A 335 -12.62 -32.77 -15.72
N GLY A 336 -13.23 -31.74 -16.32
CA GLY A 336 -12.54 -30.96 -17.33
C GLY A 336 -11.48 -30.04 -16.76
N ASP A 337 -10.37 -29.94 -17.48
CA ASP A 337 -9.36 -28.94 -17.15
C ASP A 337 -9.89 -27.55 -17.49
N ASP A 338 -9.59 -26.59 -16.63
CA ASP A 338 -10.06 -25.23 -16.85
C ASP A 338 -9.07 -24.32 -17.57
N LYS A 339 -7.77 -24.58 -17.48
CA LYS A 339 -6.81 -23.76 -18.21
C LYS A 339 -6.87 -23.95 -19.72
N ILE A 340 -7.23 -25.15 -20.17
CA ILE A 340 -7.36 -25.38 -21.61
C ILE A 340 -8.52 -24.60 -22.17
N GLU A 341 -9.59 -24.42 -21.40
CA GLU A 341 -10.71 -23.61 -21.88
C GLU A 341 -10.35 -22.13 -21.92
N LEU A 342 -9.38 -21.68 -21.12
CA LEU A 342 -8.89 -20.31 -21.25
C LEU A 342 -7.90 -20.17 -22.39
N LEU A 343 -7.07 -21.18 -22.63
CA LEU A 343 -6.16 -21.14 -23.77
C LEU A 343 -6.89 -21.18 -25.09
N CYS A 344 -8.04 -21.86 -25.15
CA CYS A 344 -8.84 -21.88 -26.37
C CYS A 344 -9.46 -20.53 -26.69
N GLY A 345 -9.66 -19.68 -25.69
CA GLY A 345 -10.24 -18.37 -25.91
C GLY A 345 -9.29 -17.30 -26.39
N LEU A 346 -7.98 -17.56 -26.39
CA LEU A 346 -7.02 -16.56 -26.82
C LEU A 346 -7.04 -16.34 -28.32
N SER A 347 -6.64 -15.14 -28.73
CA SER A 347 -6.44 -14.89 -30.14
C SER A 347 -5.13 -15.52 -30.62
N VAL A 348 -4.95 -15.51 -31.93
CA VAL A 348 -3.87 -16.25 -32.57
C VAL A 348 -2.49 -15.70 -32.23
N LEU A 349 -2.42 -14.39 -31.93
CA LEU A 349 -1.15 -13.77 -31.60
C LEU A 349 -0.62 -14.23 -30.24
N GLU A 350 -1.46 -14.23 -29.21
CA GLU A 350 -1.02 -14.73 -27.92
C GLU A 350 -0.73 -16.22 -27.96
N LEU A 351 -1.44 -16.98 -28.79
CA LEU A 351 -1.16 -18.40 -28.90
C LEU A 351 0.18 -18.66 -29.59
N CYS A 352 0.53 -17.82 -30.58
CA CYS A 352 1.85 -17.90 -31.19
C CYS A 352 2.94 -17.54 -30.20
N LEU A 353 2.64 -16.59 -29.31
CA LEU A 353 3.60 -16.22 -28.28
C LEU A 353 3.81 -17.35 -27.28
N ILE A 354 2.73 -18.04 -26.92
CA ILE A 354 2.85 -19.19 -26.01
C ILE A 354 3.58 -20.36 -26.65
N ILE A 355 3.42 -20.56 -27.96
CA ILE A 355 4.17 -21.60 -28.65
C ILE A 355 5.66 -21.25 -28.71
N ALA A 356 5.98 -19.95 -28.88
CA ALA A 356 7.38 -19.52 -28.82
C ALA A 356 7.98 -19.69 -27.43
N ILE A 357 7.16 -19.46 -26.40
CA ILE A 357 7.62 -19.68 -25.03
C ILE A 357 7.86 -21.16 -24.78
N LYS A 358 6.99 -22.01 -25.35
CA LYS A 358 7.16 -23.46 -25.22
C LYS A 358 8.41 -23.96 -25.94
N HIS A 359 8.74 -23.37 -27.08
CA HIS A 359 9.96 -23.75 -27.78
C HIS A 359 11.20 -23.31 -27.02
N HIS A 360 11.18 -22.09 -26.48
CA HIS A 360 12.31 -21.60 -25.70
C HIS A 360 12.47 -22.39 -24.41
N SER A 361 11.36 -22.87 -23.84
CA SER A 361 11.44 -23.66 -22.62
C SER A 361 11.88 -25.09 -22.89
N GLN A 362 11.45 -25.66 -24.03
CA GLN A 362 11.91 -27.00 -24.38
C GLN A 362 13.39 -27.01 -24.73
N ILE A 363 13.91 -25.92 -25.28
CA ILE A 363 15.32 -25.92 -25.64
C ILE A 363 16.18 -25.69 -24.40
N TYR A 364 15.84 -24.70 -23.58
CA TYR A 364 16.68 -24.31 -22.46
C TYR A 364 16.28 -24.95 -21.13
N ASP A 365 15.32 -25.88 -21.15
CA ASP A 365 14.91 -26.67 -19.98
C ASP A 365 14.42 -25.80 -18.82
N ARG A 366 13.28 -25.13 -19.07
CA ARG A 366 12.58 -24.26 -18.11
C ARG A 366 13.45 -23.12 -17.62
N ASP A 367 14.34 -22.60 -18.47
CA ASP A 367 15.01 -21.37 -18.12
C ASP A 367 14.05 -20.19 -18.21
N SER A 368 14.30 -19.20 -17.37
CA SER A 368 13.45 -18.01 -17.32
C SER A 368 13.62 -17.17 -18.57
N PHE A 369 12.52 -16.57 -19.01
CA PHE A 369 12.61 -15.90 -20.28
C PHE A 369 12.42 -14.39 -20.06
N ASN A 370 12.04 -13.70 -21.12
CA ASN A 370 12.03 -12.25 -21.18
C ASN A 370 11.11 -11.88 -22.32
N PHE A 371 10.62 -10.63 -22.33
CA PHE A 371 9.82 -10.22 -23.47
C PHE A 371 10.67 -10.13 -24.74
N GLU A 372 11.96 -9.79 -24.61
CA GLU A 372 12.79 -9.58 -25.79
C GLU A 372 13.12 -10.90 -26.49
N ILE A 373 13.44 -11.96 -25.73
CA ILE A 373 13.77 -13.25 -26.35
C ILE A 373 12.54 -13.83 -27.03
N ILE A 374 11.39 -13.66 -26.40
CA ILE A 374 10.16 -14.20 -26.97
C ILE A 374 9.74 -13.40 -28.18
N TYR A 375 9.93 -12.07 -28.15
CA TYR A 375 9.63 -11.28 -29.34
C TYR A 375 10.58 -11.60 -30.48
N ALA A 376 11.85 -11.93 -30.20
CA ALA A 376 12.76 -12.31 -31.27
C ALA A 376 12.42 -13.68 -31.86
N ARG A 377 12.08 -14.64 -31.00
CA ARG A 377 11.68 -15.96 -31.48
C ARG A 377 10.35 -15.90 -32.22
N PHE A 378 9.50 -14.95 -31.87
CA PHE A 378 8.26 -14.76 -32.59
C PHE A 378 8.51 -14.05 -33.92
N SER A 379 9.43 -13.09 -33.93
CA SER A 379 9.74 -12.36 -35.15
C SER A 379 10.40 -13.24 -36.21
N LYS A 380 11.15 -14.26 -35.77
CA LYS A 380 11.71 -15.20 -36.73
C LYS A 380 10.63 -16.01 -37.43
N PHE A 381 9.48 -16.19 -36.79
CA PHE A 381 8.33 -16.77 -37.47
C PHE A 381 7.58 -15.72 -38.28
N ALA A 382 7.44 -14.51 -37.73
CA ALA A 382 6.62 -13.52 -38.40
C ALA A 382 7.22 -12.96 -39.69
N LYS A 383 8.54 -13.00 -39.86
CA LYS A 383 9.11 -12.53 -41.13
C LYS A 383 8.81 -13.46 -42.31
N VAL A 384 8.62 -14.76 -42.06
CA VAL A 384 8.31 -15.74 -43.09
C VAL A 384 6.91 -16.32 -43.01
N SER A 385 6.09 -15.86 -42.08
CA SER A 385 4.79 -16.50 -41.84
C SER A 385 3.78 -16.28 -42.96
N THR A 386 3.93 -15.20 -43.72
CA THR A 386 3.07 -14.72 -44.82
C THR A 386 1.60 -14.57 -44.39
N THR A 387 1.38 -14.25 -43.11
CA THR A 387 0.04 -13.93 -42.60
C THR A 387 0.21 -13.09 -41.33
N MET A 388 1.40 -13.13 -40.75
CA MET A 388 1.72 -12.35 -39.55
C MET A 388 2.81 -11.32 -39.86
N GLN A 389 3.02 -11.02 -41.14
CA GLN A 389 4.12 -10.16 -41.57
C GLN A 389 4.01 -8.72 -41.06
N ALA A 390 2.80 -8.20 -40.92
CA ALA A 390 2.59 -6.79 -40.68
C ALA A 390 2.49 -6.40 -39.20
N VAL A 391 2.59 -7.34 -38.28
CA VAL A 391 2.33 -7.05 -36.87
C VAL A 391 3.50 -6.31 -36.24
N GLU A 392 3.22 -5.13 -35.68
CA GLU A 392 4.14 -4.26 -35.00
C GLU A 392 4.44 -4.78 -33.60
N ARG A 393 5.58 -4.34 -33.07
CA ARG A 393 6.04 -4.71 -31.73
C ARG A 393 5.10 -4.28 -30.61
N SER A 394 4.40 -3.15 -30.74
CA SER A 394 3.48 -2.74 -29.68
C SER A 394 2.29 -3.68 -29.51
N ILE A 395 1.81 -4.28 -30.59
CA ILE A 395 0.71 -5.24 -30.47
C ILE A 395 1.18 -6.51 -29.77
N VAL A 396 2.42 -6.93 -30.05
CA VAL A 396 3.02 -8.07 -29.37
C VAL A 396 3.25 -7.77 -27.90
N LEU A 397 3.57 -6.52 -27.57
CA LEU A 397 3.75 -6.15 -26.17
C LEU A 397 2.43 -6.16 -25.42
N LYS A 398 1.36 -5.67 -26.05
CA LYS A 398 0.05 -5.75 -25.40
C LYS A 398 -0.42 -7.19 -25.26
N ALA A 399 -0.08 -8.06 -26.22
CA ALA A 399 -0.40 -9.47 -26.04
C ALA A 399 0.40 -10.09 -24.91
N PHE A 400 1.64 -9.67 -24.74
CA PHE A 400 2.46 -10.17 -23.64
C PHE A 400 1.96 -9.73 -22.29
N GLU A 401 1.50 -8.49 -22.15
CA GLU A 401 0.91 -8.10 -20.87
C GLU A 401 -0.43 -8.80 -20.63
N HIS A 402 -1.21 -9.06 -21.70
CA HIS A 402 -2.44 -9.82 -21.52
C HIS A 402 -2.17 -11.26 -21.09
N LEU A 403 -1.08 -11.86 -21.56
CA LEU A 403 -0.67 -13.14 -21.00
C LEU A 403 -0.23 -13.00 -19.56
N ARG A 404 0.37 -11.87 -19.20
CA ARG A 404 0.88 -11.73 -17.84
C ARG A 404 -0.24 -11.52 -16.83
N ILE A 405 -1.30 -10.79 -17.19
CA ILE A 405 -2.39 -10.53 -16.25
C ILE A 405 -3.33 -11.72 -16.09
N ALA A 406 -3.25 -12.72 -16.97
CA ALA A 406 -4.02 -13.95 -16.84
C ALA A 406 -3.38 -14.97 -15.94
N GLU A 407 -2.18 -14.69 -15.41
CA GLU A 407 -1.36 -15.61 -14.62
C GLU A 407 -1.04 -16.90 -15.38
N LEU A 408 -0.95 -16.80 -16.70
CA LEU A 408 -0.30 -17.79 -17.54
C LEU A 408 1.22 -17.66 -17.51
N ILE A 409 1.70 -16.53 -17.00
CA ILE A 409 3.12 -16.22 -16.86
C ILE A 409 3.33 -15.62 -15.47
N MET A 410 4.34 -16.09 -14.75
CA MET A 410 4.49 -15.52 -13.41
C MET A 410 5.87 -14.91 -13.24
N PRO A 411 5.99 -13.82 -12.49
CA PRO A 411 7.32 -13.25 -12.23
C PRO A 411 8.19 -14.13 -11.36
N LEU A 412 9.49 -13.98 -11.55
CA LEU A 412 10.52 -14.70 -10.77
C LEU A 412 10.69 -14.04 -9.40
N THR A 413 9.76 -14.33 -8.51
CA THR A 413 9.85 -13.84 -7.15
C THR A 413 9.71 -14.99 -6.16
N VAL A 423 13.17 -2.72 -12.72
CA VAL A 423 13.27 -3.55 -13.92
C VAL A 423 12.21 -3.12 -14.94
N GLN A 424 12.61 -3.04 -16.20
CA GLN A 424 11.69 -2.58 -17.23
C GLN A 424 10.59 -3.59 -17.50
N LYS A 425 9.45 -3.08 -17.98
CA LYS A 425 8.32 -3.94 -18.29
C LYS A 425 8.63 -4.93 -19.41
N GLU A 426 9.48 -4.53 -20.36
CA GLU A 426 9.92 -5.36 -21.48
C GLU A 426 11.11 -6.26 -21.15
N PHE A 427 11.67 -6.18 -19.94
CA PHE A 427 12.85 -6.95 -19.59
C PHE A 427 12.71 -7.79 -18.33
N GLU A 428 11.51 -7.89 -17.75
CA GLU A 428 11.33 -8.69 -16.55
C GLU A 428 11.45 -10.18 -16.82
N MET A 429 12.08 -10.89 -15.88
CA MET A 429 12.21 -12.33 -15.96
C MET A 429 10.89 -13.00 -15.60
N HIS A 430 10.67 -14.20 -16.13
CA HIS A 430 9.36 -14.82 -16.04
C HIS A 430 9.49 -16.33 -16.03
N LYS A 431 8.43 -17.00 -15.57
CA LYS A 431 8.34 -18.44 -15.59
C LYS A 431 7.02 -18.82 -16.25
N LEU A 432 7.04 -19.85 -17.07
CA LEU A 432 5.80 -20.40 -17.60
C LEU A 432 4.99 -21.10 -16.50
N ALA A 433 3.68 -20.87 -16.51
CA ALA A 433 2.79 -21.48 -15.53
C ALA A 433 2.16 -22.76 -16.02
N LEU A 434 2.42 -23.16 -17.26
CA LEU A 434 1.73 -24.29 -17.88
C LEU A 434 2.65 -25.50 -18.02
N THR A 435 2.06 -26.69 -17.92
CA THR A 435 2.72 -27.86 -18.46
C THR A 435 2.64 -27.85 -19.98
N TYR A 436 3.59 -28.56 -20.61
CA TYR A 436 3.64 -28.65 -22.07
C TYR A 436 2.45 -29.40 -22.64
N SER A 437 1.90 -30.34 -21.87
CA SER A 437 0.77 -31.14 -22.33
C SER A 437 -0.47 -30.30 -22.51
N GLN A 438 -0.65 -29.26 -21.69
CA GLN A 438 -1.80 -28.38 -21.87
C GLN A 438 -1.71 -27.57 -23.15
N ILE A 439 -0.52 -27.08 -23.49
CA ILE A 439 -0.38 -26.36 -24.75
C ILE A 439 -0.55 -27.30 -25.94
N HIS A 440 -0.06 -28.53 -25.81
CA HIS A 440 -0.23 -29.49 -26.89
C HIS A 440 -1.69 -29.91 -27.06
N HIS A 441 -2.45 -29.95 -25.97
CA HIS A 441 -3.87 -30.26 -26.10
C HIS A 441 -4.67 -29.07 -26.59
N CYS A 442 -4.24 -27.85 -26.25
CA CYS A 442 -4.84 -26.66 -26.85
C CYS A 442 -4.59 -26.58 -28.35
N MET A 443 -3.46 -27.10 -28.82
CA MET A 443 -3.17 -27.12 -30.25
C MET A 443 -4.16 -27.96 -31.03
N GLN A 444 -4.73 -28.97 -30.40
CA GLN A 444 -5.76 -29.79 -31.03
C GLN A 444 -7.15 -29.24 -30.79
N ARG A 445 -7.39 -28.62 -29.63
CA ARG A 445 -8.71 -28.13 -29.25
C ARG A 445 -9.04 -26.74 -29.79
N TYR A 446 -8.05 -26.01 -30.32
CA TYR A 446 -8.27 -24.62 -30.72
C TYR A 446 -9.10 -24.54 -31.99
N GLN A 447 -9.95 -23.53 -32.08
CA GLN A 447 -10.82 -23.39 -33.25
C GLN A 447 -10.18 -22.46 -34.28
N ALA A 448 -10.25 -22.88 -35.54
CA ALA A 448 -9.84 -22.12 -36.72
C ALA A 448 -8.38 -21.67 -36.66
N LEU A 449 -7.51 -22.58 -36.28
CA LEU A 449 -6.08 -22.30 -36.28
C LEU A 449 -5.59 -22.24 -37.72
N PRO A 450 -4.89 -21.17 -38.13
CA PRO A 450 -4.23 -21.19 -39.44
C PRO A 450 -3.14 -22.25 -39.46
N THR A 451 -2.96 -22.83 -40.64
CA THR A 451 -2.10 -24.00 -40.79
C THR A 451 -0.62 -23.68 -40.58
N GLU A 452 -0.20 -22.44 -40.81
CA GLU A 452 1.21 -22.09 -40.60
C GLU A 452 1.57 -22.17 -39.12
N VAL A 453 0.65 -21.75 -38.25
CA VAL A 453 0.89 -21.85 -36.82
C VAL A 453 0.84 -23.29 -36.38
N ALA A 454 -0.08 -24.07 -36.96
CA ALA A 454 -0.22 -25.48 -36.62
C ALA A 454 0.98 -26.29 -37.08
N GLN A 455 1.66 -25.86 -38.16
CA GLN A 455 2.88 -26.56 -38.58
C GLN A 455 4.11 -26.08 -37.82
N TRP A 456 4.16 -24.79 -37.46
CA TRP A 456 5.29 -24.35 -36.66
C TRP A 456 5.24 -24.96 -35.27
N ALA A 457 4.03 -25.24 -34.77
CA ALA A 457 3.91 -25.88 -33.46
C ALA A 457 4.41 -27.32 -33.47
N GLN A 458 4.31 -28.02 -34.60
CA GLN A 458 4.74 -29.41 -34.65
C GLN A 458 6.25 -29.55 -34.59
N SER A 459 7.00 -28.52 -34.97
CA SER A 459 8.45 -28.58 -34.97
C SER A 459 9.09 -27.26 -34.62
N MET B 1 -37.86 -17.82 -12.83
CA MET B 1 -36.50 -18.06 -13.30
C MET B 1 -36.47 -17.94 -14.83
N GLU B 2 -37.65 -18.02 -15.43
CA GLU B 2 -37.79 -17.93 -16.87
C GLU B 2 -37.76 -16.48 -17.35
N ALA B 3 -38.29 -15.55 -16.53
CA ALA B 3 -38.33 -14.14 -16.91
C ALA B 3 -36.94 -13.52 -16.99
N ILE B 4 -36.00 -13.98 -16.16
CA ILE B 4 -34.66 -13.41 -16.22
C ILE B 4 -33.95 -13.81 -17.50
N CYS B 5 -34.07 -15.08 -17.91
CA CYS B 5 -33.50 -15.52 -19.18
C CYS B 5 -34.22 -14.90 -20.38
N SER B 6 -35.53 -14.68 -20.27
CA SER B 6 -36.27 -14.01 -21.35
C SER B 6 -35.92 -12.55 -21.46
N SER B 7 -35.49 -11.94 -20.36
CA SER B 7 -35.09 -10.54 -20.39
C SER B 7 -33.63 -10.32 -20.78
N LEU B 8 -32.73 -11.24 -20.46
CA LEU B 8 -31.32 -10.98 -20.70
C LEU B 8 -30.89 -11.31 -22.12
N GLU B 9 -31.48 -12.35 -22.72
CA GLU B 9 -31.08 -12.77 -24.05
C GLU B 9 -31.23 -11.70 -25.13
N PRO B 10 -32.33 -10.91 -25.21
CA PRO B 10 -32.30 -9.79 -26.17
C PRO B 10 -31.17 -8.80 -25.91
N LEU B 11 -30.78 -8.57 -24.66
CA LEU B 11 -29.62 -7.72 -24.43
C LEU B 11 -28.32 -8.44 -24.79
N PHE B 12 -28.34 -9.77 -24.77
CA PHE B 12 -27.14 -10.60 -24.87
C PHE B 12 -27.27 -11.72 -25.89
N PRO B 13 -27.05 -11.44 -27.16
CA PRO B 13 -26.97 -12.52 -28.14
C PRO B 13 -25.78 -13.43 -27.87
N CYS B 14 -25.94 -14.71 -28.23
CA CYS B 14 -24.96 -15.80 -28.12
C CYS B 14 -24.55 -16.18 -26.71
N ARG B 15 -25.22 -15.67 -25.67
CA ARG B 15 -24.97 -16.14 -24.31
C ARG B 15 -26.17 -16.90 -23.76
N GLU B 16 -26.66 -17.87 -24.52
CA GLU B 16 -27.85 -18.61 -24.11
C GLU B 16 -27.56 -19.59 -22.99
N ALA B 17 -26.52 -20.42 -23.14
CA ALA B 17 -26.23 -21.43 -22.13
C ALA B 17 -25.71 -20.88 -20.81
N ALA B 18 -24.96 -19.78 -20.83
CA ALA B 18 -24.44 -19.24 -19.56
C ALA B 18 -25.54 -18.57 -18.75
N ILE B 19 -26.41 -17.81 -19.42
CA ILE B 19 -27.56 -17.20 -18.76
C ILE B 19 -28.51 -18.28 -18.28
N GLU B 20 -28.64 -19.37 -19.04
CA GLU B 20 -29.48 -20.47 -18.62
C GLU B 20 -28.93 -21.16 -17.38
N THR B 21 -27.61 -21.33 -17.30
CA THR B 21 -27.02 -21.97 -16.13
C THR B 21 -27.12 -21.08 -14.88
N LEU B 22 -26.89 -19.78 -15.03
CA LEU B 22 -27.07 -18.88 -13.89
C LEU B 22 -28.53 -18.77 -13.47
N GLY B 23 -29.46 -18.88 -14.41
CA GLY B 23 -30.86 -18.84 -14.05
C GLY B 23 -31.34 -20.16 -13.48
N GLU B 24 -30.59 -21.23 -13.69
CA GLU B 24 -30.89 -22.46 -12.98
C GLU B 24 -30.35 -22.41 -11.57
N LEU B 25 -29.16 -21.85 -11.38
CA LEU B 25 -28.57 -21.87 -10.05
C LEU B 25 -29.16 -20.81 -9.13
N ILE B 26 -29.24 -19.57 -9.58
CA ILE B 26 -29.69 -18.48 -8.72
C ILE B 26 -30.75 -17.64 -9.41
N GLY B 27 -31.67 -18.31 -10.09
CA GLY B 27 -32.76 -17.67 -10.79
C GLY B 27 -33.93 -17.42 -9.86
N ASP B 28 -34.67 -18.50 -9.57
CA ASP B 28 -35.79 -18.40 -8.64
C ASP B 28 -35.27 -18.12 -7.24
N SER B 29 -35.94 -17.20 -6.55
CA SER B 29 -35.58 -16.85 -5.18
C SER B 29 -36.12 -17.81 -4.14
N SER B 30 -37.12 -18.62 -4.47
CA SER B 30 -37.69 -19.55 -3.49
C SER B 30 -36.75 -20.72 -3.20
N GLU B 31 -36.04 -21.18 -4.21
CA GLU B 31 -35.06 -22.23 -4.03
C GLU B 31 -33.80 -21.72 -3.34
N THR B 32 -33.18 -22.60 -2.55
CA THR B 32 -31.96 -22.23 -1.86
C THR B 32 -30.80 -22.13 -2.82
N TYR B 33 -29.96 -21.22 -2.54
CA TYR B 33 -28.82 -20.87 -3.34
C TYR B 33 -27.64 -21.78 -3.05
N PRO B 34 -26.80 -22.04 -4.04
CA PRO B 34 -25.49 -22.61 -3.77
C PRO B 34 -24.62 -21.67 -2.97
N SER B 35 -23.71 -22.26 -2.20
CA SER B 35 -22.92 -21.52 -1.23
C SER B 35 -22.01 -20.48 -1.86
N ALA B 36 -21.48 -20.75 -3.05
CA ALA B 36 -20.69 -19.76 -3.77
C ALA B 36 -20.64 -20.12 -5.24
N ILE B 37 -20.67 -19.12 -6.10
CA ILE B 37 -20.56 -19.29 -7.54
C ILE B 37 -19.33 -18.51 -8.00
N TYR B 38 -18.56 -19.10 -8.89
CA TYR B 38 -17.36 -18.47 -9.41
C TYR B 38 -17.41 -18.62 -10.91
N LEU B 39 -17.91 -17.61 -11.63
CA LEU B 39 -17.85 -17.64 -13.08
C LEU B 39 -16.68 -16.83 -13.57
N PHE B 40 -16.07 -17.30 -14.65
CA PHE B 40 -14.81 -16.74 -15.11
C PHE B 40 -14.71 -16.83 -16.63
N GLY B 41 -13.86 -15.98 -17.19
CA GLY B 41 -13.64 -15.91 -18.62
C GLY B 41 -12.61 -14.85 -18.91
N HIS B 42 -12.31 -14.68 -20.19
CA HIS B 42 -11.34 -13.66 -20.58
C HIS B 42 -11.93 -12.28 -20.47
N SER B 43 -11.06 -11.28 -20.62
CA SER B 43 -11.52 -9.90 -20.60
C SER B 43 -12.43 -9.65 -21.79
N GLY B 44 -13.49 -8.89 -21.54
CA GLY B 44 -14.44 -8.63 -22.60
C GLY B 44 -15.49 -9.70 -22.81
N THR B 45 -15.44 -10.79 -22.05
CA THR B 45 -16.41 -11.87 -22.25
C THR B 45 -17.80 -11.46 -21.81
N GLY B 46 -17.89 -10.53 -20.87
CA GLY B 46 -19.18 -10.09 -20.40
C GLY B 46 -19.55 -10.85 -19.14
N LYS B 47 -18.84 -10.56 -18.06
CA LYS B 47 -19.23 -11.04 -16.75
C LYS B 47 -19.60 -9.92 -15.80
N THR B 48 -18.96 -8.75 -15.93
CA THR B 48 -19.35 -7.58 -15.16
C THR B 48 -20.73 -7.10 -15.58
N ALA B 49 -20.91 -6.89 -16.88
CA ALA B 49 -22.21 -6.46 -17.38
C ALA B 49 -23.27 -7.53 -17.22
N LEU B 50 -22.88 -8.81 -17.32
CA LEU B 50 -23.85 -9.88 -17.18
C LEU B 50 -24.34 -10.01 -15.75
N THR B 51 -23.42 -10.03 -14.79
CA THR B 51 -23.85 -10.07 -13.39
C THR B 51 -24.56 -8.81 -12.96
N ARG B 52 -24.21 -7.64 -13.53
CA ARG B 52 -24.91 -6.42 -13.16
C ARG B 52 -26.35 -6.42 -13.66
N ALA B 53 -26.55 -6.75 -14.94
CA ALA B 53 -27.91 -6.82 -15.45
C ALA B 53 -28.71 -7.96 -14.83
N PHE B 54 -28.04 -9.06 -14.51
CA PHE B 54 -28.70 -10.19 -13.88
C PHE B 54 -29.13 -9.87 -12.46
N LEU B 55 -28.25 -9.23 -11.68
CA LEU B 55 -28.60 -8.82 -10.33
C LEU B 55 -29.66 -7.75 -10.31
N LYS B 56 -29.65 -6.84 -11.30
CA LYS B 56 -30.67 -5.82 -11.35
C LYS B 56 -32.03 -6.40 -11.70
N GLU B 57 -32.08 -7.30 -12.68
CA GLU B 57 -33.38 -7.89 -13.02
C GLU B 57 -33.93 -8.81 -11.94
N CYS B 58 -33.07 -9.56 -11.23
CA CYS B 58 -33.63 -10.36 -10.14
C CYS B 58 -34.03 -9.51 -8.94
N GLY B 59 -33.27 -8.45 -8.65
CA GLY B 59 -33.60 -7.59 -7.53
C GLY B 59 -34.77 -6.67 -7.78
N LYS B 60 -35.03 -6.37 -9.03
CA LYS B 60 -36.19 -5.57 -9.38
C LYS B 60 -37.44 -6.44 -9.49
N ARG B 61 -37.33 -7.60 -10.16
CA ARG B 61 -38.49 -8.46 -10.36
C ARG B 61 -38.93 -9.16 -9.08
N GLN B 62 -38.02 -9.39 -8.14
CA GLN B 62 -38.31 -10.26 -7.00
C GLN B 62 -37.86 -9.65 -5.68
N ASN B 63 -37.82 -10.45 -4.63
CA ASN B 63 -37.55 -9.94 -3.28
C ASN B 63 -36.08 -9.92 -2.92
N VAL B 64 -35.17 -10.30 -3.82
CA VAL B 64 -33.78 -10.49 -3.41
C VAL B 64 -33.14 -9.11 -3.22
N ARG B 65 -32.14 -9.04 -2.35
CA ARG B 65 -31.33 -7.85 -2.11
C ARG B 65 -29.94 -8.05 -2.69
N THR B 66 -29.57 -7.21 -3.64
CA THR B 66 -28.34 -7.35 -4.40
C THR B 66 -27.25 -6.42 -3.87
N ALA B 67 -26.00 -6.85 -4.00
CA ALA B 67 -24.87 -6.05 -3.56
C ALA B 67 -23.71 -6.28 -4.51
N HIS B 68 -23.39 -5.29 -5.34
CA HIS B 68 -22.25 -5.38 -6.23
C HIS B 68 -21.05 -4.64 -5.68
N LEU B 69 -19.88 -5.27 -5.73
CA LEU B 69 -18.66 -4.71 -5.20
C LEU B 69 -17.57 -4.77 -6.26
N ASN B 70 -16.60 -3.89 -6.11
CA ASN B 70 -15.32 -3.99 -6.78
C ASN B 70 -14.27 -4.13 -5.70
N ALA B 71 -13.52 -5.22 -5.73
CA ALA B 71 -12.64 -5.51 -4.60
C ALA B 71 -11.41 -4.63 -4.58
N ILE B 72 -11.13 -3.92 -5.67
CA ILE B 72 -10.04 -2.95 -5.67
C ILE B 72 -10.38 -1.76 -4.77
N GLU B 73 -11.68 -1.43 -4.62
CA GLU B 73 -12.07 -0.37 -3.70
C GLU B 73 -11.81 -0.74 -2.25
N CYS B 74 -11.79 -2.04 -1.96
CA CYS B 74 -11.68 -2.56 -0.60
C CYS B 74 -10.22 -2.75 -0.23
N TYR B 75 -9.55 -1.65 0.10
CA TYR B 75 -8.18 -1.79 0.59
C TYR B 75 -8.15 -2.34 2.02
N THR B 76 -9.26 -2.26 2.74
CA THR B 76 -9.41 -2.95 4.01
C THR B 76 -10.85 -3.43 4.13
N THR B 77 -11.06 -4.37 5.07
CA THR B 77 -12.33 -5.06 5.16
C THR B 77 -13.47 -4.16 5.64
N LYS B 78 -13.17 -3.08 6.37
CA LYS B 78 -14.20 -2.19 6.89
C LYS B 78 -15.01 -1.55 5.77
N ILE B 79 -14.33 -1.16 4.69
CA ILE B 79 -14.97 -0.53 3.54
C ILE B 79 -15.91 -1.51 2.87
N MET B 80 -15.45 -2.76 2.73
CA MET B 80 -16.22 -3.79 2.05
C MET B 80 -17.46 -4.13 2.85
N LEU B 81 -17.32 -4.31 4.16
CA LEU B 81 -18.47 -4.62 4.99
C LEU B 81 -19.43 -3.46 5.06
N GLU B 82 -18.93 -2.23 4.98
CA GLU B 82 -19.82 -1.08 5.00
C GLU B 82 -20.65 -0.98 3.74
N ILE B 83 -20.05 -1.22 2.57
CA ILE B 83 -20.83 -1.18 1.33
C ILE B 83 -21.79 -2.37 1.27
N LEU B 84 -21.33 -3.53 1.75
CA LEU B 84 -22.14 -4.73 1.76
C LEU B 84 -23.33 -4.61 2.69
N LEU B 85 -23.17 -3.91 3.80
CA LEU B 85 -24.30 -3.74 4.68
C LEU B 85 -25.16 -2.54 4.28
N ASP B 86 -24.60 -1.58 3.54
CA ASP B 86 -25.45 -0.53 2.99
C ASP B 86 -26.38 -1.07 1.92
N SER B 87 -25.95 -2.11 1.18
CA SER B 87 -26.88 -2.63 0.18
C SER B 87 -27.78 -3.75 0.71
N LEU B 88 -27.23 -4.66 1.53
CA LEU B 88 -27.99 -5.79 2.04
C LEU B 88 -28.82 -5.47 3.27
N ALA B 89 -28.66 -4.31 3.86
CA ALA B 89 -29.48 -3.86 4.98
C ALA B 89 -29.96 -2.46 4.63
N PRO B 90 -30.98 -2.37 3.77
CA PRO B 90 -31.41 -1.07 3.25
C PRO B 90 -32.01 -0.18 4.32
N ASP B 91 -31.87 1.12 4.09
CA ASP B 91 -32.42 2.27 4.84
C ASP B 91 -31.98 2.27 6.31
N GLN B 92 -30.79 1.79 6.61
CA GLN B 92 -30.29 1.98 7.96
C GLN B 92 -29.73 3.38 8.17
N GLY B 93 -29.52 4.15 7.09
CA GLY B 93 -29.06 5.51 7.23
C GLY B 93 -27.59 5.60 7.64
N ASP B 94 -27.25 6.76 8.20
CA ASP B 94 -25.92 7.04 8.73
C ASP B 94 -25.68 6.47 10.11
N ALA B 95 -26.69 5.88 10.75
CA ALA B 95 -26.45 5.28 12.06
C ALA B 95 -25.73 3.94 11.95
N LEU B 96 -25.60 3.41 10.75
CA LEU B 96 -24.86 2.19 10.50
C LEU B 96 -23.38 2.36 10.84
N LYS B 97 -22.80 1.33 11.46
CA LYS B 97 -21.39 1.33 11.82
C LYS B 97 -20.97 -0.12 11.96
N VAL B 98 -19.93 -0.51 11.24
CA VAL B 98 -19.37 -1.86 11.32
C VAL B 98 -17.91 -1.79 11.72
N ASP B 99 -17.55 -2.56 12.74
CA ASP B 99 -16.18 -2.61 13.22
C ASP B 99 -15.41 -3.68 12.46
N ASN B 100 -15.91 -4.91 12.51
CA ASN B 100 -15.23 -6.07 11.96
C ASN B 100 -16.26 -7.07 11.46
N MET B 101 -15.74 -8.13 10.82
CA MET B 101 -16.54 -9.18 10.18
C MET B 101 -17.60 -9.80 11.09
N LEU B 102 -17.38 -9.81 12.42
CA LEU B 102 -18.34 -10.42 13.33
C LEU B 102 -19.58 -9.57 13.42
N ASP B 103 -19.41 -8.25 13.52
CA ASP B 103 -20.55 -7.34 13.61
C ASP B 103 -21.36 -7.40 12.32
N PHE B 104 -20.67 -7.64 11.20
CA PHE B 104 -21.35 -7.83 9.93
C PHE B 104 -22.20 -9.10 9.95
N VAL B 105 -21.69 -10.15 10.60
CA VAL B 105 -22.45 -11.39 10.70
C VAL B 105 -23.67 -11.21 11.60
N GLU B 106 -23.52 -10.45 12.69
CA GLU B 106 -24.66 -10.22 13.57
C GLU B 106 -25.71 -9.33 12.92
N GLN B 107 -25.29 -8.27 12.23
CA GLN B 107 -26.25 -7.39 11.59
C GLN B 107 -26.90 -8.01 10.37
N LEU B 108 -26.26 -9.00 9.74
CA LEU B 108 -26.97 -9.78 8.73
C LEU B 108 -27.86 -10.85 9.34
N ARG B 109 -27.49 -11.39 10.50
CA ARG B 109 -28.32 -12.36 11.20
C ARG B 109 -29.61 -11.74 11.69
N ARG B 110 -29.61 -10.43 11.97
CA ARG B 110 -30.83 -9.75 12.37
C ARG B 110 -31.83 -9.66 11.23
N GLN B 111 -31.39 -9.80 9.99
CA GLN B 111 -32.22 -9.64 8.81
C GLN B 111 -33.03 -10.88 8.44
N ALA B 112 -32.86 -12.00 9.13
CA ALA B 112 -33.63 -13.19 8.80
C ALA B 112 -35.11 -13.00 9.08
N ALA B 113 -35.95 -13.62 8.24
CA ALA B 113 -37.38 -13.39 8.30
C ALA B 113 -38.12 -14.68 7.92
N THR B 114 -39.43 -14.57 7.79
CA THR B 114 -40.33 -15.69 7.53
C THR B 114 -40.16 -16.19 6.09
N ARG B 115 -40.49 -17.47 5.88
CA ARG B 115 -40.33 -18.15 4.60
C ARG B 115 -41.36 -17.74 3.55
N VAL B 116 -42.47 -17.11 3.95
CA VAL B 116 -43.55 -16.86 3.00
C VAL B 116 -43.25 -15.72 2.03
N GLU B 117 -42.23 -14.92 2.30
CA GLU B 117 -41.86 -13.88 1.36
C GLU B 117 -40.76 -14.29 0.40
N ASP B 118 -40.05 -15.38 0.71
CA ASP B 118 -38.99 -15.97 -0.12
C ASP B 118 -37.89 -14.95 -0.41
N GLN B 119 -37.43 -14.26 0.62
CA GLN B 119 -36.39 -13.27 0.40
C GLN B 119 -35.07 -13.97 0.16
N GLY B 120 -34.19 -13.30 -0.56
CA GLY B 120 -32.87 -13.81 -0.82
C GLY B 120 -31.88 -12.68 -0.82
N PHE B 121 -30.62 -13.04 -0.71
CA PHE B 121 -29.56 -12.05 -0.71
C PHE B 121 -28.52 -12.45 -1.74
N LEU B 122 -27.85 -11.47 -2.33
CA LEU B 122 -26.84 -11.74 -3.32
C LEU B 122 -25.70 -10.77 -3.18
N ILE B 123 -24.49 -11.30 -3.29
CA ILE B 123 -23.26 -10.55 -3.16
C ILE B 123 -22.40 -10.93 -4.36
N ALA B 124 -22.20 -9.97 -5.26
CA ALA B 124 -21.27 -10.12 -6.36
C ALA B 124 -20.01 -9.35 -6.02
N VAL B 125 -18.87 -10.00 -6.18
CA VAL B 125 -17.59 -9.37 -5.88
C VAL B 125 -16.81 -9.42 -7.18
N ASP B 126 -16.90 -8.34 -7.96
CA ASP B 126 -16.11 -8.26 -9.18
C ASP B 126 -14.65 -8.04 -8.84
N ASN B 127 -13.78 -8.47 -9.77
CA ASN B 127 -12.33 -8.48 -9.62
C ASN B 127 -11.90 -9.21 -8.35
N ALA B 128 -12.38 -10.43 -8.22
CA ALA B 128 -12.18 -11.23 -7.02
C ALA B 128 -10.76 -11.72 -6.85
N GLU B 129 -9.91 -11.55 -7.87
CA GLU B 129 -8.51 -11.93 -7.80
C GLU B 129 -7.71 -11.17 -6.75
N ARG B 130 -8.17 -9.99 -6.34
CA ARG B 130 -7.51 -9.17 -5.31
C ARG B 130 -7.80 -9.61 -3.89
N LEU B 131 -8.74 -10.53 -3.67
CA LEU B 131 -9.09 -11.01 -2.34
C LEU B 131 -7.99 -11.80 -1.66
N ARG B 132 -7.08 -12.41 -2.39
CA ARG B 132 -6.02 -13.13 -1.70
C ARG B 132 -4.88 -12.26 -1.19
N ASP B 133 -4.88 -10.97 -1.49
CA ASP B 133 -3.82 -10.08 -1.04
C ASP B 133 -4.19 -9.24 0.18
N MET B 134 -5.34 -9.48 0.80
CA MET B 134 -5.81 -8.64 1.89
C MET B 134 -5.83 -9.48 3.18
N ASP B 135 -6.94 -9.51 3.93
CA ASP B 135 -6.90 -9.92 5.33
C ASP B 135 -6.88 -11.43 5.53
N ALA B 136 -7.02 -12.22 4.47
CA ALA B 136 -6.93 -13.69 4.43
C ALA B 136 -8.05 -14.41 5.19
N ASN B 137 -8.89 -13.69 5.93
CA ASN B 137 -10.13 -14.24 6.45
C ASN B 137 -11.33 -13.72 5.68
N VAL B 138 -11.13 -12.95 4.61
CA VAL B 138 -12.27 -12.46 3.84
C VAL B 138 -12.81 -13.56 2.93
N LEU B 139 -11.93 -14.16 2.14
CA LEU B 139 -12.34 -15.22 1.23
C LEU B 139 -12.94 -16.46 1.90
N PRO B 140 -12.35 -17.08 2.96
CA PRO B 140 -13.03 -18.23 3.58
C PRO B 140 -14.39 -17.92 4.17
N VAL B 141 -14.60 -16.72 4.70
CA VAL B 141 -15.92 -16.38 5.20
C VAL B 141 -16.89 -16.16 4.04
N LEU B 142 -16.41 -15.54 2.95
CA LEU B 142 -17.26 -15.31 1.81
C LEU B 142 -17.63 -16.59 1.06
N LEU B 143 -16.83 -17.64 1.18
CA LEU B 143 -17.27 -18.91 0.59
C LEU B 143 -18.29 -19.67 1.42
N ARG B 144 -18.50 -19.31 2.69
CA ARG B 144 -19.50 -19.98 3.51
C ARG B 144 -20.39 -18.97 4.21
N LEU B 145 -20.68 -17.86 3.54
CA LEU B 145 -21.55 -16.86 4.14
C LEU B 145 -22.97 -17.35 4.30
N GLN B 146 -23.40 -18.28 3.43
CA GLN B 146 -24.71 -18.89 3.59
C GLN B 146 -24.78 -19.74 4.84
N GLU B 147 -23.68 -20.40 5.22
CA GLU B 147 -23.69 -21.21 6.43
C GLU B 147 -23.66 -20.35 7.69
N LEU B 148 -22.88 -19.28 7.68
CA LEU B 148 -22.75 -18.46 8.88
C LEU B 148 -23.97 -17.59 9.11
N THR B 149 -24.49 -16.95 8.07
CA THR B 149 -25.63 -16.08 8.29
C THR B 149 -26.95 -16.80 8.43
N ASN B 150 -27.01 -18.09 8.09
CA ASN B 150 -28.26 -18.89 8.10
C ASN B 150 -29.32 -18.19 7.25
N LEU B 151 -28.92 -17.85 6.05
CA LEU B 151 -29.73 -16.93 5.26
C LEU B 151 -29.59 -17.31 3.79
N ASN B 152 -30.68 -17.16 3.07
CA ASN B 152 -30.76 -17.61 1.68
C ASN B 152 -29.96 -16.66 0.81
N LEU B 153 -28.65 -16.92 0.74
CA LEU B 153 -27.79 -16.04 -0.04
C LEU B 153 -26.80 -16.86 -0.86
N CYS B 154 -26.27 -16.20 -1.88
CA CYS B 154 -25.26 -16.76 -2.78
C CYS B 154 -24.17 -15.72 -3.01
N VAL B 155 -22.93 -16.17 -3.08
CA VAL B 155 -21.79 -15.27 -3.20
C VAL B 155 -21.16 -15.46 -4.56
N ILE B 156 -21.54 -14.63 -5.53
CA ILE B 156 -20.90 -14.65 -6.83
C ILE B 156 -19.50 -14.06 -6.74
N LEU B 157 -18.57 -14.61 -7.50
CA LEU B 157 -17.23 -14.06 -7.61
C LEU B 157 -16.88 -13.97 -9.08
N LEU B 158 -16.09 -12.96 -9.45
CA LEU B 158 -15.83 -12.65 -10.85
C LEU B 158 -14.35 -12.40 -11.01
N SER B 159 -13.68 -13.19 -11.85
CA SER B 159 -12.28 -12.95 -12.15
C SER B 159 -11.92 -13.57 -13.49
N GLN B 160 -10.73 -13.22 -13.98
CA GLN B 160 -10.19 -13.76 -15.21
C GLN B 160 -9.42 -15.06 -14.99
N LEU B 161 -9.39 -15.58 -13.78
CA LEU B 161 -8.50 -16.69 -13.41
C LEU B 161 -9.29 -17.94 -13.03
N PRO B 162 -8.71 -19.12 -13.21
CA PRO B 162 -9.33 -20.33 -12.69
C PRO B 162 -9.30 -20.36 -11.18
N PHE B 163 -10.19 -21.18 -10.61
CA PHE B 163 -10.29 -21.27 -9.16
C PHE B 163 -9.12 -22.00 -8.51
N GLU B 164 -8.26 -22.64 -9.31
CA GLU B 164 -7.04 -23.26 -8.78
C GLU B 164 -6.09 -22.24 -8.14
N LYS B 165 -6.14 -20.98 -8.56
CA LYS B 165 -5.25 -19.98 -7.98
C LYS B 165 -5.70 -19.54 -6.60
N PHE B 166 -6.95 -19.82 -6.23
CA PHE B 166 -7.55 -19.22 -5.05
C PHE B 166 -7.36 -20.02 -3.77
N TYR B 167 -6.82 -21.24 -3.84
CA TYR B 167 -6.66 -22.05 -2.64
C TYR B 167 -5.57 -21.51 -1.74
N ASN B 168 -5.79 -21.61 -0.44
CA ASN B 168 -4.87 -21.21 0.62
C ASN B 168 -4.52 -22.41 1.51
N LYS B 169 -3.68 -22.15 2.52
CA LYS B 169 -3.24 -23.23 3.40
C LYS B 169 -4.35 -23.79 4.25
N THR B 170 -5.36 -22.99 4.58
CA THR B 170 -6.44 -23.46 5.43
C THR B 170 -7.52 -24.20 4.64
N GLY B 171 -7.45 -24.17 3.32
CA GLY B 171 -8.48 -24.77 2.52
C GLY B 171 -9.64 -23.82 2.31
N LEU B 172 -10.58 -24.26 1.48
CA LEU B 172 -11.73 -23.45 1.13
C LEU B 172 -12.96 -24.34 1.02
N SER B 173 -14.12 -23.72 1.14
CA SER B 173 -15.37 -24.42 0.98
C SER B 173 -15.66 -24.70 -0.48
N GLU B 174 -16.69 -25.50 -0.72
CA GLU B 174 -17.05 -25.88 -2.08
C GLU B 174 -17.61 -24.69 -2.84
N ILE B 175 -17.37 -24.70 -4.15
CA ILE B 175 -17.79 -23.62 -5.02
C ILE B 175 -18.31 -24.21 -6.32
N VAL B 176 -19.19 -23.48 -6.96
CA VAL B 176 -19.75 -23.85 -8.25
C VAL B 176 -18.95 -23.10 -9.30
N CYS B 177 -17.98 -23.76 -9.91
CA CYS B 177 -17.24 -23.10 -10.98
C CYS B 177 -18.12 -23.01 -12.22
N LEU B 178 -17.95 -21.92 -12.96
CA LEU B 178 -18.75 -21.73 -14.15
C LEU B 178 -17.91 -20.96 -15.15
N HIS B 179 -17.96 -21.39 -16.41
CA HIS B 179 -17.12 -20.81 -17.44
C HIS B 179 -17.91 -19.96 -18.42
N LEU B 180 -17.28 -18.88 -18.84
CA LEU B 180 -17.76 -17.99 -19.89
C LEU B 180 -16.71 -18.07 -21.00
N ALA B 181 -16.89 -19.00 -21.93
CA ALA B 181 -15.97 -19.13 -23.04
C ALA B 181 -16.04 -17.93 -23.97
N GLN B 182 -14.88 -17.47 -24.43
CA GLN B 182 -14.86 -16.34 -25.34
C GLN B 182 -15.35 -16.74 -26.72
N TYR B 183 -15.97 -15.79 -27.41
CA TYR B 183 -16.65 -16.08 -28.67
C TYR B 183 -15.66 -16.40 -29.77
N ASN B 184 -16.06 -17.30 -30.66
CA ASN B 184 -15.35 -17.50 -31.91
C ASN B 184 -15.72 -16.41 -32.91
N LYS B 185 -15.12 -16.47 -34.10
CA LYS B 185 -15.25 -15.41 -35.10
C LYS B 185 -16.67 -15.24 -35.64
N ALA B 186 -17.45 -16.32 -35.78
CA ALA B 186 -18.80 -16.18 -36.32
C ALA B 186 -19.74 -15.51 -35.32
N GLU B 187 -19.69 -15.94 -34.07
CA GLU B 187 -20.48 -15.30 -33.03
C GLU B 187 -20.01 -13.87 -32.75
N THR B 188 -18.71 -13.61 -32.90
CA THR B 188 -18.21 -12.24 -32.75
C THR B 188 -18.75 -11.35 -33.86
N GLN B 189 -18.88 -11.91 -35.06
CA GLN B 189 -19.50 -11.16 -36.14
C GLN B 189 -20.99 -10.93 -35.88
N ARG B 190 -21.68 -11.90 -35.28
CA ARG B 190 -23.09 -11.68 -34.95
C ARG B 190 -23.32 -10.63 -33.87
N ILE B 191 -22.43 -10.52 -32.89
CA ILE B 191 -22.60 -9.46 -31.88
C ILE B 191 -22.21 -8.10 -32.43
N LEU B 192 -21.11 -8.02 -33.19
CA LEU B 192 -20.72 -6.75 -33.79
C LEU B 192 -21.74 -6.28 -34.82
N GLY B 193 -22.45 -7.20 -35.46
CA GLY B 193 -23.48 -6.85 -36.40
C GLY B 193 -24.84 -6.59 -35.80
N SER B 194 -24.96 -6.72 -34.48
CA SER B 194 -26.24 -6.53 -33.77
C SER B 194 -26.64 -5.07 -33.59
N ASP B 195 -25.75 -4.11 -33.83
CA ASP B 195 -26.09 -2.70 -33.66
C ASP B 195 -26.27 -1.99 -35.00
N PHE B 196 -26.90 -2.70 -35.95
CA PHE B 196 -27.10 -2.14 -37.29
C PHE B 196 -28.08 -0.98 -37.24
N GLN B 197 -29.17 -1.12 -36.48
CA GLN B 197 -30.16 -0.05 -36.40
C GLN B 197 -29.56 1.17 -35.73
N GLN B 198 -28.64 0.96 -34.79
CA GLN B 198 -28.00 2.08 -34.10
C GLN B 198 -27.09 2.88 -35.02
N VAL B 199 -26.21 2.20 -35.77
CA VAL B 199 -25.35 2.94 -36.68
C VAL B 199 -26.11 3.48 -37.88
N ARG B 200 -27.21 2.84 -38.28
CA ARG B 200 -28.02 3.38 -39.37
C ARG B 200 -28.74 4.65 -38.95
N ASN B 201 -29.34 4.63 -37.76
CA ASN B 201 -29.97 5.83 -37.24
C ASN B 201 -28.95 6.93 -36.96
N GLN B 202 -27.74 6.55 -36.53
CA GLN B 202 -26.73 7.57 -36.25
C GLN B 202 -26.24 8.26 -37.52
N LEU B 203 -26.05 7.51 -38.60
CA LEU B 203 -25.73 8.15 -39.87
C LEU B 203 -26.91 8.92 -40.44
N LEU B 204 -28.14 8.44 -40.21
CA LEU B 204 -29.32 9.14 -40.71
C LEU B 204 -29.59 10.45 -39.98
N GLU B 205 -29.14 10.60 -38.73
CA GLU B 205 -29.30 11.90 -38.08
C GLU B 205 -28.30 12.96 -38.52
N GLN B 206 -27.24 12.62 -39.25
CA GLN B 206 -26.32 13.68 -39.67
C GLN B 206 -26.32 13.76 -41.19
N LYS B 211 -28.20 17.56 -49.09
CA LYS B 211 -28.59 16.38 -48.36
C LYS B 211 -28.78 15.17 -49.27
N LYS B 212 -28.12 15.19 -50.43
CA LYS B 212 -28.15 14.02 -51.30
C LYS B 212 -27.41 12.84 -50.71
N ARG B 213 -26.41 13.10 -49.86
CA ARG B 213 -25.67 12.03 -49.19
C ARG B 213 -26.54 11.22 -48.23
N LEU B 214 -27.53 11.85 -47.58
CA LEU B 214 -28.40 11.12 -46.67
C LEU B 214 -29.31 10.13 -47.41
N GLU B 215 -29.91 10.56 -48.52
CA GLU B 215 -30.80 9.65 -49.23
C GLU B 215 -30.01 8.59 -49.99
N ILE B 216 -28.83 8.93 -50.51
CA ILE B 216 -28.00 7.93 -51.17
C ILE B 216 -27.38 6.98 -50.13
N CYS B 217 -27.33 7.42 -48.87
CA CYS B 217 -26.96 6.51 -47.78
C CYS B 217 -28.10 5.56 -47.48
N GLN B 218 -29.33 6.09 -47.31
CA GLN B 218 -30.43 5.25 -46.86
C GLN B 218 -30.89 4.29 -47.96
N GLU B 219 -30.57 4.57 -49.22
CA GLU B 219 -30.85 3.61 -50.27
C GLU B 219 -29.91 2.41 -50.23
N ALA B 220 -28.75 2.53 -49.56
CA ALA B 220 -27.76 1.46 -49.57
C ALA B 220 -26.85 1.52 -48.36
N VAL B 221 -27.33 1.01 -47.22
CA VAL B 221 -26.55 0.92 -46.00
C VAL B 221 -26.98 -0.32 -45.22
N THR B 222 -27.62 -1.26 -45.92
CA THR B 222 -28.30 -2.37 -45.28
C THR B 222 -27.32 -3.39 -44.69
N GLU B 223 -27.89 -4.50 -44.20
CA GLU B 223 -27.18 -5.43 -43.32
C GLU B 223 -26.02 -6.11 -44.02
N ASP B 224 -26.18 -6.41 -45.31
CA ASP B 224 -25.11 -7.09 -46.04
C ASP B 224 -23.90 -6.19 -46.23
N PHE B 225 -24.11 -4.88 -46.32
CA PHE B 225 -22.99 -3.96 -46.42
C PHE B 225 -22.23 -3.91 -45.11
N TYR B 226 -22.97 -3.78 -44.00
CA TYR B 226 -22.35 -3.79 -42.69
C TYR B 226 -21.77 -5.14 -42.31
N ASN B 227 -22.39 -6.24 -42.75
CA ASN B 227 -21.82 -7.55 -42.43
C ASN B 227 -20.57 -7.84 -43.22
N ASN B 228 -20.54 -7.47 -44.51
CA ASN B 228 -19.32 -7.63 -45.28
C ASN B 228 -18.22 -6.70 -44.79
N TYR B 229 -18.57 -5.51 -44.33
CA TYR B 229 -17.56 -4.62 -43.77
C TYR B 229 -16.99 -5.20 -42.48
N LEU B 230 -17.86 -5.76 -41.64
CA LEU B 230 -17.40 -6.38 -40.41
C LEU B 230 -16.62 -7.66 -40.70
N ASN B 231 -16.92 -8.32 -41.82
CA ASN B 231 -16.11 -9.44 -42.26
C ASN B 231 -14.71 -9.01 -42.65
N LEU B 232 -14.58 -7.89 -43.38
CA LEU B 232 -13.25 -7.37 -43.71
C LEU B 232 -12.52 -6.87 -42.46
N PHE B 233 -13.31 -6.42 -41.50
CA PHE B 233 -12.78 -5.89 -40.27
C PHE B 233 -12.27 -7.02 -39.41
N LEU B 234 -13.01 -8.10 -39.31
CA LEU B 234 -12.56 -9.25 -38.54
C LEU B 234 -11.60 -10.10 -39.35
N SER B 235 -11.54 -9.89 -40.68
CA SER B 235 -10.51 -10.54 -41.47
C SER B 235 -9.15 -10.00 -41.13
N VAL B 236 -9.08 -8.75 -40.69
CA VAL B 236 -7.79 -8.20 -40.32
C VAL B 236 -7.62 -8.07 -38.81
N PHE B 237 -8.68 -7.75 -38.06
CA PHE B 237 -8.49 -7.44 -36.65
C PHE B 237 -8.72 -8.60 -35.68
N TYR B 238 -9.36 -9.70 -36.11
CA TYR B 238 -9.61 -10.78 -35.15
C TYR B 238 -8.35 -11.53 -34.83
N LYS B 239 -7.35 -11.46 -35.70
CA LYS B 239 -6.08 -12.10 -35.46
C LYS B 239 -5.34 -11.44 -34.29
N ALA B 240 -5.49 -10.14 -34.12
CA ALA B 240 -4.74 -9.46 -33.07
C ALA B 240 -5.41 -9.48 -31.70
N CYS B 241 -6.74 -9.39 -31.64
CA CYS B 241 -7.44 -9.29 -30.37
C CYS B 241 -8.85 -9.82 -30.53
N ARG B 242 -9.35 -10.50 -29.49
CA ARG B 242 -10.76 -10.86 -29.41
C ARG B 242 -11.58 -10.07 -28.39
N ASP B 243 -11.04 -9.01 -27.80
CA ASP B 243 -11.81 -8.29 -26.78
C ASP B 243 -12.92 -7.52 -27.48
N VAL B 244 -14.14 -7.91 -27.19
CA VAL B 244 -15.30 -7.40 -27.95
C VAL B 244 -15.57 -5.90 -27.81
N PRO B 245 -15.60 -5.29 -26.62
CA PRO B 245 -15.79 -3.82 -26.58
C PRO B 245 -14.75 -3.02 -27.33
N GLU B 246 -13.49 -3.47 -27.33
CA GLU B 246 -12.47 -2.80 -28.11
C GLU B 246 -12.74 -2.91 -29.60
N LEU B 247 -13.23 -4.06 -30.03
CA LEU B 247 -13.62 -4.24 -31.42
C LEU B 247 -14.83 -3.38 -31.78
N GLN B 248 -15.75 -3.15 -30.84
CA GLN B 248 -16.89 -2.27 -31.12
C GLN B 248 -16.43 -0.83 -31.29
N LEU B 249 -15.64 -0.35 -30.34
CA LEU B 249 -15.18 1.03 -30.37
C LEU B 249 -14.24 1.30 -31.53
N THR B 250 -13.53 0.28 -32.00
CA THR B 250 -12.70 0.51 -33.17
C THR B 250 -13.53 0.41 -34.45
N ALA B 251 -14.49 -0.53 -34.52
CA ALA B 251 -15.26 -0.71 -35.73
C ALA B 251 -16.16 0.45 -36.04
N ARG B 252 -16.64 1.17 -35.02
CA ARG B 252 -17.46 2.35 -35.31
C ARG B 252 -16.66 3.48 -35.96
N LYS B 253 -15.46 3.77 -35.43
CA LYS B 253 -14.60 4.78 -36.03
C LYS B 253 -14.07 4.36 -37.40
N CYS B 254 -13.75 3.08 -37.57
CA CYS B 254 -13.28 2.61 -38.87
C CYS B 254 -14.40 2.61 -39.91
N LEU B 255 -15.66 2.39 -39.50
CA LEU B 255 -16.76 2.54 -40.44
C LEU B 255 -16.94 4.00 -40.82
N SER B 256 -16.73 4.90 -39.86
CA SER B 256 -16.83 6.33 -40.16
C SER B 256 -15.78 6.77 -41.17
N THR B 257 -14.63 6.08 -41.19
CA THR B 257 -13.65 6.32 -42.24
C THR B 257 -14.02 5.56 -43.53
N TYR B 258 -14.58 4.36 -43.40
CA TYR B 258 -14.87 3.48 -44.53
C TYR B 258 -16.00 4.01 -45.40
N LEU B 259 -16.91 4.80 -44.85
CA LEU B 259 -18.14 5.11 -45.57
C LEU B 259 -17.95 6.14 -46.68
N GLU B 260 -16.80 6.83 -46.73
CA GLU B 260 -16.63 8.00 -47.61
C GLU B 260 -16.79 7.74 -49.12
N PRO B 261 -16.22 6.71 -49.77
CA PRO B 261 -16.52 6.52 -51.20
C PRO B 261 -18.00 6.27 -51.48
N VAL B 262 -18.69 5.62 -50.55
CA VAL B 262 -20.14 5.40 -50.71
C VAL B 262 -20.85 6.74 -50.60
N LEU B 263 -20.33 7.62 -49.74
CA LEU B 263 -20.90 8.93 -49.50
C LEU B 263 -20.53 9.90 -50.62
N LEU B 275 -13.06 -1.51 -52.87
CA LEU B 275 -13.23 -0.65 -51.71
C LEU B 275 -12.29 -1.06 -50.60
N TRP B 276 -11.81 -2.30 -50.73
CA TRP B 276 -11.03 -2.93 -49.68
C TRP B 276 -9.66 -2.28 -49.49
N ARG B 277 -9.05 -1.74 -50.54
CA ARG B 277 -7.71 -1.18 -50.42
C ARG B 277 -7.71 0.18 -49.72
N HIS B 278 -8.68 1.02 -50.07
CA HIS B 278 -8.76 2.36 -49.51
C HIS B 278 -9.02 2.32 -48.00
N ILE B 279 -9.73 1.32 -47.50
CA ILE B 279 -9.87 1.19 -46.06
C ILE B 279 -8.73 0.34 -45.45
N ALA B 280 -8.14 -0.58 -46.21
CA ALA B 280 -7.11 -1.47 -45.67
C ALA B 280 -5.80 -0.73 -45.45
N GLY B 281 -5.64 0.43 -46.07
CA GLY B 281 -4.60 1.35 -45.68
C GLY B 281 -4.64 1.82 -44.24
N PRO B 282 -5.64 2.62 -43.87
CA PRO B 282 -5.79 3.08 -42.47
C PRO B 282 -5.98 1.98 -41.43
N LEU B 283 -6.58 0.83 -41.77
CA LEU B 283 -6.82 -0.24 -40.80
C LEU B 283 -5.53 -0.78 -40.21
N ARG B 284 -4.50 -0.92 -41.04
CA ARG B 284 -3.22 -1.38 -40.50
C ARG B 284 -2.53 -0.30 -39.68
N SER B 285 -2.80 0.98 -39.98
CA SER B 285 -2.32 2.04 -39.11
C SER B 285 -3.03 2.08 -37.77
N ALA B 286 -4.33 1.75 -37.74
CA ALA B 286 -5.04 1.70 -36.46
C ALA B 286 -4.73 0.47 -35.64
N LEU B 287 -4.27 -0.62 -36.27
CA LEU B 287 -3.95 -1.79 -35.46
C LEU B 287 -2.72 -1.54 -34.62
N THR B 288 -1.79 -0.72 -35.11
CA THR B 288 -0.60 -0.45 -34.33
C THR B 288 -0.92 0.42 -33.13
N GLN B 289 -1.98 1.24 -33.25
CA GLN B 289 -2.32 2.19 -32.20
C GLN B 289 -3.57 1.74 -31.45
N ILE B 290 -3.90 0.45 -31.53
CA ILE B 290 -4.97 -0.11 -30.71
C ILE B 290 -4.55 -0.06 -29.24
N TYR B 291 -5.55 0.16 -28.38
CA TYR B 291 -5.56 0.35 -26.93
C TYR B 291 -5.01 1.68 -26.44
N MET B 292 -4.13 2.33 -27.20
CA MET B 292 -3.88 3.74 -26.94
C MET B 292 -5.15 4.52 -27.23
N ARG B 293 -5.52 5.41 -26.32
CA ARG B 293 -6.85 5.99 -26.40
C ARG B 293 -6.86 7.51 -26.60
N ILE B 294 -5.75 8.10 -27.08
CA ILE B 294 -5.64 9.54 -27.18
C ILE B 294 -6.65 10.09 -28.18
N GLU B 295 -7.33 11.16 -27.80
CA GLU B 295 -8.23 11.88 -28.68
C GLU B 295 -7.55 13.13 -29.23
N SER B 318 11.93 14.45 -28.72
CA SER B 318 11.56 15.85 -28.54
C SER B 318 11.43 16.19 -27.06
N LEU B 319 12.14 15.42 -26.23
CA LEU B 319 12.18 15.63 -24.79
C LEU B 319 13.30 16.63 -24.52
N GLU B 320 12.95 17.89 -24.26
CA GLU B 320 13.96 18.88 -23.93
C GLU B 320 14.60 18.64 -22.57
N LEU B 321 15.92 18.79 -22.53
CA LEU B 321 16.76 18.49 -21.39
C LEU B 321 17.82 19.56 -21.24
N PRO B 322 18.34 19.74 -20.04
CA PRO B 322 19.58 20.51 -19.88
C PRO B 322 20.76 19.77 -20.50
N TYR B 323 21.80 20.54 -20.82
CA TYR B 323 22.98 20.04 -21.54
C TYR B 323 23.72 18.95 -20.78
N TYR B 324 24.07 19.23 -19.52
CA TYR B 324 24.77 18.22 -18.74
C TYR B 324 23.87 17.05 -18.37
N ALA B 325 22.55 17.28 -18.27
CA ALA B 325 21.65 16.16 -18.10
C ALA B 325 21.62 15.26 -19.34
N LYS B 326 21.76 15.85 -20.53
CA LYS B 326 21.86 15.06 -21.76
C LYS B 326 23.14 14.23 -21.76
N PHE B 327 24.26 14.84 -21.36
CA PHE B 327 25.51 14.09 -21.35
C PHE B 327 25.51 12.96 -20.33
N LEU B 328 24.93 13.19 -19.14
CA LEU B 328 24.80 12.09 -18.17
C LEU B 328 23.85 11.00 -18.64
N LEU B 329 22.79 11.36 -19.37
CA LEU B 329 21.84 10.35 -19.81
C LEU B 329 22.45 9.48 -20.91
N ILE B 330 23.14 10.09 -21.87
CA ILE B 330 23.79 9.26 -22.88
C ILE B 330 24.99 8.52 -22.33
N ALA B 331 25.66 9.03 -21.28
CA ALA B 331 26.71 8.25 -20.67
C ALA B 331 26.17 7.03 -19.95
N ALA B 332 24.99 7.15 -19.32
CA ALA B 332 24.38 5.95 -18.75
C ALA B 332 23.91 4.96 -19.82
N PHE B 333 23.44 5.46 -20.96
CA PHE B 333 23.04 4.56 -22.03
C PHE B 333 24.24 3.84 -22.64
N LEU B 334 25.37 4.55 -22.81
CA LEU B 334 26.58 3.91 -23.30
C LEU B 334 27.15 2.93 -22.29
N ALA B 335 27.04 3.24 -20.99
CA ALA B 335 27.53 2.27 -20.03
C ALA B 335 26.69 1.02 -20.01
N SER B 336 25.37 1.13 -20.24
CA SER B 336 24.60 -0.10 -20.19
C SER B 336 24.50 -0.84 -21.51
N HIS B 337 24.75 -0.21 -22.65
CA HIS B 337 24.63 -0.93 -23.91
C HIS B 337 25.96 -1.19 -24.60
N GLY B 376 18.78 -7.66 -20.52
CA GLY B 376 18.53 -6.44 -19.78
C GLY B 376 19.71 -5.50 -19.79
N PRO B 377 19.47 -4.20 -19.66
CA PRO B 377 20.57 -3.26 -19.53
C PRO B 377 21.31 -3.51 -18.23
N LYS B 378 22.62 -3.29 -18.25
CA LYS B 378 23.41 -3.58 -17.06
C LYS B 378 23.19 -2.55 -15.96
N SER B 379 23.28 -3.02 -14.72
CA SER B 379 23.28 -2.14 -13.57
C SER B 379 24.65 -1.47 -13.48
N PHE B 380 24.70 -0.27 -12.90
CA PHE B 380 25.99 0.42 -12.83
C PHE B 380 26.17 1.25 -11.57
N SER B 381 27.42 1.26 -11.08
CA SER B 381 27.78 2.14 -9.99
C SER B 381 28.00 3.58 -10.45
N ILE B 382 27.81 4.48 -9.49
CA ILE B 382 27.92 5.91 -9.76
C ILE B 382 29.35 6.31 -10.10
N ASP B 383 30.36 5.64 -9.52
CA ASP B 383 31.73 5.99 -9.88
C ASP B 383 32.09 5.60 -11.32
N ARG B 384 31.56 4.48 -11.80
CA ARG B 384 31.73 4.14 -13.22
C ARG B 384 30.99 5.13 -14.10
N LEU B 385 29.83 5.60 -13.63
CA LEU B 385 29.07 6.58 -14.41
C LEU B 385 29.80 7.92 -14.49
N LEU B 386 30.35 8.40 -13.37
CA LEU B 386 31.10 9.65 -13.41
C LEU B 386 32.38 9.49 -14.22
N ALA B 387 32.98 8.29 -14.22
CA ALA B 387 34.20 8.09 -15.00
C ALA B 387 33.92 8.09 -16.50
N ILE B 388 32.86 7.41 -16.96
CA ILE B 388 32.52 7.47 -18.38
C ILE B 388 32.08 8.88 -18.79
N PHE B 389 31.41 9.63 -17.90
CA PHE B 389 31.04 11.01 -18.21
C PHE B 389 32.29 11.90 -18.35
N TYR B 390 33.26 11.73 -17.46
CA TYR B 390 34.50 12.49 -17.56
C TYR B 390 35.34 12.05 -18.75
N ALA B 391 35.20 10.78 -19.17
CA ALA B 391 35.90 10.30 -20.35
C ALA B 391 35.31 10.87 -21.62
N ILE B 392 34.01 11.20 -21.62
CA ILE B 392 33.40 11.73 -22.83
C ILE B 392 33.24 13.25 -22.79
N LEU B 393 33.54 13.87 -21.64
CA LEU B 393 33.36 15.31 -21.50
C LEU B 393 34.46 16.09 -22.21
N GLU B 394 35.70 15.62 -22.06
CA GLU B 394 36.92 16.26 -22.58
C GLU B 394 37.03 17.71 -22.10
N GLU B 395 36.68 17.92 -20.83
CA GLU B 395 36.73 19.24 -20.21
C GLU B 395 37.09 19.18 -18.73
N LYS B 396 36.66 18.10 -18.06
CA LYS B 396 36.91 17.82 -16.64
C LYS B 396 36.35 18.97 -15.80
N VAL B 397 35.04 18.98 -15.67
CA VAL B 397 34.33 19.86 -14.76
C VAL B 397 34.45 19.31 -13.35
N GLY B 398 34.33 20.19 -12.36
CA GLY B 398 34.36 19.72 -11.00
C GLY B 398 33.08 18.99 -10.66
N LEU B 399 33.13 18.19 -9.60
CA LEU B 399 31.95 17.46 -9.13
C LEU B 399 31.17 18.44 -8.26
N THR B 400 30.31 19.23 -8.90
CA THR B 400 29.47 20.11 -8.13
C THR B 400 28.17 19.43 -7.70
N CYS B 401 27.41 20.13 -6.86
CA CYS B 401 26.11 19.65 -6.40
C CYS B 401 25.09 19.51 -7.53
N ASN B 402 25.14 20.37 -8.55
CA ASN B 402 24.12 20.35 -9.58
C ASN B 402 24.19 19.09 -10.44
N LEU B 403 25.37 18.47 -10.52
CA LEU B 403 25.54 17.27 -11.33
C LEU B 403 24.84 16.10 -10.65
N LEU B 404 25.11 15.90 -9.36
CA LEU B 404 24.41 14.86 -8.63
C LEU B 404 22.93 15.18 -8.44
N SER B 405 22.53 16.46 -8.41
CA SER B 405 21.11 16.78 -8.43
C SER B 405 20.45 16.38 -9.75
N GLN B 406 21.17 16.53 -10.86
CA GLN B 406 20.64 16.02 -12.12
C GLN B 406 20.57 14.52 -12.16
N ILE B 407 21.51 13.83 -11.51
CA ILE B 407 21.43 12.38 -11.40
C ILE B 407 20.19 11.98 -10.59
N SER B 408 19.95 12.70 -9.50
CA SER B 408 18.80 12.40 -8.64
C SER B 408 17.47 12.72 -9.34
N THR B 409 17.41 13.80 -10.13
CA THR B 409 16.13 14.07 -10.78
C THR B 409 15.93 13.25 -12.06
N LEU B 410 17.00 12.75 -12.69
CA LEU B 410 16.81 11.74 -13.72
C LEU B 410 16.33 10.44 -13.12
N VAL B 411 16.73 10.15 -11.88
CA VAL B 411 16.14 9.01 -11.17
C VAL B 411 14.68 9.27 -10.83
N HIS B 412 14.37 10.48 -10.38
CA HIS B 412 13.04 10.83 -9.88
C HIS B 412 12.00 10.95 -10.99
N LEU B 413 12.43 11.16 -12.23
CA LEU B 413 11.55 11.20 -13.39
C LEU B 413 11.31 9.85 -14.09
N ASN B 414 11.77 8.74 -13.51
CA ASN B 414 11.77 7.40 -14.12
C ASN B 414 12.53 7.35 -15.45
N LEU B 415 13.54 8.21 -15.60
CA LEU B 415 14.49 8.06 -16.69
C LEU B 415 15.51 7.01 -16.34
N LEU B 416 15.80 6.90 -15.05
CA LEU B 416 16.54 5.82 -14.44
C LEU B 416 15.59 5.04 -13.52
N SER B 417 16.15 4.03 -12.85
CA SER B 417 15.40 3.13 -11.99
C SER B 417 16.29 2.69 -10.84
N PHE B 418 15.69 1.95 -9.91
CA PHE B 418 16.41 1.38 -8.78
C PHE B 418 16.24 -0.13 -8.85
N VAL B 419 17.16 -0.78 -9.56
CA VAL B 419 17.10 -2.24 -9.68
C VAL B 419 17.44 -2.93 -8.35
N SER B 420 18.19 -2.27 -7.49
CA SER B 420 18.53 -2.79 -6.17
C SER B 420 18.94 -1.64 -5.27
N GLY B 421 19.34 -1.97 -4.05
CA GLY B 421 19.78 -0.97 -3.09
C GLY B 421 18.63 -0.21 -2.46
N SER B 429 28.31 1.58 -4.29
CA SER B 429 27.80 0.21 -4.35
C SER B 429 26.40 0.19 -4.94
N ALA B 430 25.86 1.38 -5.17
CA ALA B 430 24.51 1.54 -5.69
C ALA B 430 24.47 1.12 -7.16
N ARG B 431 23.33 0.58 -7.58
CA ARG B 431 23.19 0.07 -8.94
C ARG B 431 22.04 0.77 -9.65
N LEU B 432 22.36 1.52 -10.69
CA LEU B 432 21.42 2.21 -11.55
C LEU B 432 21.11 1.34 -12.77
N GLN B 433 20.01 1.64 -13.44
CA GLN B 433 19.64 0.88 -14.62
C GLN B 433 18.97 1.83 -15.60
N CYS B 434 19.58 1.98 -16.78
CA CYS B 434 19.06 2.87 -17.80
C CYS B 434 17.79 2.33 -18.43
N THR B 435 16.84 3.21 -18.73
CA THR B 435 15.49 2.81 -19.14
C THR B 435 15.03 3.65 -20.33
N ILE B 436 15.80 3.66 -21.43
CA ILE B 436 15.39 4.34 -22.65
C ILE B 436 15.83 3.55 -23.88
N GLY B 437 15.22 3.90 -25.01
CA GLY B 437 15.55 3.30 -26.29
C GLY B 437 16.71 4.00 -26.99
N LEU B 438 17.12 3.40 -28.10
CA LEU B 438 18.24 3.90 -28.89
C LEU B 438 17.88 5.19 -29.63
N GLU B 439 16.59 5.38 -29.96
CA GLU B 439 16.20 6.46 -30.87
C GLU B 439 16.32 7.81 -30.16
N PHE B 440 15.94 7.83 -28.87
CA PHE B 440 16.09 9.02 -28.06
C PHE B 440 17.55 9.35 -27.80
N VAL B 441 18.41 8.34 -27.67
CA VAL B 441 19.83 8.60 -27.47
C VAL B 441 20.45 9.17 -28.74
N LEU B 442 20.08 8.63 -29.89
CA LEU B 442 20.56 9.21 -31.13
C LEU B 442 20.01 10.60 -31.38
N GLN B 443 18.77 10.89 -30.95
CA GLN B 443 18.26 12.25 -31.07
C GLN B 443 19.00 13.22 -30.18
N ILE B 444 19.36 12.78 -28.97
CA ILE B 444 20.16 13.60 -28.07
C ILE B 444 21.57 13.81 -28.63
N GLY B 445 22.15 12.78 -29.23
CA GLY B 445 23.46 12.95 -29.81
C GLY B 445 23.48 13.76 -31.09
N LYS B 446 22.34 13.83 -31.80
CA LYS B 446 22.25 14.74 -32.95
C LYS B 446 22.12 16.18 -32.47
N VAL B 447 21.31 16.42 -31.43
CA VAL B 447 21.13 17.80 -30.99
C VAL B 447 22.31 18.30 -30.16
N VAL B 448 23.21 17.42 -29.74
CA VAL B 448 24.44 17.85 -29.08
C VAL B 448 25.61 17.95 -30.06
N GLY B 449 25.80 16.97 -30.95
CA GLY B 449 26.97 16.91 -31.80
C GLY B 449 28.05 15.95 -31.34
N PHE B 450 27.78 15.15 -30.31
CA PHE B 450 28.66 14.07 -29.87
C PHE B 450 28.07 12.79 -30.48
N ASN B 451 28.80 12.19 -31.42
CA ASN B 451 28.37 10.91 -31.99
C ASN B 451 28.41 9.75 -31.00
N VAL B 452 27.44 8.85 -31.16
CA VAL B 452 27.20 7.76 -30.22
C VAL B 452 27.58 6.40 -30.81
N ARG B 453 27.31 6.20 -32.10
CA ARG B 453 27.54 4.88 -32.69
C ARG B 453 29.02 4.54 -32.78
N GLN B 454 29.88 5.57 -32.77
CA GLN B 454 31.32 5.33 -32.73
C GLN B 454 31.72 4.68 -31.42
N TYR B 455 31.06 5.04 -30.32
CA TYR B 455 31.36 4.46 -29.02
C TYR B 455 30.52 3.22 -28.75
N LEU B 456 29.57 2.93 -29.63
CA LEU B 456 28.73 1.74 -29.45
C LEU B 456 29.43 0.52 -30.04
N SER C 99 -22.05 -11.44 39.86
CA SER C 99 -22.74 -12.68 40.19
C SER C 99 -22.94 -13.55 38.95
N MET C 100 -22.97 -14.86 39.18
CA MET C 100 -23.25 -15.84 38.14
C MET C 100 -24.59 -16.50 38.41
N GLN C 101 -25.27 -16.85 37.31
CA GLN C 101 -26.63 -17.36 37.39
C GLN C 101 -26.65 -18.72 38.06
N GLN C 102 -27.62 -18.94 38.93
CA GLN C 102 -27.73 -20.19 39.65
C GLN C 102 -28.55 -21.18 38.84
N ARG C 103 -28.35 -22.46 39.12
CA ARG C 103 -29.08 -23.50 38.42
C ARG C 103 -30.56 -23.45 38.77
N THR C 104 -31.40 -23.75 37.78
CA THR C 104 -32.82 -23.93 38.04
C THR C 104 -33.10 -25.16 38.88
N ASP C 105 -32.28 -26.19 38.71
CA ASP C 105 -32.46 -27.48 39.37
C ASP C 105 -31.37 -27.72 40.42
N LEU C 106 -31.72 -28.48 41.44
CA LEU C 106 -30.77 -28.79 42.48
C LEU C 106 -29.75 -29.79 41.92
N PRO C 107 -28.47 -29.67 42.30
CA PRO C 107 -27.50 -30.70 41.89
C PRO C 107 -27.80 -32.06 42.52
N ALA C 108 -27.44 -33.11 41.78
CA ALA C 108 -27.67 -34.48 42.20
C ALA C 108 -26.87 -34.82 43.44
N LYS C 109 -27.47 -35.61 44.33
CA LYS C 109 -26.84 -35.88 45.62
C LYS C 109 -25.71 -36.89 45.49
N ASP C 110 -24.80 -36.84 46.48
CA ASP C 110 -23.59 -37.67 46.48
C ASP C 110 -23.89 -39.16 46.60
N SER C 111 -24.95 -39.53 47.33
CA SER C 111 -25.25 -40.93 47.60
C SER C 111 -25.73 -41.71 46.38
N SER C 112 -26.25 -41.03 45.36
CA SER C 112 -26.70 -41.76 44.19
C SER C 112 -25.54 -42.14 43.28
N LYS C 113 -24.36 -41.59 43.53
CA LYS C 113 -23.19 -41.85 42.70
C LYS C 113 -22.69 -43.28 42.93
N SER C 114 -22.22 -43.90 41.86
CA SER C 114 -21.49 -45.15 42.01
C SER C 114 -20.10 -44.87 42.58
N GLU C 115 -19.51 -45.92 43.18
CA GLU C 115 -18.17 -45.79 43.74
C GLU C 115 -17.14 -45.47 42.66
N LEU C 116 -17.32 -46.00 41.45
CA LEU C 116 -16.42 -45.65 40.36
C LEU C 116 -16.60 -44.20 39.93
N GLN C 117 -17.84 -43.69 39.97
CA GLN C 117 -18.04 -42.26 39.75
C GLN C 117 -17.46 -41.43 40.88
N LEU C 118 -17.48 -41.96 42.10
CA LEU C 118 -16.86 -41.28 43.24
C LEU C 118 -15.35 -41.21 43.05
N ALA C 119 -14.76 -42.27 42.51
CA ALA C 119 -13.35 -42.24 42.15
C ALA C 119 -13.08 -41.31 40.97
N ARG C 120 -14.04 -41.20 40.04
CA ARG C 120 -13.86 -40.29 38.91
C ARG C 120 -13.87 -38.83 39.36
N GLU C 121 -14.63 -38.51 40.40
CA GLU C 121 -14.63 -37.13 40.88
C GLU C 121 -13.50 -36.86 41.85
N GLN C 122 -13.06 -37.87 42.62
CA GLN C 122 -11.86 -37.69 43.42
C GLN C 122 -10.63 -37.60 42.55
N LEU C 123 -10.68 -38.19 41.36
CA LEU C 123 -9.55 -38.19 40.45
C LEU C 123 -9.52 -36.94 39.58
N HIS C 124 -10.52 -36.07 39.68
CA HIS C 124 -10.52 -34.84 38.92
C HIS C 124 -9.42 -33.94 39.41
N VAL C 125 -8.85 -33.17 38.49
CA VAL C 125 -7.66 -32.41 38.82
C VAL C 125 -8.00 -31.15 39.59
N SER C 126 -9.27 -30.74 39.59
CA SER C 126 -9.65 -29.56 40.35
C SER C 126 -9.67 -29.81 41.85
N VAL C 127 -9.80 -31.06 42.29
CA VAL C 127 -9.89 -31.37 43.72
C VAL C 127 -8.46 -31.50 44.24
N VAL C 128 -7.86 -30.36 44.56
CA VAL C 128 -6.50 -30.37 45.12
C VAL C 128 -6.53 -30.91 46.53
N PRO C 129 -5.65 -31.84 46.89
CA PRO C 129 -5.57 -32.29 48.29
C PRO C 129 -5.06 -31.17 49.18
N LYS C 130 -5.46 -31.23 50.45
CA LYS C 130 -4.99 -30.27 51.45
C LYS C 130 -3.49 -30.35 51.72
N SER C 131 -2.87 -31.52 51.50
CA SER C 131 -1.41 -31.67 51.64
C SER C 131 -0.89 -32.48 50.48
N LEU C 132 0.06 -31.93 49.74
CA LEU C 132 0.53 -32.52 48.51
C LEU C 132 1.47 -33.69 48.79
N PRO C 133 1.20 -34.89 48.26
CA PRO C 133 2.16 -36.00 48.29
C PRO C 133 3.42 -35.71 47.49
N CYS C 134 4.55 -36.27 47.97
CA CYS C 134 5.84 -36.33 47.29
C CYS C 134 6.44 -34.96 46.99
N ARG C 135 6.01 -33.93 47.70
CA ARG C 135 6.54 -32.59 47.63
C ARG C 135 6.86 -32.06 49.02
N GLU C 136 7.43 -32.91 49.87
CA GLU C 136 7.70 -32.50 51.25
C GLU C 136 8.93 -31.62 51.37
N ARG C 137 10.02 -31.89 50.62
CA ARG C 137 11.21 -31.05 50.80
C ARG C 137 10.96 -29.63 50.27
N GLU C 138 10.32 -29.51 49.12
CA GLU C 138 9.97 -28.19 48.61
C GLU C 138 8.90 -27.49 49.44
N PHE C 139 7.95 -28.21 50.04
CA PHE C 139 6.98 -27.58 50.94
C PHE C 139 7.67 -27.04 52.18
N GLU C 140 8.57 -27.84 52.77
CA GLU C 140 9.34 -27.39 53.91
C GLU C 140 10.28 -26.24 53.55
N ASN C 141 10.81 -26.24 52.33
CA ASN C 141 11.71 -25.18 51.89
C ASN C 141 10.98 -23.86 51.74
N ILE C 142 9.87 -23.88 50.99
CA ILE C 142 9.10 -22.65 50.80
C ILE C 142 8.47 -22.20 52.13
N TYR C 143 8.08 -23.13 53.01
CA TYR C 143 7.50 -22.74 54.28
C TYR C 143 8.53 -22.12 55.19
N ALA C 144 9.74 -22.69 55.26
CA ALA C 144 10.80 -22.13 56.10
C ALA C 144 11.27 -20.78 55.59
N PHE C 145 11.38 -20.64 54.25
CA PHE C 145 11.80 -19.37 53.66
C PHE C 145 10.76 -18.29 53.92
N LEU C 146 9.50 -18.60 53.61
CA LEU C 146 8.42 -17.64 53.76
C LEU C 146 8.17 -17.33 55.24
N GLU C 147 8.35 -18.30 56.12
CA GLU C 147 8.17 -18.08 57.54
C GLU C 147 9.26 -17.19 58.10
N GLY C 148 10.50 -17.36 57.65
CA GLY C 148 11.55 -16.48 58.10
C GLY C 148 11.40 -15.07 57.55
N LYS C 149 10.96 -14.95 56.30
CA LYS C 149 10.72 -13.62 55.73
C LYS C 149 9.50 -12.95 56.35
N ILE C 150 8.54 -13.72 56.86
CA ILE C 150 7.38 -13.11 57.49
C ILE C 150 7.73 -12.64 58.89
N GLN C 151 8.40 -13.50 59.67
CA GLN C 151 8.76 -13.11 61.04
C GLN C 151 9.84 -12.03 61.05
N ASP C 152 10.74 -12.01 60.05
CA ASP C 152 11.78 -10.99 60.05
C ASP C 152 11.27 -9.64 59.57
N GLN C 153 10.11 -9.61 58.89
CA GLN C 153 9.49 -8.40 58.35
C GLN C 153 10.45 -7.64 57.43
N CYS C 154 11.27 -8.38 56.68
CA CYS C 154 12.31 -7.78 55.86
C CYS C 154 12.00 -7.76 54.36
N GLY C 155 11.29 -8.74 53.84
CA GLY C 155 11.02 -8.80 52.42
C GLY C 155 12.10 -9.52 51.63
N GLY C 156 11.79 -9.81 50.37
CA GLY C 156 12.68 -10.57 49.53
C GLY C 156 11.95 -11.13 48.32
N CYS C 157 12.62 -12.07 47.66
CA CYS C 157 12.13 -12.65 46.42
C CYS C 157 12.53 -14.11 46.34
N MET C 158 11.75 -14.85 45.57
CA MET C 158 12.02 -16.27 45.34
C MET C 158 11.63 -16.65 43.92
N TYR C 159 12.32 -17.63 43.37
CA TYR C 159 12.07 -18.08 42.01
C TYR C 159 11.93 -19.59 41.99
N VAL C 160 10.72 -20.08 41.86
CA VAL C 160 10.49 -21.51 41.71
C VAL C 160 10.24 -21.81 40.24
N SER C 161 10.66 -23.00 39.82
CA SER C 161 10.66 -23.33 38.41
C SER C 161 10.49 -24.82 38.20
N GLY C 162 9.92 -25.16 37.06
CA GLY C 162 9.78 -26.55 36.67
C GLY C 162 8.84 -26.71 35.50
N VAL C 163 8.87 -27.86 34.83
CA VAL C 163 8.07 -28.12 33.64
C VAL C 163 6.60 -28.17 34.07
N PRO C 164 5.65 -27.80 33.19
CA PRO C 164 4.26 -27.62 33.63
C PRO C 164 3.61 -28.89 34.16
N GLY C 165 2.75 -28.71 35.18
CA GLY C 165 2.04 -29.78 35.80
C GLY C 165 2.78 -30.53 36.88
N THR C 166 3.91 -30.03 37.35
CA THR C 166 4.68 -30.65 38.43
C THR C 166 4.26 -30.15 39.82
N GLY C 167 3.10 -29.52 39.94
CA GLY C 167 2.57 -29.14 41.24
C GLY C 167 3.18 -27.92 41.88
N LYS C 168 3.60 -26.95 41.08
CA LYS C 168 4.18 -25.72 41.61
C LYS C 168 3.11 -24.84 42.27
N THR C 169 2.11 -24.45 41.49
CA THR C 169 1.08 -23.54 41.99
C THR C 169 0.25 -24.16 43.12
N ALA C 170 0.01 -25.47 43.10
CA ALA C 170 -0.74 -26.09 44.19
C ALA C 170 0.02 -26.06 45.51
N THR C 171 1.35 -26.27 45.49
CA THR C 171 2.10 -26.18 46.74
C THR C 171 2.21 -24.74 47.22
N VAL C 172 2.37 -23.77 46.31
CA VAL C 172 2.47 -22.38 46.75
C VAL C 172 1.15 -21.88 47.33
N THR C 173 0.03 -22.20 46.68
CA THR C 173 -1.23 -21.80 47.28
C THR C 173 -1.54 -22.58 48.56
N GLY C 174 -1.07 -23.82 48.70
CA GLY C 174 -1.27 -24.50 49.96
C GLY C 174 -0.46 -23.94 51.11
N VAL C 175 0.80 -23.54 50.85
CA VAL C 175 1.57 -22.89 51.90
C VAL C 175 0.97 -21.54 52.28
N ILE C 176 0.46 -20.78 51.30
CA ILE C 176 -0.10 -19.49 51.68
C ILE C 176 -1.45 -19.63 52.38
N ARG C 177 -2.26 -20.64 52.02
CA ARG C 177 -3.50 -20.87 52.79
C ARG C 177 -3.22 -21.36 54.22
N THR C 178 -2.21 -22.22 54.40
CA THR C 178 -1.89 -22.63 55.77
C THR C 178 -1.32 -21.45 56.58
N LEU C 179 -0.54 -20.57 55.94
CA LEU C 179 -0.04 -19.39 56.64
C LEU C 179 -1.15 -18.43 57.00
N GLN C 180 -2.17 -18.28 56.14
CA GLN C 180 -3.27 -17.42 56.55
C GLN C 180 -4.07 -18.02 57.71
N ARG C 181 -4.19 -19.35 57.76
CA ARG C 181 -4.85 -19.94 58.94
C ARG C 181 -4.01 -19.79 60.20
N MET C 182 -2.68 -19.94 60.09
CA MET C 182 -1.81 -19.71 61.24
C MET C 182 -1.77 -18.24 61.66
N ALA C 183 -1.90 -17.33 60.71
CA ALA C 183 -1.93 -15.90 61.02
C ALA C 183 -3.24 -15.52 61.67
N LYS C 184 -4.33 -16.24 61.34
CA LYS C 184 -5.61 -15.96 61.97
C LYS C 184 -5.64 -16.38 63.44
N GLN C 185 -4.79 -17.31 63.85
CA GLN C 185 -4.73 -17.72 65.25
C GLN C 185 -3.61 -17.05 66.03
N ASN C 186 -2.99 -16.00 65.46
CA ASN C 186 -1.93 -15.21 66.10
C ASN C 186 -0.72 -16.04 66.50
N GLU C 187 -0.45 -17.12 65.78
CA GLU C 187 0.77 -17.89 65.96
C GLU C 187 1.90 -17.41 65.08
N LEU C 188 1.61 -16.51 64.15
CA LEU C 188 2.54 -15.91 63.21
C LEU C 188 2.21 -14.42 63.16
N PRO C 189 3.18 -13.58 62.81
CA PRO C 189 2.84 -12.19 62.48
C PRO C 189 1.93 -12.10 61.27
N ALA C 190 1.03 -11.12 61.32
CA ALA C 190 0.05 -10.95 60.26
C ALA C 190 0.71 -10.44 58.99
N PHE C 191 0.11 -10.76 57.85
CA PHE C 191 0.63 -10.38 56.55
C PHE C 191 -0.47 -10.23 55.51
N GLU C 192 -0.24 -9.31 54.58
CA GLU C 192 -1.14 -9.10 53.44
C GLU C 192 -0.66 -9.93 52.25
N TYR C 193 -1.60 -10.53 51.51
CA TYR C 193 -1.29 -11.38 50.37
C TYR C 193 -1.87 -10.77 49.08
N LEU C 194 -1.05 -10.03 48.34
CA LEU C 194 -1.40 -9.67 46.98
C LEU C 194 -1.08 -10.83 46.05
N GLU C 195 -1.80 -10.89 44.94
CA GLU C 195 -1.51 -11.88 43.91
C GLU C 195 -1.93 -11.39 42.54
N ILE C 196 -1.20 -11.85 41.52
CA ILE C 196 -1.46 -11.56 40.12
C ILE C 196 -1.13 -12.83 39.34
N ASN C 197 -1.48 -12.82 38.07
CA ASN C 197 -1.13 -13.90 37.16
C ASN C 197 -0.75 -13.26 35.84
N GLY C 198 0.33 -13.72 35.23
CA GLY C 198 0.77 -13.06 34.01
C GLY C 198 0.01 -13.38 32.75
N MET C 199 -0.70 -14.49 32.73
CA MET C 199 -1.47 -14.81 31.55
C MET C 199 -2.88 -14.25 31.61
N ARG C 200 -3.32 -13.80 32.77
CA ARG C 200 -4.58 -13.10 32.93
C ARG C 200 -4.46 -11.61 32.65
N LEU C 201 -3.27 -11.13 32.32
CA LEU C 201 -3.00 -9.73 32.03
C LEU C 201 -2.99 -9.59 30.53
N THR C 202 -3.76 -8.63 30.00
CA THR C 202 -3.70 -8.38 28.58
C THR C 202 -2.37 -7.78 28.15
N GLU C 203 -1.74 -7.02 29.03
CA GLU C 203 -0.48 -6.35 28.77
C GLU C 203 0.37 -6.55 30.01
N PRO C 204 1.69 -6.63 29.86
CA PRO C 204 2.56 -6.66 31.05
C PRO C 204 2.41 -5.43 31.94
N ARG C 205 2.13 -4.27 31.36
CA ARG C 205 1.95 -3.06 32.16
C ARG C 205 0.64 -3.08 32.95
N GLN C 206 -0.34 -3.88 32.54
CA GLN C 206 -1.63 -3.93 33.23
C GLN C 206 -1.55 -4.54 34.62
N ALA C 207 -0.42 -5.17 34.97
CA ALA C 207 -0.18 -5.57 36.34
C ALA C 207 -0.21 -4.39 37.29
N TYR C 208 0.25 -3.21 36.85
CA TYR C 208 0.12 -2.02 37.66
C TYR C 208 -1.35 -1.67 37.91
N VAL C 209 -2.22 -1.94 36.94
CA VAL C 209 -3.64 -1.75 37.16
C VAL C 209 -4.17 -2.75 38.18
N GLN C 210 -3.60 -3.95 38.23
CA GLN C 210 -4.14 -5.01 39.07
C GLN C 210 -3.64 -4.98 40.50
N ILE C 211 -2.35 -4.70 40.70
CA ILE C 211 -1.75 -4.70 42.04
C ILE C 211 -2.42 -3.66 42.91
N TYR C 212 -2.64 -2.46 42.35
CA TYR C 212 -3.39 -1.42 43.02
C TYR C 212 -4.82 -1.84 43.26
N LYS C 213 -5.39 -2.66 42.38
CA LYS C 213 -6.72 -3.17 42.62
C LYS C 213 -6.76 -4.14 43.80
N GLN C 214 -5.64 -4.82 44.11
CA GLN C 214 -5.65 -5.57 45.36
C GLN C 214 -5.28 -4.71 46.57
N LEU C 215 -4.90 -3.45 46.37
CA LEU C 215 -4.62 -2.63 47.55
C LEU C 215 -5.79 -1.78 47.99
N THR C 216 -6.03 -0.69 47.26
CA THR C 216 -7.10 0.23 47.63
C THR C 216 -8.46 -0.19 47.12
N GLY C 217 -8.49 -0.91 46.00
CA GLY C 217 -9.72 -1.27 45.34
C GLY C 217 -10.17 -0.27 44.28
N LYS C 218 -9.53 0.89 44.22
CA LYS C 218 -9.79 1.84 43.16
C LYS C 218 -9.16 1.36 41.85
N THR C 219 -9.78 1.72 40.74
CA THR C 219 -9.24 1.46 39.41
C THR C 219 -8.68 2.73 38.80
N VAL C 220 -7.41 2.68 38.37
CA VAL C 220 -6.73 3.83 37.78
C VAL C 220 -5.89 3.38 36.60
N SER C 221 -5.44 4.35 35.82
CA SER C 221 -4.52 4.13 34.71
C SER C 221 -3.15 3.73 35.23
N TRP C 222 -2.41 2.99 34.40
CA TRP C 222 -1.16 2.36 34.84
C TRP C 222 -0.07 3.36 35.17
N GLU C 223 -0.11 4.57 34.60
CA GLU C 223 0.89 5.58 34.97
C GLU C 223 0.69 6.06 36.39
N GLN C 224 -0.56 6.42 36.72
CA GLN C 224 -0.92 6.84 38.07
C GLN C 224 -0.75 5.70 39.05
N ALA C 225 -1.01 4.48 38.58
CA ALA C 225 -0.85 3.30 39.43
C ALA C 225 0.61 3.04 39.71
N HIS C 226 1.48 3.22 38.72
CA HIS C 226 2.91 3.06 38.94
C HIS C 226 3.45 4.12 39.89
N ALA C 227 2.93 5.34 39.79
CA ALA C 227 3.37 6.39 40.70
C ALA C 227 2.90 6.14 42.12
N LEU C 228 1.64 5.71 42.30
CA LEU C 228 1.16 5.39 43.63
C LEU C 228 1.84 4.16 44.23
N LEU C 229 2.20 3.18 43.41
CA LEU C 229 2.95 2.04 43.93
C LEU C 229 4.36 2.43 44.35
N GLU C 230 5.00 3.35 43.60
CA GLU C 230 6.31 3.80 44.04
C GLU C 230 6.23 4.62 45.33
N LYS C 231 5.17 5.43 45.47
CA LYS C 231 4.96 6.14 46.73
C LYS C 231 4.62 5.22 47.89
N ARG C 232 3.94 4.10 47.61
CA ARG C 232 3.63 3.14 48.66
C ARG C 232 4.87 2.36 49.07
N PHE C 233 5.76 2.06 48.12
CA PHE C 233 6.83 1.13 48.43
C PHE C 233 8.09 1.84 48.90
N THR C 234 8.52 2.90 48.22
CA THR C 234 9.77 3.54 48.57
C THR C 234 9.71 4.41 49.82
N THR C 235 8.51 4.76 50.30
CA THR C 235 8.41 5.63 51.46
C THR C 235 8.19 4.81 52.73
N PRO C 236 9.09 4.90 53.71
CA PRO C 236 8.90 4.15 54.96
C PRO C 236 7.78 4.68 55.84
N ALA C 237 6.71 3.89 56.01
CA ALA C 237 5.54 4.32 56.77
C ALA C 237 5.17 3.23 57.77
N PRO C 238 5.82 3.18 58.93
CA PRO C 238 5.37 2.31 60.02
C PRO C 238 3.98 2.69 60.52
N ARG C 239 3.18 1.69 60.91
CA ARG C 239 3.55 0.27 60.90
C ARG C 239 3.22 -0.46 59.60
N ARG C 240 4.19 -0.52 58.69
CA ARG C 240 4.02 -1.27 57.46
C ARG C 240 4.01 -2.76 57.78
N VAL C 241 3.10 -3.48 57.15
CA VAL C 241 3.04 -4.93 57.29
C VAL C 241 3.76 -5.55 56.09
N THR C 242 4.35 -6.72 56.34
CA THR C 242 4.98 -7.49 55.27
C THR C 242 3.93 -7.98 54.28
N THR C 243 4.26 -7.89 52.99
CA THR C 243 3.36 -8.30 51.91
C THR C 243 3.99 -9.35 51.00
N VAL C 244 3.18 -10.33 50.62
CA VAL C 244 3.63 -11.43 49.76
C VAL C 244 2.88 -11.37 48.44
N LEU C 245 3.63 -11.19 47.36
CA LEU C 245 3.11 -11.02 46.00
C LEU C 245 3.41 -12.28 45.19
N LEU C 246 2.47 -13.21 45.14
CA LEU C 246 2.61 -14.32 44.20
C LEU C 246 2.47 -13.81 42.78
N VAL C 247 3.36 -14.26 41.89
CA VAL C 247 3.35 -13.86 40.48
C VAL C 247 3.48 -15.13 39.65
N ASP C 248 2.36 -15.63 39.15
CA ASP C 248 2.41 -16.72 38.19
C ASP C 248 2.77 -16.20 36.80
N GLU C 249 3.42 -17.06 36.01
CA GLU C 249 3.80 -16.87 34.60
C GLU C 249 4.61 -15.60 34.38
N LEU C 250 5.81 -15.61 34.94
CA LEU C 250 6.67 -14.43 34.91
C LEU C 250 7.16 -14.12 33.49
N ASP C 251 7.31 -15.13 32.62
CA ASP C 251 7.95 -14.93 31.32
C ASP C 251 7.14 -14.11 30.33
N ILE C 252 5.82 -14.03 30.47
CA ILE C 252 5.13 -13.17 29.52
C ILE C 252 5.38 -11.72 29.89
N LEU C 253 5.61 -11.46 31.18
CA LEU C 253 5.89 -10.09 31.59
C LEU C 253 7.32 -9.68 31.25
N CYS C 254 8.18 -10.67 31.01
CA CYS C 254 9.58 -10.45 30.72
C CYS C 254 9.84 -9.88 29.34
N ASN C 255 9.29 -10.55 28.32
CA ASN C 255 9.39 -10.12 26.93
C ASN C 255 8.87 -8.71 26.61
N ARG C 256 9.69 -8.02 25.83
CA ARG C 256 9.47 -6.84 25.01
C ARG C 256 9.22 -5.55 25.79
N ARG C 257 8.74 -5.64 27.03
CA ARG C 257 8.58 -4.41 27.80
C ARG C 257 9.79 -4.13 28.69
N GLN C 258 10.39 -5.21 29.20
CA GLN C 258 11.64 -5.21 30.00
C GLN C 258 11.44 -4.67 31.43
N ASP C 259 10.88 -3.48 31.56
CA ASP C 259 10.73 -2.79 32.87
C ASP C 259 9.87 -3.58 33.85
N VAL C 260 8.81 -4.25 33.40
CA VAL C 260 7.92 -4.90 34.38
C VAL C 260 8.66 -5.95 35.18
N VAL C 261 9.43 -6.83 34.53
CA VAL C 261 10.19 -7.82 35.29
C VAL C 261 11.29 -7.16 36.13
N TYR C 262 11.85 -6.05 35.65
CA TYR C 262 12.83 -5.29 36.43
C TYR C 262 12.18 -4.65 37.65
N ASN C 263 10.94 -4.18 37.51
CA ASN C 263 10.22 -3.61 38.64
C ASN C 263 9.87 -4.66 39.66
N LEU C 264 9.40 -5.83 39.21
CA LEU C 264 9.02 -6.89 40.11
C LEU C 264 10.21 -7.48 40.85
N LEU C 265 11.39 -7.46 40.25
CA LEU C 265 12.58 -7.90 40.98
C LEU C 265 13.28 -6.75 41.71
N ASP C 266 12.93 -5.50 41.41
CA ASP C 266 13.54 -4.34 42.05
C ASP C 266 12.83 -3.87 43.32
N TRP C 267 11.53 -4.07 43.43
CA TRP C 267 10.81 -3.70 44.65
C TRP C 267 11.29 -4.35 45.97
N PRO C 268 11.59 -5.65 46.07
CA PRO C 268 12.16 -6.18 47.33
C PRO C 268 13.48 -5.59 47.81
N THR C 269 14.36 -5.13 46.92
CA THR C 269 15.67 -4.64 47.36
C THR C 269 15.61 -3.39 48.22
N LYS C 270 14.60 -2.54 48.05
CA LYS C 270 14.45 -1.42 48.98
C LYS C 270 14.00 -1.91 50.35
N SER C 271 14.60 -1.35 51.40
CA SER C 271 14.25 -1.75 52.76
C SER C 271 12.87 -1.26 53.15
N ALA C 272 12.42 -0.17 52.52
CA ALA C 272 11.12 0.43 52.86
C ALA C 272 9.95 -0.43 52.42
N ALA C 273 10.14 -1.26 51.41
CA ALA C 273 9.06 -2.09 50.89
C ALA C 273 9.28 -3.47 51.49
N LYS C 274 8.37 -3.88 52.38
CA LYS C 274 8.41 -5.23 52.94
C LYS C 274 7.60 -6.14 52.03
N LEU C 275 8.16 -6.36 50.85
CA LEU C 275 7.53 -7.13 49.78
C LEU C 275 8.26 -8.44 49.61
N VAL C 276 7.53 -9.55 49.57
CA VAL C 276 8.11 -10.86 49.34
C VAL C 276 7.45 -11.42 48.09
N VAL C 277 8.12 -11.31 46.96
CA VAL C 277 7.54 -11.71 45.69
C VAL C 277 8.03 -13.12 45.36
N VAL C 278 7.11 -13.99 45.00
CA VAL C 278 7.40 -15.35 44.59
C VAL C 278 7.03 -15.49 43.12
N THR C 279 7.94 -16.05 42.33
CA THR C 279 7.76 -16.14 40.90
C THR C 279 7.80 -17.60 40.46
N ILE C 280 6.70 -18.05 39.86
CA ILE C 280 6.58 -19.41 39.34
C ILE C 280 6.91 -19.35 37.86
N ALA C 281 7.71 -20.29 37.37
CA ALA C 281 7.95 -20.31 35.93
C ALA C 281 8.29 -21.72 35.43
N ASN C 282 8.32 -21.83 34.11
CA ASN C 282 8.57 -23.14 33.50
C ASN C 282 10.06 -23.34 33.24
N THR C 283 10.65 -22.45 32.45
CA THR C 283 12.05 -22.56 32.11
C THR C 283 12.91 -22.22 33.33
N MET C 284 13.99 -22.98 33.54
CA MET C 284 14.85 -22.72 34.68
C MET C 284 15.67 -21.44 34.49
N ASP C 285 16.15 -21.19 33.27
CA ASP C 285 17.15 -20.16 33.01
C ASP C 285 16.50 -18.82 32.66
N LEU C 286 15.22 -18.67 32.96
CA LEU C 286 14.42 -17.50 32.59
C LEU C 286 14.97 -16.13 33.04
N PRO C 287 15.38 -15.90 34.32
CA PRO C 287 15.89 -14.57 34.69
C PRO C 287 17.09 -14.09 33.89
N GLU C 288 17.97 -14.98 33.46
CA GLU C 288 19.07 -14.54 32.61
C GLU C 288 18.72 -14.49 31.13
N ARG C 289 17.71 -15.24 30.69
CA ARG C 289 17.39 -15.28 29.27
C ARG C 289 16.60 -14.06 28.85
N THR C 302 18.12 -16.81 45.32
CA THR C 302 17.24 -17.78 45.94
C THR C 302 16.40 -18.49 44.89
N ARG C 303 16.76 -19.72 44.54
CA ARG C 303 16.04 -20.42 43.50
C ARG C 303 15.63 -21.78 44.02
N LEU C 304 14.63 -22.36 43.36
CA LEU C 304 14.17 -23.70 43.68
C LEU C 304 13.69 -24.36 42.39
N THR C 305 14.02 -25.65 42.23
CA THR C 305 13.66 -26.38 41.02
C THR C 305 12.71 -27.51 41.40
N PHE C 306 11.65 -27.64 40.62
CA PHE C 306 10.67 -28.70 40.76
C PHE C 306 10.98 -29.79 39.75
N GLN C 307 11.45 -30.94 40.23
CA GLN C 307 11.75 -32.04 39.33
C GLN C 307 10.45 -32.63 38.80
N PRO C 308 10.47 -33.21 37.60
CA PRO C 308 9.28 -33.90 37.10
C PRO C 308 8.94 -35.07 38.00
N TYR C 309 7.64 -35.35 38.13
CA TYR C 309 7.22 -36.47 38.95
C TYR C 309 7.68 -37.77 38.30
N SER C 310 8.11 -38.72 39.12
CA SER C 310 8.66 -39.94 38.56
C SER C 310 7.57 -40.99 38.47
N HIS C 311 7.99 -42.23 38.23
CA HIS C 311 7.09 -43.37 38.19
C HIS C 311 6.46 -43.63 39.53
N LYS C 312 7.19 -43.35 40.60
CA LYS C 312 6.72 -43.82 41.88
C LYS C 312 5.91 -42.72 42.53
N GLN C 313 6.37 -41.49 42.41
CA GLN C 313 5.59 -40.37 42.93
C GLN C 313 4.30 -40.25 42.15
N LEU C 314 4.35 -40.52 40.84
CA LEU C 314 3.17 -40.44 40.00
C LEU C 314 2.18 -41.56 40.26
N GLN C 315 2.65 -42.72 40.72
CA GLN C 315 1.68 -43.73 41.14
C GLN C 315 1.11 -43.42 42.52
N GLU C 316 1.96 -42.90 43.41
CA GLU C 316 1.56 -42.54 44.75
C GLU C 316 0.51 -41.43 44.77
N ILE C 317 0.59 -40.50 43.81
CA ILE C 317 -0.38 -39.41 43.73
C ILE C 317 -1.77 -39.94 43.43
N VAL C 318 -1.88 -40.83 42.44
CA VAL C 318 -3.18 -41.35 42.06
C VAL C 318 -3.75 -42.25 43.15
N THR C 319 -2.89 -43.05 43.79
CA THR C 319 -3.40 -43.87 44.89
C THR C 319 -3.75 -43.04 46.13
N ALA C 320 -3.12 -41.88 46.31
CA ALA C 320 -3.55 -40.96 47.36
C ALA C 320 -4.89 -40.32 47.03
N ARG C 321 -5.13 -40.01 45.75
CA ARG C 321 -6.43 -39.43 45.41
C ARG C 321 -7.53 -40.46 45.59
N LEU C 322 -7.23 -41.72 45.26
CA LEU C 322 -8.21 -42.78 45.46
C LEU C 322 -8.41 -43.14 46.93
N GLY C 323 -7.43 -42.88 47.78
CA GLY C 323 -7.57 -43.29 49.18
C GLY C 323 -7.54 -44.80 49.34
N GLY C 324 -8.46 -45.29 50.18
CA GLY C 324 -8.67 -46.70 50.46
C GLY C 324 -9.57 -47.41 49.49
N SER C 325 -10.06 -46.69 48.48
CA SER C 325 -10.98 -47.24 47.50
C SER C 325 -10.31 -48.31 46.64
N GLU C 326 -11.06 -49.35 46.30
CA GLU C 326 -10.55 -50.42 45.45
C GLU C 326 -11.02 -50.34 44.00
N THR C 327 -11.49 -49.19 43.54
CA THR C 327 -11.94 -49.09 42.16
C THR C 327 -10.80 -49.23 41.16
N PHE C 328 -9.58 -48.85 41.54
CA PHE C 328 -8.42 -49.05 40.70
C PHE C 328 -7.60 -50.26 41.12
N LYS C 329 -7.22 -51.07 40.14
CA LYS C 329 -6.25 -52.12 40.37
C LYS C 329 -4.85 -51.53 40.53
N GLY C 330 -4.00 -52.24 41.26
CA GLY C 330 -2.70 -51.70 41.58
C GLY C 330 -1.74 -51.65 40.40
N GLU C 331 -1.85 -52.60 39.47
CA GLU C 331 -1.03 -52.57 38.27
C GLU C 331 -1.48 -51.59 37.21
N ALA C 332 -2.73 -51.12 37.26
CA ALA C 332 -3.21 -50.20 36.24
C ALA C 332 -2.57 -48.83 36.42
N VAL C 333 -2.49 -48.38 37.67
CA VAL C 333 -1.78 -47.15 38.00
C VAL C 333 -0.30 -47.29 37.71
N GLN C 334 0.24 -48.50 37.87
CA GLN C 334 1.64 -48.72 37.54
C GLN C 334 1.91 -48.59 36.05
N LEU C 335 1.02 -49.11 35.21
CA LEU C 335 1.19 -48.96 33.76
C LEU C 335 1.01 -47.51 33.33
N VAL C 336 0.07 -46.79 33.98
CA VAL C 336 -0.14 -45.37 33.70
C VAL C 336 1.12 -44.59 34.02
N ALA C 337 1.69 -44.85 35.20
CA ALA C 337 2.89 -44.14 35.61
C ALA C 337 4.08 -44.48 34.70
N ARG C 338 4.19 -45.74 34.24
CA ARG C 338 5.32 -46.12 33.40
C ARG C 338 5.25 -45.46 32.03
N LYS C 339 4.03 -45.34 31.49
CA LYS C 339 3.90 -44.73 30.17
C LYS C 339 3.66 -43.22 30.20
N VAL C 340 3.48 -42.61 31.36
CA VAL C 340 3.42 -41.15 31.46
C VAL C 340 4.76 -40.56 31.85
N ALA C 341 5.47 -41.15 32.82
CA ALA C 341 6.75 -40.63 33.26
C ALA C 341 7.82 -40.72 32.18
N ALA C 342 7.69 -41.62 31.22
CA ALA C 342 8.63 -41.59 30.12
C ALA C 342 8.35 -40.45 29.16
N VAL C 343 7.16 -39.86 29.22
CA VAL C 343 6.81 -38.76 28.32
C VAL C 343 7.09 -37.41 28.95
N SER C 344 6.57 -37.17 30.16
CA SER C 344 6.68 -35.81 30.69
C SER C 344 6.87 -35.70 32.20
N GLY C 345 6.32 -36.59 33.02
CA GLY C 345 6.27 -36.33 34.44
C GLY C 345 5.11 -35.48 34.90
N ASP C 346 4.25 -35.07 33.98
CA ASP C 346 3.04 -34.32 34.30
C ASP C 346 2.05 -35.13 35.13
N ALA C 347 1.48 -34.49 36.14
CA ALA C 347 0.47 -35.17 36.93
C ALA C 347 -0.92 -34.98 36.35
N ARG C 348 -1.17 -33.88 35.64
CA ARG C 348 -2.46 -33.67 35.01
C ARG C 348 -2.73 -34.69 33.91
N ARG C 349 -1.68 -35.12 33.22
CA ARG C 349 -1.83 -36.16 32.19
C ARG C 349 -2.23 -37.49 32.80
N ALA C 350 -1.66 -37.82 33.97
CA ALA C 350 -2.01 -39.07 34.64
C ALA C 350 -3.43 -39.01 35.18
N LEU C 351 -3.81 -37.88 35.75
CA LEU C 351 -5.16 -37.73 36.28
C LEU C 351 -6.20 -37.59 35.17
N ASP C 352 -5.78 -37.30 33.94
CA ASP C 352 -6.71 -37.32 32.82
C ASP C 352 -6.83 -38.71 32.20
N ILE C 353 -5.70 -39.43 32.12
CA ILE C 353 -5.71 -40.80 31.63
C ILE C 353 -6.49 -41.71 32.55
N CYS C 354 -6.44 -41.43 33.86
CA CYS C 354 -7.21 -42.23 34.81
C CYS C 354 -8.70 -41.97 34.69
N ARG C 355 -9.11 -40.72 34.43
CA ARG C 355 -10.54 -40.47 34.19
C ARG C 355 -11.02 -41.11 32.90
N ARG C 356 -10.19 -41.11 31.85
CA ARG C 356 -10.60 -41.78 30.62
C ARG C 356 -10.69 -43.30 30.80
N ALA C 357 -9.80 -43.87 31.60
CA ALA C 357 -9.89 -45.29 31.93
C ALA C 357 -11.11 -45.60 32.77
N THR C 358 -11.50 -44.65 33.64
CA THR C 358 -12.72 -44.82 34.42
C THR C 358 -13.95 -44.79 33.53
N GLU C 359 -13.98 -43.88 32.55
CA GLU C 359 -15.10 -43.85 31.61
C GLU C 359 -15.13 -45.08 30.73
N ILE C 360 -13.97 -45.67 30.43
CA ILE C 360 -13.94 -46.91 29.66
C ILE C 360 -14.46 -48.08 30.49
N ALA C 361 -14.07 -48.15 31.78
CA ALA C 361 -14.59 -49.23 32.61
C ALA C 361 -16.07 -49.03 32.89
N ASP C 362 -16.52 -47.76 32.90
CA ASP C 362 -17.93 -47.49 33.15
C ASP C 362 -18.73 -47.99 31.97
N THR C 363 -18.17 -47.86 30.77
CA THR C 363 -18.93 -48.34 29.63
C THR C 363 -18.72 -49.83 29.43
N ALA C 364 -17.72 -50.42 30.11
CA ALA C 364 -17.55 -51.87 30.12
C ALA C 364 -18.34 -52.55 31.22
N ALA C 365 -19.01 -51.76 32.06
CA ALA C 365 -19.81 -52.23 33.21
C ALA C 365 -18.98 -53.06 34.18
N VAL C 366 -17.71 -52.71 34.34
CA VAL C 366 -16.84 -53.33 35.34
C VAL C 366 -16.50 -52.27 36.38
N LYS C 367 -16.37 -52.69 37.64
CA LYS C 367 -16.06 -51.74 38.69
C LYS C 367 -14.56 -51.58 38.91
N CYS C 368 -13.75 -52.42 38.28
CA CYS C 368 -12.30 -52.31 38.40
C CYS C 368 -11.74 -51.96 37.02
N VAL C 369 -10.76 -51.06 37.01
CA VAL C 369 -10.11 -50.63 35.76
C VAL C 369 -8.98 -51.61 35.50
N THR C 370 -9.31 -52.66 34.75
CA THR C 370 -8.33 -53.65 34.37
C THR C 370 -7.39 -53.09 33.30
N MET C 371 -6.24 -53.77 33.15
CA MET C 371 -5.07 -53.20 32.49
C MET C 371 -5.30 -52.90 31.01
N LEU C 372 -6.18 -53.65 30.34
CA LEU C 372 -6.42 -53.33 28.94
C LEU C 372 -7.19 -52.03 28.77
N HIS C 373 -7.97 -51.61 29.77
CA HIS C 373 -8.54 -50.27 29.72
C HIS C 373 -7.47 -49.20 29.80
N VAL C 374 -6.43 -49.42 30.60
CA VAL C 374 -5.32 -48.48 30.64
C VAL C 374 -4.53 -48.47 29.33
N GLN C 375 -4.40 -49.64 28.70
CA GLN C 375 -3.71 -49.69 27.40
C GLN C 375 -4.52 -48.98 26.32
N GLN C 376 -5.84 -49.15 26.33
CA GLN C 376 -6.69 -48.46 25.37
C GLN C 376 -6.70 -46.95 25.62
N ALA C 377 -6.69 -46.54 26.89
CA ALA C 377 -6.64 -45.10 27.19
C ALA C 377 -5.29 -44.50 26.80
N LEU C 378 -4.21 -45.26 26.97
CA LEU C 378 -2.89 -44.78 26.58
C LEU C 378 -2.75 -44.67 25.08
N ALA C 379 -3.31 -45.64 24.34
CA ALA C 379 -3.31 -45.56 22.88
C ALA C 379 -4.16 -44.40 22.38
N GLU C 380 -5.20 -44.03 23.14
CA GLU C 380 -6.02 -42.91 22.70
C GLU C 380 -5.39 -41.56 23.05
N MET C 381 -4.75 -41.45 24.22
CA MET C 381 -4.15 -40.18 24.60
C MET C 381 -2.82 -39.92 23.89
N ILE C 382 -1.96 -40.92 23.76
CA ILE C 382 -0.72 -40.70 23.01
C ILE C 382 -1.05 -41.14 21.60
N ALA C 383 -1.82 -40.31 20.91
CA ALA C 383 -2.35 -40.65 19.61
C ALA C 383 -1.30 -40.56 18.53
N SER C 384 -1.49 -41.38 17.50
CA SER C 384 -0.69 -41.41 16.29
C SER C 384 -1.66 -41.90 15.21
N ALA C 385 -2.50 -40.99 14.76
CA ALA C 385 -3.61 -41.36 13.89
C ALA C 385 -3.43 -40.63 12.58
N LYS C 386 -2.22 -40.69 12.06
CA LYS C 386 -1.94 -40.24 10.72
C LYS C 386 -2.07 -41.37 9.72
N VAL C 387 -1.70 -42.58 10.12
CA VAL C 387 -1.83 -43.75 9.27
C VAL C 387 -3.30 -44.07 8.99
N GLN C 388 -4.18 -43.85 9.95
CA GLN C 388 -5.62 -44.00 9.72
C GLN C 388 -6.12 -42.96 8.73
N ALA C 389 -5.53 -41.77 8.74
CA ALA C 389 -5.91 -40.73 7.79
C ALA C 389 -5.44 -41.08 6.39
N ILE C 390 -4.23 -41.62 6.27
CA ILE C 390 -3.73 -42.05 4.97
C ILE C 390 -4.56 -43.22 4.44
N ARG C 391 -5.02 -44.12 5.32
CA ARG C 391 -5.88 -45.18 4.81
C ARG C 391 -7.25 -44.66 4.42
N ASN C 392 -7.73 -43.57 5.03
CA ASN C 392 -9.01 -43.05 4.60
C ASN C 392 -8.90 -41.99 3.51
N CYS C 393 -7.69 -41.65 3.05
CA CYS C 393 -7.59 -40.75 1.92
C CYS C 393 -8.05 -41.41 0.62
N SER C 394 -8.49 -40.58 -0.32
CA SER C 394 -8.86 -41.04 -1.66
C SER C 394 -7.65 -41.49 -2.45
N ARG C 395 -7.93 -42.32 -3.47
CA ARG C 395 -6.88 -43.05 -4.20
C ARG C 395 -5.94 -42.09 -4.91
N MET C 396 -6.47 -41.01 -5.48
CA MET C 396 -5.60 -40.01 -6.11
C MET C 396 -4.74 -39.28 -5.10
N GLU C 397 -5.26 -39.05 -3.88
CA GLU C 397 -4.44 -38.49 -2.83
C GLU C 397 -3.35 -39.46 -2.40
N GLN C 398 -3.65 -40.76 -2.48
CA GLN C 398 -2.63 -41.75 -2.15
C GLN C 398 -1.55 -41.82 -3.21
N ILE C 399 -1.92 -41.67 -4.49
CA ILE C 399 -0.91 -41.60 -5.55
C ILE C 399 -0.04 -40.36 -5.40
N PHE C 400 -0.65 -39.25 -4.96
CA PHE C 400 0.12 -38.04 -4.70
C PHE C 400 1.08 -38.23 -3.54
N LEU C 401 0.61 -38.87 -2.47
CA LEU C 401 1.45 -39.10 -1.29
C LEU C 401 2.57 -40.09 -1.58
N GLN C 402 2.34 -41.03 -2.50
CA GLN C 402 3.44 -41.89 -2.91
C GLN C 402 4.45 -41.13 -3.76
N ALA C 403 3.96 -40.29 -4.68
CA ALA C 403 4.87 -39.62 -5.60
C ALA C 403 5.69 -38.53 -4.92
N ILE C 404 5.21 -37.97 -3.81
CA ILE C 404 6.03 -37.00 -3.07
C ILE C 404 7.24 -37.70 -2.45
N ALA C 405 7.03 -38.85 -1.81
CA ALA C 405 8.16 -39.60 -1.28
C ALA C 405 9.06 -40.14 -2.38
N ALA C 406 8.48 -40.44 -3.54
CA ALA C 406 9.28 -40.86 -4.68
C ALA C 406 10.14 -39.71 -5.20
N GLU C 407 9.60 -38.50 -5.22
CA GLU C 407 10.39 -37.35 -5.62
C GLU C 407 11.47 -37.02 -4.61
N VAL C 408 11.21 -37.25 -3.32
CA VAL C 408 12.26 -37.03 -2.32
C VAL C 408 13.39 -38.04 -2.47
N THR C 409 13.07 -39.33 -2.67
CA THR C 409 14.14 -40.33 -2.87
C THR C 409 14.86 -40.14 -4.20
N ARG C 410 14.18 -39.66 -5.23
CA ARG C 410 14.80 -39.50 -6.55
C ARG C 410 15.71 -38.28 -6.58
N THR C 411 15.20 -37.13 -6.14
CA THR C 411 15.96 -35.89 -6.19
C THR C 411 16.91 -35.71 -5.01
N GLY C 412 16.82 -36.51 -3.97
CA GLY C 412 17.69 -36.29 -2.82
C GLY C 412 17.19 -35.25 -1.84
N VAL C 413 16.86 -34.05 -2.32
CA VAL C 413 16.36 -33.00 -1.43
C VAL C 413 14.96 -33.31 -0.94
N GLU C 414 14.70 -32.96 0.32
CA GLU C 414 13.43 -33.25 0.97
C GLU C 414 12.31 -32.34 0.48
N GLU C 415 12.66 -31.22 -0.11
CA GLU C 415 11.72 -30.21 -0.58
C GLU C 415 11.46 -30.45 -2.05
N THR C 416 10.19 -30.72 -2.41
CA THR C 416 9.86 -31.07 -3.78
C THR C 416 8.94 -30.03 -4.38
N THR C 417 9.24 -29.65 -5.61
CA THR C 417 8.37 -28.80 -6.40
C THR C 417 7.17 -29.57 -6.94
N PHE C 418 6.07 -28.84 -7.17
CA PHE C 418 4.84 -29.43 -7.66
C PHE C 418 5.01 -29.98 -9.06
N MET C 419 5.94 -29.42 -9.82
CA MET C 419 6.11 -29.80 -11.21
C MET C 419 6.72 -31.19 -11.34
N GLY C 420 7.80 -31.45 -10.60
CA GLY C 420 8.39 -32.78 -10.63
C GLY C 420 7.54 -33.79 -9.91
N VAL C 421 6.79 -33.35 -8.90
CA VAL C 421 5.83 -34.23 -8.27
C VAL C 421 4.73 -34.63 -9.23
N TYR C 422 4.24 -33.69 -10.04
CA TYR C 422 3.20 -34.02 -11.01
C TYR C 422 3.75 -34.92 -12.12
N GLN C 423 5.03 -34.79 -12.46
CA GLN C 423 5.61 -35.70 -13.46
C GLN C 423 5.74 -37.12 -12.92
N GLN C 424 6.18 -37.26 -11.67
CA GLN C 424 6.19 -38.58 -11.05
C GLN C 424 4.78 -39.11 -10.82
N VAL C 425 3.82 -38.21 -10.63
CA VAL C 425 2.41 -38.59 -10.54
C VAL C 425 1.94 -39.20 -11.85
N GLU C 426 2.29 -38.58 -12.98
CA GLU C 426 1.88 -39.17 -14.25
C GLU C 426 2.58 -40.50 -14.52
N THR C 427 3.82 -40.65 -14.04
CA THR C 427 4.52 -41.92 -14.21
C THR C 427 3.88 -43.03 -13.39
N ILE C 428 3.62 -42.76 -12.11
CA ILE C 428 2.98 -43.74 -11.24
C ILE C 428 1.53 -44.03 -11.66
N ALA C 429 0.81 -43.03 -12.20
CA ALA C 429 -0.54 -43.30 -12.67
C ALA C 429 -0.54 -44.15 -13.93
N ALA C 430 0.44 -43.92 -14.83
CA ALA C 430 0.59 -44.80 -15.99
C ALA C 430 1.02 -46.20 -15.58
N PHE C 431 1.76 -46.30 -14.47
CA PHE C 431 2.16 -47.61 -13.98
C PHE C 431 0.99 -48.34 -13.33
N MET C 432 0.15 -47.63 -12.58
CA MET C 432 -0.98 -48.23 -11.89
C MET C 432 -2.20 -48.40 -12.78
N GLY C 433 -2.20 -47.82 -13.98
CA GLY C 433 -3.28 -48.07 -14.91
C GLY C 433 -4.49 -47.16 -14.75
N VAL C 434 -4.51 -46.27 -13.76
CA VAL C 434 -5.57 -45.29 -13.63
C VAL C 434 -5.12 -43.94 -14.22
N THR C 435 -6.06 -43.21 -14.81
CA THR C 435 -5.77 -41.88 -15.30
C THR C 435 -5.65 -40.88 -14.16
N PHE C 436 -4.86 -39.82 -14.39
CA PHE C 436 -4.79 -38.82 -13.35
C PHE C 436 -5.56 -37.56 -13.70
N PRO C 437 -6.07 -36.86 -12.69
CA PRO C 437 -6.70 -35.56 -12.94
C PRO C 437 -5.71 -34.53 -13.47
N PRO C 438 -6.18 -33.58 -14.25
CA PRO C 438 -5.33 -32.49 -14.74
C PRO C 438 -4.85 -31.59 -13.63
N PRO C 439 -3.78 -30.79 -13.86
CA PRO C 439 -3.15 -30.04 -12.76
C PRO C 439 -4.06 -29.06 -12.05
N GLY C 440 -5.12 -28.56 -12.71
CA GLY C 440 -6.06 -27.70 -12.01
C GLY C 440 -6.87 -28.37 -10.94
N ARG C 441 -6.98 -29.69 -10.95
CA ARG C 441 -7.53 -30.43 -9.83
C ARG C 441 -6.45 -31.03 -8.94
N ALA C 442 -5.27 -31.30 -9.50
CA ALA C 442 -4.18 -31.77 -8.64
C ALA C 442 -3.72 -30.72 -7.65
N LEU C 443 -3.79 -29.44 -8.01
CA LEU C 443 -3.52 -28.41 -7.02
C LEU C 443 -4.56 -28.35 -5.91
N ARG C 444 -5.82 -28.66 -6.23
CA ARG C 444 -6.84 -28.77 -5.19
C ARG C 444 -6.59 -29.95 -4.27
N LEU C 445 -6.07 -31.05 -4.82
CA LEU C 445 -5.69 -32.19 -3.97
C LEU C 445 -4.53 -31.82 -3.05
N CYS C 446 -3.55 -31.09 -3.57
CA CYS C 446 -2.45 -30.63 -2.73
C CYS C 446 -2.94 -29.67 -1.67
N SER C 447 -3.95 -28.84 -1.99
CA SER C 447 -4.52 -27.94 -1.00
C SER C 447 -5.27 -28.69 0.09
N LYS C 448 -5.94 -29.79 -0.26
CA LYS C 448 -6.62 -30.58 0.76
C LYS C 448 -5.63 -31.26 1.69
N LEU C 449 -4.54 -31.79 1.13
CA LEU C 449 -3.51 -32.38 1.98
C LEU C 449 -2.80 -31.32 2.83
N GLY C 450 -2.71 -30.09 2.33
CA GLY C 450 -2.14 -29.03 3.15
C GLY C 450 -3.07 -28.57 4.26
N ALA C 451 -4.39 -28.59 4.00
CA ALA C 451 -5.36 -28.32 5.06
C ALA C 451 -5.37 -29.42 6.11
N GLU C 452 -5.10 -30.66 5.70
CA GLU C 452 -5.02 -31.78 6.63
C GLU C 452 -3.67 -31.86 7.33
N ARG C 453 -2.68 -31.04 6.93
CA ARG C 453 -1.32 -31.06 7.47
C ARG C 453 -0.64 -32.40 7.32
N LEU C 454 -1.01 -33.15 6.28
CA LEU C 454 -0.21 -34.29 5.87
C LEU C 454 1.01 -33.84 5.07
N ILE C 455 0.90 -32.70 4.40
CA ILE C 455 2.02 -32.06 3.73
C ILE C 455 2.03 -30.59 4.10
N ILE C 456 3.20 -29.98 3.96
CA ILE C 456 3.37 -28.54 4.10
C ILE C 456 3.46 -27.96 2.70
N SER C 457 2.71 -26.89 2.46
CA SER C 457 2.67 -26.33 1.12
C SER C 457 2.39 -24.85 1.19
N GLU C 458 2.77 -24.15 0.12
CA GLU C 458 2.59 -22.72 0.03
C GLU C 458 1.17 -22.40 -0.42
N HIS C 459 0.85 -21.11 -0.48
CA HIS C 459 -0.38 -20.65 -1.11
C HIS C 459 -0.36 -21.02 -2.58
N SER C 460 -1.53 -21.31 -3.14
CA SER C 460 -1.63 -21.94 -4.45
C SER C 460 -1.41 -20.95 -5.60
N ARG C 461 -1.20 -19.65 -5.32
CA ARG C 461 -1.07 -18.68 -6.40
C ARG C 461 0.17 -18.94 -7.23
N ASN C 462 1.20 -19.57 -6.66
CA ASN C 462 2.39 -19.90 -7.44
C ASN C 462 2.39 -21.39 -7.76
N ASP C 463 1.44 -21.74 -8.62
CA ASP C 463 1.28 -23.12 -9.04
C ASP C 463 2.48 -23.59 -9.84
N LEU C 464 2.73 -24.89 -9.77
CA LEU C 464 3.85 -25.61 -10.38
C LEU C 464 5.21 -25.27 -9.78
N PHE C 465 5.37 -24.13 -9.13
CA PHE C 465 6.62 -23.82 -8.46
C PHE C 465 6.49 -23.74 -6.95
N GLN C 466 5.31 -24.04 -6.40
CA GLN C 466 5.18 -24.10 -4.95
C GLN C 466 5.90 -25.32 -4.40
N LYS C 467 6.45 -25.17 -3.20
CA LYS C 467 7.27 -26.21 -2.59
C LYS C 467 6.44 -27.02 -1.62
N ILE C 468 6.62 -28.34 -1.67
CA ILE C 468 5.79 -29.28 -0.91
C ILE C 468 6.70 -30.10 -0.01
N LEU C 469 6.78 -29.73 1.25
CA LEU C 469 7.39 -30.58 2.26
C LEU C 469 6.46 -31.72 2.62
N LEU C 470 7.05 -32.88 2.93
CA LEU C 470 6.29 -34.03 3.41
C LEU C 470 6.27 -34.02 4.94
N ASN C 471 5.10 -33.74 5.52
CA ASN C 471 5.00 -33.67 6.97
C ASN C 471 4.96 -35.05 7.62
N VAL C 472 4.23 -35.99 7.04
CA VAL C 472 4.18 -37.36 7.54
C VAL C 472 5.47 -38.08 7.19
N SER C 473 5.85 -39.06 8.01
CA SER C 473 7.05 -39.83 7.74
C SER C 473 6.84 -40.71 6.52
N ALA C 474 7.93 -40.96 5.80
CA ALA C 474 7.86 -41.69 4.53
C ALA C 474 7.47 -43.15 4.72
N ASP C 475 7.84 -43.75 5.85
CA ASP C 475 7.47 -45.13 6.14
C ASP C 475 6.05 -45.28 6.65
N ASP C 476 5.42 -44.17 7.03
CA ASP C 476 4.04 -44.25 7.49
C ASP C 476 3.11 -44.54 6.33
N ILE C 477 3.46 -44.09 5.12
CA ILE C 477 2.56 -44.25 3.99
C ILE C 477 2.53 -45.71 3.57
N HIS C 478 3.71 -46.34 3.54
CA HIS C 478 3.79 -47.75 3.22
C HIS C 478 3.17 -48.60 4.32
N TYR C 479 3.29 -48.16 5.58
CA TYR C 479 2.61 -48.86 6.67
C TYR C 479 1.09 -48.73 6.59
N ALA C 480 0.59 -47.60 6.10
CA ALA C 480 -0.85 -47.46 5.99
C ALA C 480 -1.42 -48.22 4.79
N LEU C 481 -0.76 -48.14 3.65
CA LEU C 481 -1.31 -48.70 2.42
C LEU C 481 -0.92 -50.14 2.12
N ARG C 482 0.17 -50.66 2.70
CA ARG C 482 0.48 -52.07 2.48
C ARG C 482 -0.32 -52.91 3.48
N VAL C 483 -0.01 -52.76 4.75
CA VAL C 483 -0.70 -53.48 5.80
C VAL C 483 -2.05 -52.84 6.09
N ALA D 331 41.98 31.16 15.32
CA ALA D 331 41.76 32.30 14.45
C ALA D 331 40.68 31.99 13.41
N ILE D 332 40.69 30.75 12.93
CA ILE D 332 39.67 30.30 11.98
C ILE D 332 38.29 30.27 12.65
N MET D 333 38.21 29.81 13.91
CA MET D 333 36.94 29.81 14.62
C MET D 333 36.46 31.22 14.89
N GLU D 334 37.38 32.15 15.11
CA GLU D 334 37.01 33.55 15.30
C GLU D 334 36.50 34.13 13.99
N GLU D 335 37.08 33.70 12.87
CA GLU D 335 36.60 34.13 11.56
C GLU D 335 35.21 33.57 11.30
N TYR D 336 34.99 32.30 11.65
CA TYR D 336 33.66 31.74 11.51
C TYR D 336 32.68 32.36 12.50
N ARG D 337 33.17 32.75 13.68
CA ARG D 337 32.37 33.51 14.64
C ARG D 337 32.10 34.93 14.17
N SER D 338 33.01 35.52 13.41
CA SER D 338 32.77 36.85 12.86
C SER D 338 31.70 36.83 11.78
N TYR D 339 31.46 35.67 11.17
CA TYR D 339 30.43 35.52 10.16
C TYR D 339 29.01 35.69 10.71
N PHE D 340 28.84 35.58 12.04
CA PHE D 340 27.54 35.32 12.65
C PHE D 340 26.43 36.37 12.36
N PRO D 341 26.65 37.70 12.48
CA PRO D 341 25.56 38.64 12.13
C PRO D 341 25.08 38.54 10.69
N LYS D 342 25.99 38.23 9.76
CA LYS D 342 25.62 37.97 8.37
C LYS D 342 24.72 36.75 8.25
N TRP D 343 24.94 35.73 9.06
CA TRP D 343 24.06 34.56 9.05
C TRP D 343 22.67 34.89 9.55
N MET D 344 22.54 35.82 10.49
CA MET D 344 21.22 36.23 10.94
C MET D 344 20.44 36.97 9.87
N CYS D 345 21.12 37.78 9.07
CA CYS D 345 20.45 38.50 7.99
C CYS D 345 19.99 37.57 6.87
N ILE D 346 20.80 36.57 6.54
CA ILE D 346 20.48 35.59 5.51
C ILE D 346 19.27 34.72 5.90
N LEU D 347 19.11 34.43 7.19
CA LEU D 347 17.96 33.71 7.71
C LEU D 347 16.66 34.48 7.57
N ASN D 348 16.71 35.82 7.62
CA ASN D 348 15.48 36.59 7.43
C ASN D 348 14.89 36.45 6.03
N GLU D 349 15.71 36.22 5.03
CA GLU D 349 15.19 36.08 3.68
C GLU D 349 14.71 34.68 3.34
N GLY D 350 14.69 33.75 4.28
CA GLY D 350 14.12 32.45 3.99
C GLY D 350 15.15 31.42 3.57
N PHE D 351 16.39 31.84 3.36
CA PHE D 351 17.45 30.88 3.06
C PHE D 351 17.85 30.12 4.31
N ASN D 352 18.32 28.89 4.09
CA ASN D 352 18.80 28.05 5.17
C ASN D 352 20.32 27.90 5.09
N ILE D 353 20.96 27.78 6.24
CA ILE D 353 22.42 27.75 6.30
C ILE D 353 22.94 26.32 6.29
N LEU D 354 23.97 26.07 5.48
CA LEU D 354 24.65 24.78 5.42
C LEU D 354 26.16 24.94 5.49
N LEU D 355 26.79 24.06 6.26
CA LEU D 355 28.25 24.06 6.42
C LEU D 355 28.75 22.71 5.92
N TYR D 356 29.80 22.71 5.11
CA TYR D 356 30.24 21.46 4.49
C TYR D 356 31.73 21.15 4.68
N GLY D 357 32.32 21.51 5.81
CA GLY D 357 33.74 21.29 6.00
C GLY D 357 34.10 19.84 6.30
N LEU D 358 35.42 19.57 6.31
CA LEU D 358 35.91 18.20 6.52
C LEU D 358 35.69 17.73 7.95
N GLY D 359 36.21 18.46 8.94
CA GLY D 359 36.26 17.99 10.32
C GLY D 359 34.99 18.33 11.07
N SER D 360 35.05 18.17 12.40
CA SER D 360 33.87 18.44 13.21
C SER D 360 33.52 19.93 13.20
N LYS D 361 32.24 20.20 13.00
CA LYS D 361 31.67 21.55 13.00
C LYS D 361 30.66 21.75 14.11
N HIS D 362 30.64 20.86 15.11
CA HIS D 362 29.67 20.92 16.21
C HIS D 362 29.85 22.16 17.08
N GLN D 363 31.10 22.52 17.40
CA GLN D 363 31.34 23.69 18.24
C GLN D 363 30.89 24.98 17.56
N LEU D 364 30.95 25.04 16.23
CA LEU D 364 30.54 26.27 15.55
C LEU D 364 29.04 26.49 15.64
N LEU D 365 28.25 25.45 15.38
CA LEU D 365 26.81 25.58 15.52
C LEU D 365 26.39 25.76 16.97
N GLN D 366 27.13 25.13 17.90
CA GLN D 366 26.88 25.37 19.32
C GLN D 366 27.24 26.78 19.76
N SER D 367 28.32 27.34 19.21
CA SER D 367 28.64 28.74 19.52
C SER D 367 27.64 29.71 18.94
N PHE D 368 27.08 29.41 17.77
CA PHE D 368 26.04 30.28 17.24
C PHE D 368 24.76 30.18 18.08
N HIS D 369 24.44 28.98 18.56
CA HIS D 369 23.30 28.87 19.49
C HIS D 369 23.58 29.53 20.84
N ARG D 370 24.83 29.50 21.30
CA ARG D 370 25.13 30.00 22.64
C ARG D 370 25.21 31.51 22.66
N GLU D 371 25.93 32.10 21.70
CA GLU D 371 26.24 33.51 21.75
C GLU D 371 25.18 34.38 21.09
N VAL D 372 24.42 33.81 20.15
CA VAL D 372 23.44 34.57 19.37
C VAL D 372 22.03 34.14 19.67
N LEU D 373 21.75 32.84 19.55
CA LEU D 373 20.40 32.33 19.77
C LEU D 373 20.16 31.92 21.22
N HIS D 374 20.47 32.81 22.16
CA HIS D 374 20.29 32.51 23.57
C HIS D 374 18.84 32.73 23.99
N LYS D 375 18.02 33.33 23.14
CA LYS D 375 16.63 33.61 23.45
C LYS D 375 15.65 33.07 22.41
N GLN D 376 16.06 32.87 21.16
CA GLN D 376 15.16 32.29 20.18
C GLN D 376 14.97 30.81 20.46
N THR D 377 13.82 30.28 20.05
CA THR D 377 13.55 28.86 20.19
C THR D 377 14.49 28.08 19.29
N VAL D 378 15.07 27.00 19.83
CA VAL D 378 16.12 26.25 19.13
C VAL D 378 15.89 24.77 19.39
N LEU D 379 15.82 23.98 18.33
CA LEU D 379 15.74 22.53 18.44
C LEU D 379 17.06 21.95 17.93
N VAL D 380 18.01 21.73 18.83
CA VAL D 380 19.21 21.00 18.47
C VAL D 380 18.84 19.55 18.17
N VAL D 381 19.37 19.01 17.08
CA VAL D 381 19.14 17.61 16.71
C VAL D 381 20.49 16.97 16.45
N ASN D 382 20.80 15.93 17.21
CA ASN D 382 22.02 15.13 17.02
C ASN D 382 21.71 14.06 15.99
N GLY D 383 22.09 14.30 14.74
CA GLY D 383 21.83 13.36 13.68
C GLY D 383 22.77 12.18 13.66
N PHE D 384 23.85 12.25 14.45
CA PHE D 384 24.79 11.16 14.63
C PHE D 384 24.32 10.13 15.65
N PHE D 385 23.13 10.34 16.23
CA PHE D 385 22.55 9.39 17.17
C PHE D 385 22.25 8.06 16.47
N PRO D 386 22.71 6.94 17.03
CA PRO D 386 22.38 5.63 16.44
C PRO D 386 20.91 5.26 16.39
N SER D 387 20.10 5.73 17.33
CA SER D 387 18.75 5.19 17.56
C SER D 387 17.64 6.21 17.32
N LEU D 388 17.92 7.32 16.65
CA LEU D 388 16.83 8.24 16.34
C LEU D 388 15.94 7.72 15.23
N THR D 389 14.70 8.16 15.26
CA THR D 389 13.67 7.90 14.28
C THR D 389 13.12 9.24 13.81
N ILE D 390 12.50 9.21 12.62
CA ILE D 390 11.78 10.38 12.14
C ILE D 390 10.57 10.64 13.04
N LYS D 391 10.05 9.59 13.65
CA LYS D 391 9.01 9.72 14.65
C LYS D 391 9.52 10.45 15.89
N ASP D 392 10.79 10.25 16.27
CA ASP D 392 11.34 10.95 17.43
C ASP D 392 11.47 12.45 17.19
N MET D 393 11.94 12.85 16.00
CA MET D 393 12.11 14.29 15.75
C MET D 393 10.77 15.00 15.54
N LEU D 394 9.85 14.36 14.81
CA LEU D 394 8.54 14.96 14.62
C LEU D 394 7.73 14.97 15.90
N ASP D 395 7.85 13.92 16.72
CA ASP D 395 7.20 13.92 18.03
C ASP D 395 7.81 14.97 18.93
N SER D 396 9.12 15.22 18.79
CA SER D 396 9.76 16.24 19.61
C SER D 396 9.23 17.61 19.28
N ILE D 397 9.10 17.92 17.98
CA ILE D 397 8.54 19.23 17.60
C ILE D 397 7.08 19.34 18.03
N THR D 398 6.26 18.36 17.63
CA THR D 398 4.81 18.45 17.84
C THR D 398 4.43 18.40 19.32
N SER D 399 5.22 17.71 20.16
CA SER D 399 4.86 17.60 21.57
C SER D 399 5.52 18.67 22.41
N ASP D 400 6.79 18.97 22.19
CA ASP D 400 7.41 19.91 23.10
C ASP D 400 7.25 21.35 22.65
N ILE D 401 7.33 21.65 21.35
CA ILE D 401 7.23 23.05 20.94
C ILE D 401 5.77 23.47 20.82
N LEU D 402 4.96 22.66 20.17
CA LEU D 402 3.59 23.04 19.89
C LEU D 402 2.60 22.57 20.93
N ASP D 403 3.01 21.65 21.80
CA ASP D 403 2.17 21.01 22.82
C ASP D 403 0.93 20.36 22.22
N ALA D 404 1.08 19.79 21.02
CA ALA D 404 -0.04 19.16 20.34
C ALA D 404 -0.23 17.70 20.72
N GLY D 405 0.64 17.13 21.55
CA GLY D 405 0.58 15.71 21.78
C GLY D 405 1.32 14.95 20.71
N ILE D 406 1.13 13.63 20.71
CA ILE D 406 1.80 12.74 19.77
C ILE D 406 1.33 13.00 18.34
N SER D 407 2.27 13.00 17.40
CA SER D 407 1.95 13.24 16.01
C SER D 407 1.20 12.07 15.39
N PRO D 408 0.39 12.32 14.35
CA PRO D 408 -0.30 11.24 13.64
C PRO D 408 0.67 10.29 12.94
N ALA D 409 0.22 9.04 12.81
CA ALA D 409 1.06 7.94 12.33
C ALA D 409 1.54 8.11 10.90
N ASN D 410 0.80 8.83 10.06
CA ASN D 410 1.35 9.15 8.74
C ASN D 410 2.31 10.31 8.91
N PRO D 411 3.61 10.14 8.60
CA PRO D 411 4.57 11.24 8.78
C PRO D 411 4.27 12.49 7.98
N HIS D 412 3.76 12.34 6.76
CA HIS D 412 3.40 13.51 5.96
C HIS D 412 2.18 14.21 6.52
N GLU D 413 1.26 13.48 7.15
CA GLU D 413 0.20 14.14 7.88
C GLU D 413 0.75 14.92 9.07
N ALA D 414 1.80 14.42 9.72
CA ALA D 414 2.39 15.18 10.81
C ALA D 414 3.07 16.44 10.31
N VAL D 415 3.71 16.39 9.14
CA VAL D 415 4.28 17.61 8.57
C VAL D 415 3.17 18.56 8.10
N ASP D 416 2.04 18.03 7.61
CA ASP D 416 0.90 18.87 7.26
C ASP D 416 0.31 19.56 8.49
N MET D 417 0.20 18.84 9.60
CA MET D 417 -0.31 19.43 10.83
C MET D 417 0.65 20.48 11.37
N ILE D 418 1.96 20.23 11.25
CA ILE D 418 2.94 21.20 11.69
C ILE D 418 2.89 22.45 10.81
N GLU D 419 2.71 22.26 9.51
CA GLU D 419 2.58 23.37 8.57
C GLU D 419 1.34 24.20 8.83
N GLU D 420 0.24 23.54 9.21
CA GLU D 420 -0.99 24.26 9.55
C GLU D 420 -0.81 25.06 10.83
N GLU D 421 -0.29 24.41 11.88
CA GLU D 421 -0.18 25.06 13.18
C GLU D 421 0.90 26.14 13.20
N PHE D 422 1.89 26.08 12.31
CA PHE D 422 2.79 27.22 12.16
C PHE D 422 2.25 28.29 11.24
N ALA D 423 1.30 27.94 10.37
CA ALA D 423 0.58 28.99 9.66
C ALA D 423 -0.33 29.75 10.62
N LEU D 424 -0.76 29.10 11.70
CA LEU D 424 -1.58 29.75 12.70
C LEU D 424 -0.83 30.77 13.57
N ILE D 425 0.49 30.74 13.61
CA ILE D 425 1.24 31.61 14.53
C ILE D 425 2.33 32.40 13.80
N PRO D 426 1.98 33.52 13.17
CA PRO D 426 3.01 34.43 12.68
C PRO D 426 3.82 35.01 13.83
N GLU D 427 5.09 35.32 13.55
CA GLU D 427 6.07 35.87 14.49
C GLU D 427 6.26 34.93 15.68
N THR D 428 6.32 33.63 15.41
CA THR D 428 6.75 32.62 16.38
C THR D 428 7.65 31.64 15.62
N HIS D 429 8.85 32.10 15.30
CA HIS D 429 9.78 31.32 14.50
C HIS D 429 10.38 30.19 15.32
N LEU D 430 10.64 29.07 14.65
CA LEU D 430 11.28 27.92 15.29
C LEU D 430 12.54 27.64 14.50
N PHE D 431 13.68 27.99 15.05
CA PHE D 431 14.93 27.56 14.50
C PHE D 431 15.16 26.09 14.76
N LEU D 432 15.79 25.41 13.81
CA LEU D 432 16.28 24.08 14.12
C LEU D 432 17.69 23.93 13.55
N ILE D 433 18.55 23.38 14.39
CA ILE D 433 19.99 23.37 14.18
C ILE D 433 20.39 21.90 14.16
N VAL D 434 20.48 21.33 12.97
CA VAL D 434 20.79 19.92 12.79
C VAL D 434 22.28 19.74 12.53
N HIS D 435 23.03 19.37 13.56
CA HIS D 435 24.36 18.83 13.31
C HIS D 435 24.18 17.51 12.57
N ASN D 436 24.97 17.33 11.50
CA ASN D 436 24.91 16.19 10.59
C ASN D 436 23.51 15.90 10.03
N LEU D 437 23.11 16.65 9.01
CA LEU D 437 21.89 16.42 8.25
C LEU D 437 21.91 15.10 7.48
N ASP D 438 23.10 14.52 7.30
CA ASP D 438 23.32 13.24 6.63
C ASP D 438 23.31 12.04 7.59
N GLY D 439 22.63 12.15 8.73
CA GLY D 439 22.77 11.17 9.79
C GLY D 439 22.08 9.85 9.49
N ALA D 440 22.22 8.92 10.45
CA ALA D 440 21.98 7.49 10.23
C ALA D 440 20.54 7.13 9.86
N MET D 441 19.54 7.86 10.34
CA MET D 441 18.17 7.52 9.95
C MET D 441 17.55 8.57 9.03
N LEU D 442 18.31 9.60 8.64
CA LEU D 442 17.79 10.58 7.69
C LEU D 442 18.36 10.40 6.28
N ARG D 443 19.12 9.33 6.05
CA ARG D 443 19.76 9.12 4.76
C ARG D 443 18.81 8.54 3.70
N ASN D 444 17.63 8.10 4.08
CA ASN D 444 16.60 7.70 3.12
C ASN D 444 15.95 8.94 2.48
N VAL D 445 15.42 8.74 1.27
CA VAL D 445 14.81 9.83 0.50
C VAL D 445 13.54 10.36 1.17
N LYS D 446 12.84 9.52 1.94
CA LYS D 446 11.54 9.92 2.50
C LYS D 446 11.73 10.97 3.59
N ALA D 447 12.69 10.74 4.49
CA ALA D 447 12.97 11.70 5.55
C ALA D 447 13.53 13.00 4.99
N GLN D 448 14.26 12.93 3.87
CA GLN D 448 14.71 14.16 3.23
C GLN D 448 13.54 14.91 2.60
N ALA D 449 12.54 14.21 2.08
CA ALA D 449 11.34 14.91 1.62
C ALA D 449 10.57 15.53 2.78
N ILE D 450 10.58 14.86 3.93
CA ILE D 450 9.95 15.41 5.13
C ILE D 450 10.70 16.63 5.63
N LEU D 451 12.03 16.57 5.63
CA LEU D 451 12.84 17.71 6.04
C LEU D 451 12.73 18.87 5.07
N SER D 452 12.55 18.59 3.77
CA SER D 452 12.35 19.67 2.82
C SER D 452 11.00 20.32 3.00
N ARG D 453 9.96 19.53 3.28
CA ARG D 453 8.67 20.12 3.55
C ARG D 453 8.67 20.90 4.86
N LEU D 454 9.51 20.50 5.81
CA LEU D 454 9.62 21.30 7.02
C LEU D 454 10.38 22.59 6.79
N ALA D 455 11.47 22.54 6.00
CA ALA D 455 12.23 23.75 5.71
C ALA D 455 11.48 24.68 4.76
N ARG D 456 10.46 24.15 4.07
CA ARG D 456 9.58 24.92 3.21
C ARG D 456 8.74 25.95 3.98
N ILE D 457 8.51 25.73 5.26
CA ILE D 457 7.64 26.63 6.05
C ILE D 457 8.30 27.99 6.14
N PRO D 458 7.57 29.08 5.83
CA PRO D 458 8.16 30.43 5.97
C PRO D 458 8.59 30.76 7.39
N ASN D 459 7.91 30.22 8.39
CA ASN D 459 8.22 30.59 9.76
C ASN D 459 9.53 29.98 10.22
N ILE D 460 9.75 28.70 9.91
CA ILE D 460 10.87 28.00 10.51
C ILE D 460 12.07 27.97 9.59
N HIS D 461 13.25 28.01 10.20
CA HIS D 461 14.54 28.11 9.55
C HIS D 461 15.44 26.94 9.95
N LEU D 462 16.36 26.61 9.05
CA LEU D 462 17.19 25.42 9.18
C LEU D 462 18.65 25.81 9.08
N LEU D 463 19.42 25.35 10.05
CA LEU D 463 20.87 25.32 9.94
C LEU D 463 21.31 23.87 9.96
N ALA D 464 22.33 23.53 9.18
CA ALA D 464 22.73 22.13 9.17
C ALA D 464 24.20 21.99 8.85
N SER D 465 24.75 20.89 9.36
CA SER D 465 26.12 20.48 9.12
C SER D 465 26.20 19.28 8.20
N ILE D 466 27.28 19.19 7.43
CA ILE D 466 27.55 18.04 6.56
C ILE D 466 28.94 17.51 6.85
N THR D 471 27.27 13.21 -0.62
CA THR D 471 26.11 13.69 0.14
C THR D 471 24.92 14.27 -0.70
N PRO D 472 25.11 15.17 -1.73
CA PRO D 472 23.93 15.75 -2.40
C PRO D 472 23.23 14.80 -3.36
N LEU D 473 23.62 13.52 -3.37
CA LEU D 473 22.94 12.48 -4.15
C LEU D 473 21.51 12.22 -3.69
N LEU D 474 21.19 12.42 -2.42
CA LEU D 474 19.82 12.24 -1.97
C LEU D 474 18.95 13.48 -2.13
N TRP D 475 19.54 14.61 -2.51
CA TRP D 475 18.81 15.84 -2.78
C TRP D 475 18.54 15.95 -4.28
N ASP D 476 17.28 15.74 -4.67
CA ASP D 476 16.89 16.05 -6.04
C ASP D 476 16.56 17.54 -6.12
N GLN D 477 16.24 17.99 -7.35
CA GLN D 477 16.02 19.41 -7.60
C GLN D 477 14.81 19.96 -6.85
N GLY D 478 13.81 19.12 -6.57
CA GLY D 478 12.67 19.60 -5.79
C GLY D 478 13.02 19.83 -4.34
N LYS D 479 13.86 18.97 -3.76
CA LYS D 479 14.32 19.20 -2.40
C LYS D 479 15.32 20.34 -2.34
N LEU D 480 16.22 20.43 -3.32
CA LEU D 480 17.20 21.51 -3.32
C LEU D 480 16.56 22.86 -3.60
N CYS D 481 15.39 22.89 -4.22
CA CYS D 481 14.67 24.15 -4.27
C CYS D 481 13.89 24.41 -2.97
N SER D 482 13.28 23.38 -2.38
CA SER D 482 12.64 23.58 -1.08
C SER D 482 13.64 23.83 0.03
N PHE D 483 14.81 23.19 -0.02
CA PHE D 483 15.91 23.50 0.88
C PHE D 483 16.59 24.68 0.23
N ASN D 484 16.17 25.89 0.54
CA ASN D 484 16.77 27.07 -0.10
C ASN D 484 18.14 27.33 0.53
N PHE D 485 19.08 26.46 0.20
CA PHE D 485 20.35 26.42 0.88
C PHE D 485 21.25 27.56 0.46
N SER D 486 22.05 28.00 1.42
CA SER D 486 23.18 28.89 1.21
C SER D 486 24.42 28.18 1.74
N TRP D 487 25.20 27.63 0.84
CA TRP D 487 26.35 26.84 1.20
C TRP D 487 27.45 27.72 1.77
N TRP D 488 28.15 27.22 2.78
CA TRP D 488 29.20 27.97 3.45
C TRP D 488 30.33 27.01 3.75
N ASP D 489 31.55 27.36 3.33
CA ASP D 489 32.71 26.48 3.47
C ASP D 489 33.34 26.66 4.85
N CYS D 490 32.80 25.94 5.84
CA CYS D 490 33.33 25.95 7.21
C CYS D 490 34.26 24.75 7.46
N THR D 491 35.48 24.81 6.94
CA THR D 491 36.42 23.69 7.05
C THR D 491 37.24 23.78 8.34
N THR D 492 36.66 23.30 9.43
CA THR D 492 37.46 22.99 10.60
C THR D 492 38.21 21.67 10.45
N MET D 493 39.29 21.56 11.21
CA MET D 493 40.17 20.40 11.27
C MET D 493 39.93 19.62 12.57
N LEU D 494 38.80 19.86 13.22
CA LEU D 494 38.53 19.21 14.50
C LEU D 494 38.27 17.72 14.31
N PRO D 495 38.76 16.87 15.21
CA PRO D 495 38.47 15.43 15.12
C PRO D 495 37.00 15.10 15.39
N TYR D 496 36.55 14.01 14.76
CA TYR D 496 35.20 13.48 14.97
C TYR D 496 35.16 12.67 16.27
N THR D 497 35.07 13.36 17.40
CA THR D 497 34.92 12.58 18.62
C THR D 497 33.48 12.12 18.80
N ASN D 498 32.57 13.07 19.02
CA ASN D 498 31.17 12.74 19.33
C ASN D 498 30.43 12.20 18.12
N GLU D 499 30.78 12.70 16.94
CA GLU D 499 30.13 12.34 15.69
C GLU D 499 30.47 10.94 15.19
N GLY E 10 18.37 12.06 21.63
CA GLY E 10 19.02 12.51 20.42
C GLY E 10 18.66 13.94 20.03
N CYS E 11 17.62 14.47 20.67
CA CYS E 11 17.14 15.81 20.38
C CYS E 11 16.84 16.57 21.66
N PHE E 12 17.01 17.89 21.60
CA PHE E 12 16.83 18.76 22.76
C PHE E 12 15.95 19.93 22.36
N VAL E 13 15.06 20.33 23.25
CA VAL E 13 14.10 21.39 23.01
C VAL E 13 14.42 22.62 23.86
N TYR E 14 14.37 23.79 23.24
CA TYR E 14 14.47 25.06 23.94
C TYR E 14 13.22 25.90 23.69
N LYS E 15 12.04 25.38 24.04
CA LYS E 15 10.78 26.08 23.77
C LYS E 15 10.69 27.39 24.55
N ASN E 16 10.24 28.46 23.87
CA ASN E 16 10.19 29.80 24.47
C ASN E 16 8.87 30.52 24.11
N GLY E 17 7.79 30.11 24.76
CA GLY E 17 6.50 30.75 24.56
C GLY E 17 5.68 30.42 23.33
N ALA E 18 5.96 29.32 22.63
CA ALA E 18 5.12 28.91 21.51
C ALA E 18 3.72 28.55 21.97
N THR E 19 2.71 29.03 21.24
CA THR E 19 1.31 28.88 21.63
C THR E 19 0.53 27.99 20.66
N ARG E 20 -0.69 28.41 20.32
CA ARG E 20 -1.57 27.63 19.46
C ARG E 20 -2.61 28.50 18.77
N SER E 38 11.33 38.20 10.12
CA SER E 38 11.26 39.38 10.96
C SER E 38 12.07 39.20 12.23
N LEU E 39 13.17 38.44 12.16
CA LEU E 39 14.01 38.25 13.33
C LEU E 39 14.72 39.53 13.73
N LEU E 40 15.01 40.40 12.78
CA LEU E 40 15.75 41.62 13.08
C LEU E 40 14.84 42.63 13.75
N GLY E 41 15.44 43.50 14.55
CA GLY E 41 14.70 44.49 15.30
C GLY E 41 14.42 45.72 14.47
N LYS E 42 13.97 46.76 15.17
CA LYS E 42 13.63 48.02 14.51
C LYS E 42 14.85 48.73 13.95
N GLU E 43 16.04 48.52 14.54
CA GLU E 43 17.23 49.28 14.16
C GLU E 43 17.67 48.93 12.75
N VAL E 44 17.52 47.67 12.34
CA VAL E 44 18.02 47.23 11.04
C VAL E 44 17.00 47.63 9.97
N VAL E 45 15.72 47.44 10.27
CA VAL E 45 14.63 47.74 9.32
C VAL E 45 14.56 49.25 9.09
N GLN E 46 14.91 50.05 10.11
CA GLN E 46 14.87 51.49 9.97
C GLN E 46 16.06 52.02 9.19
N GLN E 47 17.06 51.18 8.93
CA GLN E 47 18.14 51.57 8.05
C GLN E 47 17.57 51.66 6.65
N PRO E 48 18.03 52.63 5.85
CA PRO E 48 17.51 52.76 4.47
C PRO E 48 17.72 51.54 3.59
N PHE E 49 18.79 50.77 3.79
CA PHE E 49 19.07 49.69 2.86
C PHE E 49 18.06 48.56 2.97
N TYR E 50 17.57 48.25 4.17
CA TYR E 50 16.51 47.26 4.25
C TYR E 50 15.21 47.73 3.62
N GLU E 51 14.89 49.02 3.71
CA GLU E 51 13.66 49.51 3.10
C GLU E 51 13.75 49.46 1.59
N GLU E 52 14.86 49.98 1.04
CA GLU E 52 15.04 49.96 -0.40
C GLU E 52 15.25 48.57 -0.96
N TYR E 53 15.89 47.68 -0.21
CA TYR E 53 16.03 46.29 -0.63
C TYR E 53 14.71 45.58 -0.66
N ARG E 54 13.86 45.79 0.36
CA ARG E 54 12.54 45.18 0.35
C ARG E 54 11.69 45.72 -0.78
N LYS E 55 11.84 47.01 -1.10
CA LYS E 55 11.07 47.60 -2.19
C LYS E 55 11.49 47.05 -3.55
N ALA E 56 12.80 47.03 -3.82
CA ALA E 56 13.29 46.49 -5.09
C ALA E 56 13.01 45.00 -5.23
N TRP E 57 13.08 44.25 -4.12
CA TRP E 57 12.82 42.82 -4.20
C TRP E 57 11.34 42.57 -4.43
N ASN E 58 10.48 43.37 -3.80
CA ASN E 58 9.04 43.26 -4.00
C ASN E 58 8.68 43.62 -5.43
N GLN E 59 9.40 44.60 -6.01
CA GLN E 59 9.15 44.98 -7.40
C GLN E 59 9.49 43.85 -8.35
N ILE E 60 10.66 43.25 -8.18
CA ILE E 60 11.11 42.19 -9.07
C ILE E 60 10.22 40.96 -8.93
N ASN E 61 9.78 40.68 -7.69
CA ASN E 61 8.96 39.50 -7.44
C ASN E 61 7.54 39.68 -8.00
N ASP E 62 6.95 40.87 -7.85
CA ASP E 62 5.63 41.10 -8.44
C ASP E 62 5.68 41.10 -9.96
N HIS E 63 6.79 41.56 -10.53
CA HIS E 63 6.93 41.55 -11.98
C HIS E 63 7.06 40.14 -12.53
N ILE E 64 7.80 39.27 -11.83
CA ILE E 64 7.92 37.89 -12.28
C ILE E 64 6.59 37.16 -12.15
N ALA E 65 5.82 37.45 -11.09
CA ALA E 65 4.50 36.85 -10.97
C ALA E 65 3.52 37.33 -12.06
N ASP E 66 3.60 38.61 -12.43
CA ASP E 66 2.76 39.12 -13.50
C ASP E 66 3.11 38.51 -14.86
N LEU E 67 4.41 38.30 -15.10
CA LEU E 67 4.83 37.67 -16.36
C LEU E 67 4.39 36.20 -16.42
N GLN E 68 4.47 35.48 -15.29
CA GLN E 68 4.04 34.09 -15.29
C GLN E 68 2.54 33.96 -15.47
N HIS E 69 1.74 34.89 -14.91
CA HIS E 69 0.30 34.79 -15.13
C HIS E 69 -0.08 35.10 -16.57
N ARG E 70 0.58 36.10 -17.18
CA ARG E 70 0.32 36.40 -18.58
C ARG E 70 0.83 35.29 -19.50
N SER E 71 1.84 34.52 -19.07
CA SER E 71 2.25 33.36 -19.85
C SER E 71 1.28 32.20 -19.72
N TYR E 72 0.73 31.97 -18.53
CA TYR E 72 -0.11 30.82 -18.30
C TYR E 72 -1.56 30.97 -18.76
N ALA E 73 -2.04 32.19 -19.04
CA ALA E 73 -3.49 32.40 -19.21
C ALA E 73 -4.08 31.61 -20.38
N ARG E 74 -3.31 31.36 -21.43
CA ARG E 74 -3.82 30.60 -22.58
C ARG E 74 -4.04 29.13 -22.25
N THR E 75 -3.04 28.50 -21.62
CA THR E 75 -3.17 27.10 -21.20
C THR E 75 -4.23 26.96 -20.11
N LEU E 76 -4.40 28.01 -19.31
CA LEU E 76 -5.47 28.04 -18.32
C LEU E 76 -6.83 28.03 -18.99
N GLU E 77 -6.99 28.85 -20.04
CA GLU E 77 -8.25 28.86 -20.78
C GLU E 77 -8.52 27.53 -21.47
N GLN E 78 -7.48 26.88 -21.97
CA GLN E 78 -7.69 25.58 -22.61
C GLN E 78 -8.09 24.51 -21.61
N LEU E 79 -7.49 24.53 -20.41
CA LEU E 79 -7.85 23.54 -19.40
C LEU E 79 -9.26 23.77 -18.85
N VAL E 80 -9.64 25.04 -18.62
CA VAL E 80 -10.98 25.33 -18.13
C VAL E 80 -12.02 24.98 -19.20
N ASP E 81 -11.70 25.22 -20.49
CA ASP E 81 -12.62 24.83 -21.54
C ASP E 81 -12.77 23.31 -21.62
N PHE E 82 -11.70 22.55 -21.33
CA PHE E 82 -11.87 21.09 -21.29
C PHE E 82 -12.73 20.63 -20.13
N VAL E 83 -12.55 21.21 -18.95
CA VAL E 83 -13.36 20.78 -17.80
C VAL E 83 -14.82 21.19 -17.95
N VAL E 84 -15.10 22.41 -18.43
CA VAL E 84 -16.48 22.81 -18.64
C VAL E 84 -17.15 22.03 -19.76
N GLY E 85 -16.39 21.65 -20.79
CA GLY E 85 -16.98 20.84 -21.85
C GLY E 85 -17.27 19.42 -21.43
N GLN E 86 -16.43 18.85 -20.57
CA GLN E 86 -16.79 17.58 -19.95
C GLN E 86 -17.98 17.73 -19.00
N ALA E 87 -18.09 18.88 -18.35
CA ALA E 87 -19.21 19.14 -17.44
C ALA E 87 -20.54 19.27 -18.17
N GLU E 88 -20.53 19.72 -19.43
CA GLU E 88 -21.79 19.83 -20.16
C GLU E 88 -22.45 18.48 -20.46
N ARG E 89 -21.67 17.42 -20.64
CA ARG E 89 -22.27 16.14 -21.00
C ARG E 89 -22.90 15.44 -19.80
N GLU E 94 -17.57 3.45 -16.72
CA GLU E 94 -17.39 4.50 -17.72
C GLU E 94 -15.99 5.09 -17.67
N VAL E 95 -15.47 5.46 -18.84
CA VAL E 95 -14.18 6.12 -18.94
C VAL E 95 -14.22 7.49 -18.26
N LEU E 96 -13.22 7.80 -17.45
CA LEU E 96 -13.12 9.15 -16.94
C LEU E 96 -12.45 10.02 -18.00
N PRO E 97 -13.00 11.18 -18.34
CA PRO E 97 -12.23 12.13 -19.15
C PRO E 97 -10.99 12.58 -18.39
N THR E 98 -9.90 12.77 -19.11
CA THR E 98 -8.65 13.15 -18.48
C THR E 98 -7.73 13.86 -19.45
N ALA E 99 -6.99 14.84 -18.94
CA ALA E 99 -6.19 15.74 -19.77
C ALA E 99 -4.80 15.76 -19.17
N ALA E 100 -3.86 15.10 -19.83
CA ALA E 100 -2.46 15.18 -19.44
C ALA E 100 -1.91 16.56 -19.78
N LEU E 101 -1.08 17.08 -18.88
CA LEU E 101 -0.45 18.38 -19.06
C LEU E 101 1.04 18.09 -19.03
N LEU E 102 1.67 18.14 -20.20
CA LEU E 102 3.07 17.78 -20.41
C LEU E 102 3.96 18.92 -19.93
N THR E 103 4.14 18.98 -18.63
CA THR E 103 4.95 20.02 -18.03
C THR E 103 6.41 19.60 -18.04
N GLY E 104 7.24 20.53 -17.57
CA GLY E 104 8.67 20.45 -17.67
C GLY E 104 9.24 19.49 -16.67
N ILE E 105 10.57 19.37 -16.70
CA ILE E 105 11.28 18.42 -15.84
C ILE E 105 11.05 18.76 -14.37
N ASN E 106 10.96 20.05 -14.04
CA ASN E 106 10.94 20.48 -12.65
C ASN E 106 9.52 20.84 -12.23
N GLN E 107 8.92 19.97 -11.42
CA GLN E 107 7.53 20.17 -10.98
C GLN E 107 7.24 21.46 -10.23
N PRO E 108 8.01 21.91 -9.20
CA PRO E 108 7.50 22.95 -8.28
C PRO E 108 7.18 24.30 -8.93
N ASP E 109 7.75 24.63 -10.09
CA ASP E 109 7.37 25.89 -10.71
C ASP E 109 5.90 25.87 -11.10
N HIS E 110 5.40 24.69 -11.47
CA HIS E 110 4.08 24.53 -12.05
C HIS E 110 3.00 24.34 -10.98
N LEU E 111 3.40 24.21 -9.72
CA LEU E 111 2.43 24.16 -8.64
C LEU E 111 1.66 25.46 -8.49
N SER E 112 2.31 26.59 -8.76
CA SER E 112 1.60 27.87 -8.82
C SER E 112 0.63 27.93 -9.98
N GLN E 113 0.96 27.25 -11.09
CA GLN E 113 0.07 27.17 -12.24
C GLN E 113 -1.18 26.38 -11.89
N PHE E 114 -0.98 25.26 -11.19
CA PHE E 114 -2.09 24.44 -10.73
C PHE E 114 -2.91 25.20 -9.69
N THR E 115 -2.25 26.05 -8.91
CA THR E 115 -2.95 26.90 -7.95
C THR E 115 -3.82 27.93 -8.65
N ALA E 116 -3.32 28.48 -9.77
CA ALA E 116 -4.14 29.37 -10.59
C ALA E 116 -5.32 28.64 -11.22
N LEU E 117 -5.12 27.36 -11.54
CA LEU E 117 -6.22 26.57 -12.06
C LEU E 117 -7.30 26.37 -11.00
N THR E 118 -6.88 26.11 -9.75
CA THR E 118 -7.85 26.05 -8.65
C THR E 118 -8.54 27.38 -8.41
N GLN E 119 -7.81 28.49 -8.60
CA GLN E 119 -8.38 29.81 -8.41
C GLN E 119 -9.45 30.11 -9.46
N ARG E 120 -9.20 29.71 -10.70
CA ARG E 120 -10.18 29.93 -11.76
C ARG E 120 -11.38 29.01 -11.63
N LEU E 121 -11.16 27.75 -11.27
CA LEU E 121 -12.26 26.83 -11.09
C LEU E 121 -13.11 27.17 -9.88
N HIS E 122 -12.53 27.82 -8.87
CA HIS E 122 -13.37 28.29 -7.79
C HIS E 122 -14.09 29.59 -8.16
N ALA E 123 -13.45 30.46 -8.94
CA ALA E 123 -14.11 31.69 -9.33
C ALA E 123 -15.28 31.47 -10.28
N GLN E 124 -15.20 30.48 -11.15
CA GLN E 124 -16.29 30.18 -12.07
C GLN E 124 -17.37 29.27 -11.51
N ARG E 125 -17.19 28.70 -10.31
CA ARG E 125 -18.06 27.67 -9.71
C ARG E 125 -18.20 26.45 -10.61
N ALA E 126 -17.17 26.14 -11.40
CA ALA E 126 -17.25 25.02 -12.32
C ALA E 126 -16.75 23.71 -11.73
N ALA E 127 -15.89 23.74 -10.72
CA ALA E 127 -15.23 22.53 -10.25
C ALA E 127 -14.65 22.76 -8.86
N MET E 128 -14.20 21.67 -8.25
CA MET E 128 -13.40 21.72 -7.04
C MET E 128 -12.24 20.75 -7.19
N VAL E 129 -11.10 21.10 -6.60
CA VAL E 129 -9.83 20.47 -6.93
C VAL E 129 -9.25 19.79 -5.71
N CYS E 130 -8.81 18.56 -5.86
CA CYS E 130 -7.89 17.92 -4.92
C CYS E 130 -6.53 17.72 -5.57
N VAL E 131 -5.47 18.06 -4.85
CA VAL E 131 -4.12 17.92 -5.34
C VAL E 131 -3.46 16.73 -4.63
N LEU E 132 -3.24 15.63 -5.36
CA LEU E 132 -2.66 14.42 -4.80
C LEU E 132 -1.15 14.42 -5.03
N GLN E 133 -0.40 14.84 -4.02
CA GLN E 133 1.04 14.71 -4.05
C GLN E 133 1.44 13.25 -3.87
N SER E 134 2.61 12.90 -4.42
CA SER E 134 3.12 11.54 -4.35
C SER E 134 3.50 11.12 -2.94
N ARG E 135 3.81 12.08 -2.08
CA ARG E 135 4.14 11.77 -0.68
C ARG E 135 2.93 11.24 0.09
N ASP E 136 1.72 11.61 -0.32
CA ASP E 136 0.49 11.18 0.34
C ASP E 136 0.03 9.80 -0.06
N CYS E 137 0.66 9.19 -1.07
CA CYS E 137 0.12 7.94 -1.59
C CYS E 137 1.13 6.81 -1.55
N ALA E 138 1.61 6.47 -0.35
CA ALA E 138 2.46 5.29 -0.22
C ALA E 138 1.65 4.02 -0.46
N THR E 139 0.35 4.07 -0.15
CA THR E 139 -0.58 2.96 -0.31
C THR E 139 -1.87 3.52 -0.89
N LEU E 140 -2.72 2.62 -1.37
CA LEU E 140 -4.00 3.02 -1.94
C LEU E 140 -4.91 3.65 -0.89
N LYS E 141 -4.82 3.16 0.35
CA LYS E 141 -5.64 3.68 1.44
C LYS E 141 -5.31 5.13 1.74
N ALA E 142 -4.03 5.46 1.87
CA ALA E 142 -3.64 6.85 2.13
C ALA E 142 -3.99 7.76 0.97
N ALA E 143 -3.93 7.24 -0.26
CA ALA E 143 -4.29 8.04 -1.42
C ALA E 143 -5.78 8.36 -1.45
N VAL E 144 -6.62 7.37 -1.15
CA VAL E 144 -8.06 7.62 -1.10
C VAL E 144 -8.41 8.58 0.04
N GLU E 145 -7.71 8.45 1.17
CA GLU E 145 -8.01 9.32 2.31
C GLU E 145 -7.63 10.77 2.03
N THR E 146 -6.42 10.99 1.50
CA THR E 146 -6.04 12.36 1.14
C THR E 146 -6.87 12.93 0.00
N LEU E 147 -7.34 12.08 -0.94
CA LEU E 147 -8.19 12.59 -2.02
C LEU E 147 -9.54 13.07 -1.49
N VAL E 148 -10.21 12.22 -0.71
CA VAL E 148 -11.53 12.60 -0.19
C VAL E 148 -11.42 13.76 0.79
N PHE E 149 -10.36 13.76 1.61
CA PHE E 149 -10.14 14.85 2.55
C PHE E 149 -9.84 16.15 1.84
N GLY E 150 -9.10 16.09 0.73
CA GLY E 150 -8.80 17.30 0.01
C GLY E 150 -10.01 17.87 -0.70
N LEU E 151 -10.88 16.99 -1.25
CA LEU E 151 -12.10 17.48 -1.88
C LEU E 151 -13.08 18.07 -0.86
N VAL E 152 -13.26 17.44 0.30
CA VAL E 152 -14.22 17.94 1.27
C VAL E 152 -13.74 19.25 1.90
N GLU E 153 -12.47 19.30 2.33
CA GLU E 153 -11.94 20.57 2.87
C GLU E 153 -11.78 21.64 1.79
N ASP E 154 -11.62 21.26 0.53
CA ASP E 154 -11.56 22.27 -0.53
C ASP E 154 -12.92 22.93 -0.73
N ASN E 155 -14.00 22.13 -0.72
CA ASN E 155 -15.32 22.73 -0.74
C ASN E 155 -15.61 23.50 0.55
N ALA E 156 -15.04 23.06 1.67
CA ALA E 156 -15.21 23.83 2.90
C ALA E 156 -14.50 25.19 2.82
N GLU E 157 -13.37 25.26 2.11
CA GLU E 157 -12.67 26.54 2.01
C GLU E 157 -13.16 27.42 0.86
N VAL E 158 -13.89 26.87 -0.12
CA VAL E 158 -14.53 27.76 -1.10
C VAL E 158 -15.67 28.53 -0.44
N GLU E 159 -16.46 27.86 0.40
CA GLU E 159 -17.61 28.47 1.06
C GLU E 159 -17.21 28.94 2.44
N ARG E 177 -13.68 19.87 11.86
CA ARG E 177 -12.73 18.92 11.28
C ARG E 177 -13.08 17.48 11.59
N LEU E 178 -13.75 16.81 10.64
CA LEU E 178 -13.97 15.38 10.80
C LEU E 178 -12.65 14.65 10.58
N ARG E 179 -12.52 13.48 11.20
CA ARG E 179 -11.29 12.71 11.06
C ARG E 179 -11.09 12.14 9.67
N ARG E 180 -9.81 12.05 9.29
CA ARG E 180 -9.36 11.45 8.03
C ARG E 180 -9.52 9.95 8.01
N SER E 181 -9.68 9.31 9.16
CA SER E 181 -9.90 7.88 9.24
C SER E 181 -11.24 7.45 8.67
N GLN E 182 -12.24 8.33 8.65
CA GLN E 182 -13.58 7.94 8.23
C GLN E 182 -13.96 8.56 6.89
N CYS E 183 -12.98 9.07 6.14
CA CYS E 183 -13.26 9.68 4.83
C CYS E 183 -13.32 8.62 3.73
N THR E 184 -14.35 7.77 3.83
CA THR E 184 -14.58 6.74 2.84
C THR E 184 -15.13 7.37 1.56
N MET E 185 -14.91 6.68 0.44
CA MET E 185 -15.50 7.10 -0.82
C MET E 185 -17.02 7.06 -0.80
N LYS E 186 -17.61 6.17 0.01
CA LYS E 186 -19.07 6.18 0.15
C LYS E 186 -19.57 7.46 0.83
N GLN E 187 -18.83 7.97 1.81
CA GLN E 187 -19.21 9.24 2.42
C GLN E 187 -19.01 10.40 1.46
N LEU E 188 -18.02 10.31 0.58
CA LEU E 188 -17.83 11.32 -0.45
C LEU E 188 -18.98 11.31 -1.44
N LYS E 189 -19.48 10.11 -1.76
CA LYS E 189 -20.63 9.96 -2.63
C LYS E 189 -21.89 10.53 -1.99
N SER E 190 -22.11 10.23 -0.70
CA SER E 190 -23.29 10.75 -0.02
C SER E 190 -23.24 12.25 0.15
N TRP E 191 -22.04 12.81 0.36
CA TRP E 191 -21.89 14.25 0.49
C TRP E 191 -22.11 14.95 -0.84
N TYR E 192 -21.64 14.33 -1.93
CA TYR E 192 -21.87 14.88 -3.26
C TYR E 192 -23.35 14.80 -3.65
N THR E 193 -24.04 13.73 -3.27
CA THR E 193 -25.48 13.67 -3.51
C THR E 193 -26.23 14.68 -2.65
N ASN E 194 -25.72 14.92 -1.44
CA ASN E 194 -26.30 15.90 -0.52
C ASN E 194 -26.14 17.32 -1.04
N ASN E 195 -25.06 17.60 -1.78
CA ASN E 195 -24.82 18.97 -2.21
C ASN E 195 -25.15 19.31 -3.66
N PHE E 196 -24.30 18.89 -4.59
CA PHE E 196 -24.25 19.47 -5.93
C PHE E 196 -25.13 18.76 -6.96
N ASP E 197 -25.90 17.75 -6.57
CA ASP E 197 -26.87 17.19 -7.50
C ASP E 197 -27.99 18.18 -7.81
N SER E 198 -28.27 19.09 -6.88
CA SER E 198 -29.29 20.11 -7.10
C SER E 198 -28.86 21.12 -8.17
N ARG E 202 -23.29 21.13 -12.39
CA ARG E 202 -22.54 20.14 -11.64
C ARG E 202 -21.06 20.47 -11.57
N ARG E 203 -20.55 20.61 -10.35
CA ARG E 203 -19.12 20.79 -10.15
C ARG E 203 -18.34 19.55 -10.56
N GLN E 204 -17.25 19.77 -11.29
CA GLN E 204 -16.37 18.67 -11.59
C GLN E 204 -15.45 18.45 -10.39
N LEU E 205 -14.95 17.23 -10.26
CA LEU E 205 -14.05 16.89 -9.17
C LEU E 205 -12.65 16.65 -9.74
N VAL E 206 -11.97 17.76 -10.02
CA VAL E 206 -10.64 17.67 -10.62
C VAL E 206 -9.65 17.10 -9.61
N VAL E 207 -8.76 16.23 -10.07
CA VAL E 207 -7.79 15.57 -9.22
C VAL E 207 -6.43 15.76 -9.91
N ILE E 208 -5.72 16.80 -9.51
CA ILE E 208 -4.36 17.00 -10.02
C ILE E 208 -3.43 15.95 -9.42
N LEU E 209 -2.53 15.43 -10.24
CA LEU E 209 -1.44 14.55 -9.80
C LEU E 209 -0.16 15.14 -10.33
N PRO E 210 0.37 16.16 -9.65
CA PRO E 210 1.54 16.91 -10.16
C PRO E 210 2.80 16.12 -10.42
N ASP E 211 3.09 15.08 -9.64
CA ASP E 211 4.35 14.34 -9.77
C ASP E 211 4.04 12.89 -10.16
N PHE E 212 3.63 12.72 -11.41
CA PHE E 212 3.12 11.44 -11.90
C PHE E 212 4.18 10.34 -11.90
N GLU E 213 5.44 10.69 -12.17
CA GLU E 213 6.54 9.72 -12.15
C GLU E 213 6.94 9.29 -10.74
N CYS E 214 6.63 10.07 -9.71
CA CYS E 214 7.14 9.68 -8.41
C CYS E 214 6.23 8.66 -7.74
N PHE E 215 5.09 8.38 -8.36
CA PHE E 215 4.16 7.41 -7.83
C PHE E 215 4.69 6.01 -8.02
N ASN E 216 4.32 5.14 -7.10
CA ASN E 216 4.43 3.71 -7.29
C ASN E 216 3.47 3.30 -8.39
N ALA E 217 3.89 2.33 -9.21
CA ALA E 217 3.12 2.01 -10.41
C ALA E 217 1.83 1.28 -10.04
N SER E 218 1.93 0.33 -9.13
CA SER E 218 0.74 -0.43 -8.72
C SER E 218 -0.24 0.46 -7.99
N VAL E 219 0.28 1.40 -7.19
CA VAL E 219 -0.58 2.35 -6.48
C VAL E 219 -1.29 3.28 -7.46
N LEU E 220 -0.59 3.68 -8.52
CA LEU E 220 -1.20 4.54 -9.54
C LEU E 220 -2.28 3.79 -10.32
N GLN E 221 -2.01 2.52 -10.65
CA GLN E 221 -2.98 1.75 -11.41
C GLN E 221 -4.22 1.45 -10.57
N ASP E 222 -4.01 1.19 -9.27
CA ASP E 222 -5.13 1.00 -8.37
C ASP E 222 -5.92 2.29 -8.18
N LEU E 223 -5.23 3.43 -8.18
CA LEU E 223 -5.93 4.71 -8.07
C LEU E 223 -6.75 5.00 -9.31
N ILE E 224 -6.24 4.65 -10.47
CA ILE E 224 -6.99 4.88 -11.69
C ILE E 224 -8.20 3.95 -11.76
N LEU E 225 -8.05 2.69 -11.32
CA LEU E 225 -9.22 1.81 -11.29
C LEU E 225 -10.26 2.21 -10.25
N ILE E 226 -9.86 2.75 -9.09
CA ILE E 226 -10.88 3.20 -8.13
C ILE E 226 -11.60 4.44 -8.64
N LEU E 227 -10.87 5.41 -9.20
CA LEU E 227 -11.54 6.59 -9.74
C LEU E 227 -12.39 6.27 -10.96
N SER E 228 -11.99 5.32 -11.80
CA SER E 228 -12.82 4.93 -12.93
C SER E 228 -14.05 4.15 -12.52
N ALA E 229 -14.00 3.43 -11.39
CA ALA E 229 -15.18 2.68 -10.96
C ALA E 229 -16.34 3.57 -10.54
N HIS E 230 -16.06 4.78 -10.06
CA HIS E 230 -17.10 5.65 -9.54
C HIS E 230 -17.59 6.68 -10.55
N CYS E 231 -17.16 6.56 -11.80
CA CYS E 231 -17.58 7.48 -12.84
C CYS E 231 -19.05 7.31 -13.17
N GLY E 232 -19.68 8.40 -13.59
CA GLY E 232 -21.11 8.38 -13.78
C GLY E 232 -21.78 8.95 -12.55
N SER E 233 -21.50 8.34 -11.40
CA SER E 233 -22.00 8.87 -10.14
C SER E 233 -21.20 10.08 -9.71
N LEU E 234 -19.88 10.02 -9.82
CA LEU E 234 -19.02 11.14 -9.46
C LEU E 234 -18.30 11.63 -10.70
N PRO E 235 -18.60 12.83 -11.19
CA PRO E 235 -17.89 13.34 -12.37
C PRO E 235 -16.47 13.71 -12.04
N PHE E 236 -15.55 12.90 -12.54
CA PHE E 236 -14.12 13.05 -12.31
C PHE E 236 -13.40 13.51 -13.57
N VAL E 237 -12.53 14.48 -13.40
CA VAL E 237 -11.54 14.88 -14.40
C VAL E 237 -10.20 14.64 -13.73
N LEU E 238 -9.27 14.06 -14.47
CA LEU E 238 -8.03 13.60 -13.89
C LEU E 238 -6.91 14.29 -14.63
N VAL E 239 -6.67 15.55 -14.31
CA VAL E 239 -5.51 16.21 -14.88
C VAL E 239 -4.27 15.61 -14.22
N LEU E 240 -3.20 15.55 -14.99
CA LEU E 240 -1.96 14.90 -14.59
C LEU E 240 -0.83 15.89 -14.77
N GLY E 241 0.34 15.50 -14.28
CA GLY E 241 1.50 16.35 -14.42
C GLY E 241 2.70 15.53 -14.83
N VAL E 242 2.66 15.01 -16.05
CA VAL E 242 3.74 14.16 -16.53
C VAL E 242 4.98 15.00 -16.74
N ALA E 243 6.12 14.44 -16.36
CA ALA E 243 7.40 15.12 -16.47
C ALA E 243 8.25 14.68 -17.65
N THR E 244 8.07 13.47 -18.15
CA THR E 244 8.93 12.98 -19.23
C THR E 244 8.28 13.23 -20.58
N ALA E 245 7.52 12.26 -21.06
CA ALA E 245 6.91 12.29 -22.37
C ALA E 245 5.67 11.42 -22.27
N MET E 246 4.83 11.45 -23.30
CA MET E 246 3.64 10.62 -23.24
C MET E 246 3.98 9.13 -23.35
N THR E 247 5.16 8.80 -23.89
CA THR E 247 5.61 7.42 -23.94
C THR E 247 5.85 6.82 -22.55
N ALA E 248 6.26 7.62 -21.55
CA ALA E 248 6.35 7.09 -20.19
C ALA E 248 4.98 6.74 -19.63
N VAL E 249 3.96 7.53 -19.98
CA VAL E 249 2.61 7.25 -19.52
C VAL E 249 2.08 6.00 -20.19
N HIS E 250 2.30 5.88 -21.49
CA HIS E 250 1.84 4.71 -22.21
C HIS E 250 2.64 3.46 -21.86
N GLY E 251 3.89 3.62 -21.43
CA GLY E 251 4.66 2.46 -21.01
C GLY E 251 4.42 1.99 -19.60
N THR E 252 4.08 2.89 -18.69
CA THR E 252 3.79 2.43 -17.34
C THR E 252 2.34 2.02 -17.17
N LEU E 253 1.46 2.39 -18.10
CA LEU E 253 0.06 2.02 -17.99
C LEU E 253 -0.29 0.90 -18.96
N PRO E 254 -0.67 -0.27 -18.46
CA PRO E 254 -1.09 -1.36 -19.34
C PRO E 254 -2.53 -1.23 -19.84
N TYR E 255 -3.01 -2.34 -20.39
CA TYR E 255 -4.30 -2.45 -21.06
C TYR E 255 -5.50 -2.10 -20.21
N HIS E 256 -5.62 -2.73 -19.05
CA HIS E 256 -6.80 -2.54 -18.23
C HIS E 256 -6.90 -1.16 -17.61
N VAL E 257 -5.79 -0.46 -17.39
CA VAL E 257 -5.94 0.88 -16.83
C VAL E 257 -6.22 1.92 -17.93
N SER E 258 -5.54 1.79 -19.08
CA SER E 258 -5.72 2.66 -20.24
C SER E 258 -6.95 2.38 -21.09
N SER E 259 -7.64 1.25 -20.89
CA SER E 259 -8.93 1.07 -21.55
C SER E 259 -9.98 2.06 -21.06
N LYS E 260 -9.84 2.59 -19.85
CA LYS E 260 -10.79 3.52 -19.27
C LYS E 260 -10.19 4.92 -19.10
N ILE E 261 -9.50 5.40 -20.11
CA ILE E 261 -8.82 6.69 -20.10
C ILE E 261 -9.09 7.33 -21.45
N ARG E 262 -9.48 8.61 -21.46
CA ARG E 262 -9.73 9.34 -22.70
C ARG E 262 -8.92 10.63 -22.69
N LEU E 263 -7.62 10.47 -22.54
CA LEU E 263 -6.73 11.58 -22.24
C LEU E 263 -6.44 12.44 -23.46
N ARG E 264 -6.18 13.72 -23.19
CA ARG E 264 -5.84 14.71 -24.20
C ARG E 264 -4.59 15.44 -23.73
N VAL E 265 -3.64 15.66 -24.64
CA VAL E 265 -2.33 16.19 -24.26
C VAL E 265 -2.34 17.69 -24.44
N PHE E 266 -1.92 18.42 -23.41
CA PHE E 266 -1.62 19.83 -23.52
C PHE E 266 -0.15 20.03 -23.25
N GLN E 267 0.39 21.12 -23.79
CA GLN E 267 1.82 21.39 -23.74
C GLN E 267 2.07 22.77 -23.15
N THR E 268 2.76 22.80 -22.01
CA THR E 268 3.24 24.04 -21.44
C THR E 268 4.47 24.52 -22.22
N GLN E 269 4.66 25.82 -22.20
CA GLN E 269 5.78 26.43 -22.91
C GLN E 269 7.11 26.02 -22.27
N ALA E 270 8.14 26.05 -23.10
CA ALA E 270 9.47 25.63 -22.72
C ALA E 270 10.11 26.55 -21.69
N ALA E 271 10.85 25.95 -20.78
CA ALA E 271 11.56 26.69 -19.74
C ALA E 271 12.59 27.68 -20.29
N PRO E 272 13.45 27.35 -21.28
CA PRO E 272 14.29 28.43 -21.87
C PRO E 272 13.49 29.55 -22.50
N THR E 273 12.31 29.26 -23.08
CA THR E 273 11.46 30.34 -23.58
C THR E 273 10.97 31.22 -22.43
N GLY E 274 10.70 30.62 -21.28
CA GLY E 274 10.29 31.40 -20.12
C GLY E 274 11.44 32.23 -19.56
N LEU E 275 12.65 31.66 -19.58
CA LEU E 275 13.82 32.43 -19.16
C LEU E 275 14.12 33.59 -20.10
N ASN E 276 13.98 33.37 -21.41
CA ASN E 276 14.23 34.45 -22.36
C ASN E 276 13.19 35.55 -22.24
N GLU E 277 11.93 35.19 -21.99
CA GLU E 277 10.91 36.20 -21.80
C GLU E 277 11.14 36.98 -20.50
N VAL E 278 11.54 36.28 -19.44
CA VAL E 278 11.81 36.94 -18.16
C VAL E 278 13.02 37.85 -18.26
N LEU E 279 14.08 37.40 -18.93
CA LEU E 279 15.27 38.24 -19.07
C LEU E 279 15.03 39.42 -19.98
N ASP E 280 14.19 39.29 -21.00
CA ASP E 280 13.98 40.44 -21.85
C ASP E 280 13.01 41.44 -21.22
N LYS E 281 12.06 40.99 -20.41
CA LYS E 281 11.09 41.94 -19.89
C LYS E 281 11.25 42.33 -18.44
N VAL E 282 12.17 41.74 -17.68
CA VAL E 282 12.24 42.13 -16.27
C VAL E 282 13.65 42.59 -15.90
N LEU E 283 14.63 41.70 -16.03
CA LEU E 283 15.98 42.06 -15.60
C LEU E 283 16.66 43.03 -16.55
N LEU E 284 16.18 43.15 -17.78
CA LEU E 284 16.68 44.15 -18.72
C LEU E 284 15.70 45.30 -18.90
N SER E 285 14.72 45.44 -18.02
CA SER E 285 13.79 46.55 -18.12
C SER E 285 14.53 47.85 -17.78
N PRO E 286 14.34 48.91 -18.57
CA PRO E 286 14.94 50.21 -18.21
C PRO E 286 14.52 50.78 -16.87
N LYS E 287 13.29 50.52 -16.42
CA LYS E 287 12.79 51.23 -15.26
C LYS E 287 13.40 50.75 -13.95
N TYR E 288 14.03 49.58 -13.92
CA TYR E 288 14.72 49.10 -12.74
C TYR E 288 16.16 49.58 -12.79
N ALA E 289 16.65 50.15 -11.70
CA ALA E 289 18.00 50.67 -11.67
C ALA E 289 19.09 49.66 -11.33
N PHE E 290 18.75 48.44 -10.89
CA PHE E 290 19.75 47.46 -10.53
C PHE E 290 20.02 46.49 -11.69
N HIS E 291 21.18 46.65 -12.32
CA HIS E 291 21.62 45.78 -13.40
C HIS E 291 22.70 44.83 -12.91
N LEU E 292 22.61 43.56 -13.32
CA LEU E 292 23.68 42.59 -13.07
C LEU E 292 24.86 42.80 -14.01
N SER E 293 26.04 42.44 -13.52
CA SER E 293 27.20 42.36 -14.39
C SER E 293 27.13 41.13 -15.29
N GLY E 294 27.90 41.18 -16.37
CA GLY E 294 27.89 40.11 -17.35
C GLY E 294 28.44 38.78 -16.86
N LYS E 295 29.38 38.81 -15.92
CA LYS E 295 29.87 37.55 -15.37
C LYS E 295 28.78 36.88 -14.54
N THR E 296 28.08 37.66 -13.73
CA THR E 296 26.97 37.13 -12.96
C THR E 296 25.80 36.71 -13.84
N PHE E 297 25.55 37.46 -14.90
CA PHE E 297 24.48 37.11 -15.83
C PHE E 297 24.76 35.80 -16.53
N LYS E 298 25.98 35.65 -17.05
CA LYS E 298 26.35 34.42 -17.73
C LYS E 298 26.42 33.24 -16.77
N PHE E 299 26.80 33.47 -15.52
CA PHE E 299 26.84 32.38 -14.56
C PHE E 299 25.44 31.90 -14.20
N LEU E 300 24.49 32.82 -14.03
CA LEU E 300 23.12 32.41 -13.70
C LEU E 300 22.43 31.75 -14.89
N THR E 301 22.59 32.30 -16.09
CA THR E 301 22.02 31.64 -17.26
C THR E 301 22.72 30.32 -17.56
N HIS E 302 24.00 30.19 -17.19
CA HIS E 302 24.69 28.92 -17.34
C HIS E 302 24.15 27.88 -16.37
N ILE E 303 23.79 28.31 -15.15
CA ILE E 303 23.13 27.41 -14.20
C ILE E 303 21.75 26.99 -14.70
N PHE E 304 21.02 27.90 -15.34
CA PHE E 304 19.69 27.52 -15.80
C PHE E 304 19.74 26.62 -17.03
N LEU E 305 20.57 26.96 -18.01
CA LEU E 305 20.53 26.21 -19.26
C LEU E 305 21.35 24.93 -19.20
N TYR E 306 22.38 24.89 -18.36
CA TYR E 306 23.31 23.78 -18.35
C TYR E 306 23.09 22.83 -17.18
N TYR E 307 22.13 23.10 -16.30
CA TYR E 307 21.96 22.22 -15.15
C TYR E 307 20.50 21.87 -14.89
N ASP E 308 19.69 22.81 -14.44
CA ASP E 308 18.31 22.51 -14.08
C ASP E 308 17.39 23.56 -14.68
N PHE E 309 16.25 23.10 -15.19
CA PHE E 309 15.24 24.00 -15.72
C PHE E 309 14.25 24.53 -14.68
N SER E 310 14.79 25.11 -13.61
CA SER E 310 14.02 25.72 -12.53
C SER E 310 14.11 27.24 -12.66
N ILE E 311 12.98 27.90 -12.93
CA ILE E 311 12.99 29.37 -12.88
C ILE E 311 13.24 29.85 -11.44
N HIS E 312 12.75 29.09 -10.45
CA HIS E 312 12.85 29.46 -9.05
C HIS E 312 14.29 29.46 -8.56
N GLY E 313 15.13 28.55 -9.06
CA GLY E 313 16.53 28.59 -8.67
C GLY E 313 17.26 29.77 -9.24
N PHE E 314 16.88 30.19 -10.45
CA PHE E 314 17.41 31.42 -11.02
C PHE E 314 16.97 32.65 -10.23
N ILE E 315 15.72 32.65 -9.75
CA ILE E 315 15.22 33.77 -8.93
C ILE E 315 15.95 33.81 -7.59
N GLN E 316 16.20 32.64 -6.98
CA GLN E 316 16.93 32.61 -5.72
C GLN E 316 18.39 33.01 -5.89
N GLY E 317 19.02 32.69 -7.02
CA GLY E 317 20.39 33.14 -7.22
C GLY E 317 20.46 34.64 -7.46
N PHE E 318 19.48 35.18 -8.19
CA PHE E 318 19.39 36.62 -8.34
C PHE E 318 19.04 37.32 -7.03
N LYS E 319 18.26 36.67 -6.17
CA LYS E 319 17.94 37.22 -4.87
C LYS E 319 19.16 37.25 -3.96
N TYR E 320 19.98 36.20 -3.99
CA TYR E 320 21.24 36.23 -3.24
C TYR E 320 22.19 37.29 -3.76
N CYS E 321 22.17 37.53 -5.08
CA CYS E 321 22.99 38.59 -5.66
C CYS E 321 22.51 39.95 -5.18
N LEU E 322 21.19 40.16 -5.18
CA LEU E 322 20.60 41.41 -4.72
C LEU E 322 20.85 41.61 -3.23
N MET E 323 20.88 40.52 -2.45
CA MET E 323 21.13 40.65 -1.02
C MET E 323 22.57 41.04 -0.74
N GLU E 324 23.54 40.38 -1.40
CA GLU E 324 24.95 40.75 -1.21
C GLU E 324 25.22 42.15 -1.76
N HIS E 325 24.44 42.62 -2.75
CA HIS E 325 24.62 44.01 -3.16
C HIS E 325 24.08 44.94 -2.08
N PHE E 326 22.85 44.73 -1.64
CA PHE E 326 22.21 45.70 -0.76
C PHE E 326 22.62 45.61 0.70
N PHE E 327 23.28 44.55 1.15
CA PHE E 327 23.60 44.48 2.57
C PHE E 327 24.94 45.06 2.97
N GLY E 328 25.60 45.79 2.09
CA GLY E 328 26.82 46.45 2.51
C GLY E 328 26.64 47.78 3.20
N GLY E 329 25.42 48.31 3.26
CA GLY E 329 25.20 49.56 3.96
C GLY E 329 24.28 50.51 3.21
N ASN E 330 24.05 51.70 3.76
CA ASN E 330 23.18 52.72 3.17
C ASN E 330 23.78 53.33 1.91
N ALA E 331 25.10 53.20 1.74
CA ALA E 331 25.71 53.59 0.48
C ALA E 331 25.16 52.80 -0.69
N PHE E 332 24.77 51.55 -0.47
CA PHE E 332 24.03 50.78 -1.45
C PHE E 332 22.54 51.06 -1.43
N ALA E 333 22.05 51.78 -0.42
CA ALA E 333 20.69 52.30 -0.40
C ALA E 333 20.53 53.57 -1.21
N LEU E 334 21.62 54.15 -1.70
CA LEU E 334 21.47 55.19 -2.72
C LEU E 334 20.80 54.70 -4.02
N CYS E 335 20.87 53.41 -4.35
CA CYS E 335 20.51 52.90 -5.68
C CYS E 335 19.00 52.70 -5.87
N THR E 336 18.29 53.80 -6.17
CA THR E 336 16.94 53.75 -6.77
C THR E 336 16.55 54.92 -7.66
N ASP E 337 15.25 55.21 -7.69
CA ASP E 337 14.66 56.28 -8.47
C ASP E 337 15.06 57.64 -7.92
N TYR E 338 15.03 58.64 -8.80
CA TYR E 338 15.83 59.86 -8.62
C TYR E 338 15.38 60.70 -7.43
N SER E 339 14.06 60.79 -7.18
CA SER E 339 13.58 61.69 -6.13
C SER E 339 13.83 61.15 -4.73
N LYS E 340 13.50 59.87 -4.52
CA LYS E 340 13.84 59.23 -3.25
C LYS E 340 15.35 59.09 -3.08
N ALA E 341 16.10 59.02 -4.19
CA ALA E 341 17.55 59.04 -4.09
C ALA E 341 18.04 60.39 -3.59
N LEU E 342 17.42 61.49 -4.04
CA LEU E 342 17.80 62.80 -3.52
C LEU E 342 17.44 62.93 -2.04
N GLY E 343 16.33 62.32 -1.63
CA GLY E 343 16.00 62.27 -0.22
C GLY E 343 17.01 61.45 0.56
N ARG E 344 17.54 60.39 -0.05
CA ARG E 344 18.58 59.59 0.58
C ARG E 344 19.87 60.37 0.71
N ILE E 345 20.23 61.16 -0.31
CA ILE E 345 21.43 61.99 -0.21
C ILE E 345 21.28 63.03 0.88
N LYS E 346 20.06 63.55 1.07
CA LYS E 346 19.86 64.44 2.20
C LYS E 346 19.82 63.67 3.51
N GLN E 347 19.61 62.34 3.47
CA GLN E 347 19.62 61.54 4.67
C GLN E 347 21.01 61.08 5.12
N LEU E 348 22.02 61.11 4.25
CA LEU E 348 23.22 60.27 4.43
C LEU E 348 24.04 60.63 5.66
N THR E 349 24.74 59.63 6.18
CA THR E 349 25.63 59.80 7.32
C THR E 349 27.06 60.00 6.82
N HIS E 350 28.04 59.23 7.28
CA HIS E 350 29.43 59.43 6.89
C HIS E 350 30.16 58.15 6.47
N GLU E 351 29.79 57.03 7.07
CA GLU E 351 30.38 55.74 6.69
C GLU E 351 30.02 55.40 5.25
N ASP E 352 28.83 55.77 4.82
CA ASP E 352 28.44 55.63 3.43
C ASP E 352 29.27 56.54 2.53
N MET E 353 29.66 57.72 3.00
CA MET E 353 30.56 58.56 2.22
C MET E 353 31.95 57.94 2.09
N GLU E 354 32.45 57.33 3.16
CA GLU E 354 33.77 56.70 3.07
C GLU E 354 33.77 55.46 2.18
N THR E 355 32.70 54.67 2.19
CA THR E 355 32.68 53.49 1.34
C THR E 355 32.17 53.79 -0.06
N ILE E 356 31.64 54.99 -0.31
CA ILE E 356 31.44 55.44 -1.68
C ILE E 356 32.74 56.07 -2.18
N ARG E 357 33.62 56.46 -1.27
CA ARG E 357 34.96 56.81 -1.74
C ARG E 357 35.75 55.53 -2.01
N ARG E 358 35.42 54.44 -1.30
CA ARG E 358 36.21 53.21 -1.39
C ARG E 358 35.96 52.37 -2.64
N LEU E 359 34.87 52.59 -3.38
CA LEU E 359 34.59 51.71 -4.50
C LEU E 359 35.53 51.99 -5.68
N PRO E 360 35.93 50.94 -6.43
CA PRO E 360 37.01 51.10 -7.44
C PRO E 360 36.74 52.09 -8.55
N SER E 361 35.48 52.25 -8.97
CA SER E 361 35.16 53.11 -10.10
C SER E 361 35.24 54.59 -9.74
N PHE E 362 35.25 54.90 -8.46
CA PHE E 362 35.42 56.26 -8.00
C PHE E 362 36.82 56.76 -8.31
N ARG E 363 37.79 55.84 -8.31
CA ARG E 363 39.19 56.18 -8.53
C ARG E 363 39.53 56.79 -9.91
N PRO E 364 39.09 56.27 -11.07
CA PRO E 364 39.29 57.05 -12.30
C PRO E 364 38.64 58.41 -12.33
N TYR E 365 37.49 58.57 -11.66
CA TYR E 365 36.78 59.84 -11.63
C TYR E 365 37.56 60.93 -10.89
N VAL E 366 38.30 60.54 -9.87
CA VAL E 366 39.14 61.50 -9.18
C VAL E 366 40.44 61.67 -9.92
N GLU E 367 40.94 60.58 -10.52
CA GLU E 367 42.20 60.65 -11.24
C GLU E 367 42.13 61.53 -12.48
N GLN E 368 40.94 61.64 -13.09
CA GLN E 368 40.84 62.48 -14.28
C GLN E 368 40.71 63.96 -13.97
N ILE E 369 40.51 64.32 -12.71
CA ILE E 369 40.45 65.73 -12.33
C ILE E 369 41.84 66.37 -12.46
N ARG E 374 39.83 71.17 -5.39
CA ARG E 374 38.45 70.81 -5.72
C ARG E 374 38.18 69.41 -5.17
N ILE E 375 39.19 68.56 -5.35
CA ILE E 375 39.22 67.18 -4.82
C ILE E 375 39.23 67.28 -3.29
N ILE E 376 40.02 68.21 -2.73
CA ILE E 376 40.00 68.34 -1.26
C ILE E 376 38.58 68.43 -0.77
N ALA E 377 37.77 69.21 -1.48
CA ALA E 377 36.38 69.30 -1.08
C ALA E 377 35.62 68.05 -1.44
N VAL E 378 36.15 67.21 -2.33
CA VAL E 378 35.52 65.93 -2.60
C VAL E 378 36.00 64.85 -1.64
N LEU E 379 37.32 64.75 -1.43
CA LEU E 379 37.85 63.59 -0.72
C LEU E 379 37.76 63.70 0.80
N THR E 380 37.43 64.89 1.35
CA THR E 380 37.38 65.01 2.82
C THR E 380 36.34 65.95 3.39
N ASP E 381 35.77 66.82 2.56
CA ASP E 381 34.84 67.82 3.07
C ASP E 381 33.43 67.28 3.23
N ASP E 382 33.15 66.09 2.68
CA ASP E 382 31.88 65.37 2.80
C ASP E 382 30.67 66.12 2.26
N ASP E 383 30.37 67.30 2.81
CA ASP E 383 29.19 68.06 2.40
C ASP E 383 29.26 68.52 0.95
N TYR E 384 30.46 68.81 0.43
CA TYR E 384 30.55 69.10 -1.01
C TYR E 384 30.26 67.87 -1.85
N LEU E 385 30.68 66.69 -1.38
CA LEU E 385 30.31 65.47 -2.10
C LEU E 385 28.83 65.16 -1.99
N LYS E 386 28.20 65.51 -0.85
CA LYS E 386 26.75 65.39 -0.73
C LYS E 386 26.02 66.35 -1.66
N LYS E 387 26.56 67.55 -1.85
CA LYS E 387 25.99 68.43 -2.85
C LYS E 387 26.26 67.95 -4.27
N LYS E 388 27.36 67.23 -4.47
CA LYS E 388 27.78 66.82 -5.82
C LYS E 388 27.02 65.57 -6.29
N LEU E 389 26.56 64.73 -5.36
CA LEU E 389 25.98 63.42 -5.68
C LEU E 389 24.82 63.39 -6.70
N PRO E 390 23.81 64.29 -6.68
CA PRO E 390 22.72 64.16 -7.68
C PRO E 390 23.13 64.20 -9.14
N GLN E 391 24.15 64.98 -9.51
CA GLN E 391 24.59 65.01 -10.90
C GLN E 391 25.22 63.69 -11.33
N LEU E 392 26.01 63.07 -10.44
CA LEU E 392 26.63 61.79 -10.75
C LEU E 392 25.59 60.67 -10.82
N LEU E 393 24.58 60.73 -9.96
CA LEU E 393 23.52 59.72 -9.99
C LEU E 393 22.67 59.86 -11.25
N ARG E 394 22.40 61.10 -11.66
CA ARG E 394 21.70 61.36 -12.90
C ARG E 394 22.52 60.87 -14.09
N ASP E 395 23.86 60.98 -14.00
CA ASP E 395 24.74 60.50 -15.04
C ASP E 395 24.66 58.99 -15.19
N CYS E 396 24.62 58.26 -14.07
CA CYS E 396 24.56 56.80 -14.14
C CYS E 396 23.22 56.33 -14.69
N LEU E 397 22.12 56.93 -14.22
CA LEU E 397 20.80 56.49 -14.70
C LEU E 397 20.63 56.81 -16.18
N LEU E 398 21.14 57.96 -16.63
CA LEU E 398 21.07 58.31 -18.04
C LEU E 398 21.93 57.36 -18.88
N HIS E 399 23.08 56.94 -18.34
CA HIS E 399 23.93 55.99 -19.06
C HIS E 399 23.29 54.62 -19.21
N PHE E 400 22.57 54.17 -18.19
CA PHE E 400 21.95 52.85 -18.36
C PHE E 400 20.71 52.89 -19.25
N LEU E 401 19.96 54.00 -19.25
CA LEU E 401 18.88 54.11 -20.22
C LEU E 401 19.37 54.17 -21.66
N LEU E 402 20.45 54.92 -21.91
CA LEU E 402 21.05 54.92 -23.25
C LEU E 402 21.65 53.56 -23.61
N PHE E 403 22.14 52.84 -22.61
CA PHE E 403 22.64 51.48 -22.83
C PHE E 403 21.53 50.55 -23.29
N ARG E 404 20.33 50.69 -22.71
CA ARG E 404 19.23 49.83 -23.12
C ARG E 404 18.74 50.15 -24.53
N CYS E 405 18.62 51.44 -24.87
CA CYS E 405 18.14 51.79 -26.22
C CYS E 405 19.16 51.42 -27.30
N SER E 406 20.46 51.65 -27.03
CA SER E 406 21.49 51.24 -27.98
C SER E 406 21.55 49.72 -28.11
N LEU E 407 21.26 48.99 -27.03
CA LEU E 407 21.19 47.54 -27.13
C LEU E 407 20.02 47.09 -27.98
N GLU E 408 18.88 47.79 -27.91
CA GLU E 408 17.73 47.43 -28.74
C GLU E 408 18.03 47.62 -30.23
N PHE E 409 18.68 48.74 -30.56
CA PHE E 409 19.08 49.01 -31.94
C PHE E 409 20.06 47.95 -32.44
N LEU E 410 21.13 47.72 -31.69
CA LEU E 410 22.18 46.79 -32.13
C LEU E 410 21.68 45.35 -32.16
N THR E 411 20.78 44.97 -31.24
CA THR E 411 20.27 43.61 -31.25
C THR E 411 19.37 43.36 -32.47
N GLU E 412 18.61 44.36 -32.92
CA GLU E 412 17.88 44.18 -34.17
C GLU E 412 18.86 44.05 -35.34
N LEU E 413 19.80 45.00 -35.43
CA LEU E 413 20.69 45.09 -36.57
C LEU E 413 21.65 43.90 -36.69
N VAL E 414 21.98 43.23 -35.59
CA VAL E 414 22.87 42.08 -35.66
C VAL E 414 22.11 40.75 -35.62
N GLY E 415 21.04 40.65 -34.85
CA GLY E 415 20.35 39.38 -34.82
C GLY E 415 19.48 39.08 -36.00
N ASP E 416 19.18 40.07 -36.85
CA ASP E 416 18.56 39.70 -38.12
C ASP E 416 19.54 39.06 -39.10
N LEU E 417 20.84 39.24 -38.89
CA LEU E 417 21.85 38.79 -39.85
C LEU E 417 22.01 37.28 -39.86
N PRO E 418 22.29 36.69 -41.01
CA PRO E 418 22.72 35.28 -41.06
C PRO E 418 24.06 35.07 -40.37
N ARG E 419 24.24 33.86 -39.84
CA ARG E 419 25.41 33.30 -39.14
C ARG E 419 25.58 33.81 -37.70
N CYS E 420 25.20 35.08 -37.45
CA CYS E 420 25.14 35.81 -36.17
C CYS E 420 26.38 35.59 -35.31
N PRO E 421 27.50 36.25 -35.62
CA PRO E 421 28.69 36.17 -34.75
C PRO E 421 28.48 36.66 -33.33
N LEU E 422 27.63 37.66 -33.13
CA LEU E 422 27.41 38.27 -31.82
C LEU E 422 26.21 37.71 -31.08
N GLY E 423 25.48 36.78 -31.67
CA GLY E 423 24.31 36.19 -31.05
C GLY E 423 23.03 36.94 -31.42
N LYS E 424 21.91 36.29 -31.14
CA LYS E 424 20.60 36.82 -31.52
C LYS E 424 19.95 37.65 -30.43
N LEU E 425 19.72 37.04 -29.26
CA LEU E 425 18.96 37.64 -28.19
C LEU E 425 19.72 38.77 -27.49
N ARG E 426 18.94 39.63 -26.82
CA ARG E 426 19.46 40.81 -26.14
C ARG E 426 20.39 40.45 -25.00
N ARG E 427 20.14 39.30 -24.36
CA ARG E 427 20.95 38.90 -23.23
C ARG E 427 22.39 38.59 -23.65
N GLU E 428 22.56 37.96 -24.81
CA GLU E 428 23.90 37.57 -25.26
C GLU E 428 24.73 38.79 -25.65
N LEU E 429 24.09 39.75 -26.32
CA LEU E 429 24.77 41.00 -26.61
C LEU E 429 25.07 41.76 -25.33
N TYR E 430 24.13 41.74 -24.39
CA TYR E 430 24.28 42.43 -23.11
C TYR E 430 25.48 41.93 -22.33
N VAL E 431 25.62 40.60 -22.20
CA VAL E 431 26.78 40.03 -21.51
C VAL E 431 28.06 40.31 -22.27
N ASN E 432 28.00 40.33 -23.62
CA ASN E 432 29.24 40.56 -24.37
C ASN E 432 29.71 42.01 -24.28
N CYS E 433 28.79 42.97 -24.38
CA CYS E 433 29.20 44.37 -24.25
C CYS E 433 29.53 44.74 -22.81
N LEU E 434 29.03 44.01 -21.81
CA LEU E 434 29.46 44.38 -20.47
C LEU E 434 30.73 43.67 -20.04
N ASN E 435 30.98 42.47 -20.56
CA ASN E 435 32.21 41.79 -20.19
C ASN E 435 33.43 42.51 -20.78
N ARG E 436 33.28 43.07 -21.98
CA ARG E 436 34.40 43.65 -22.69
C ARG E 436 33.88 44.58 -23.78
N ALA E 437 34.80 45.37 -24.33
CA ALA E 437 34.48 46.29 -25.40
C ALA E 437 34.08 45.57 -26.68
N ILE E 438 33.01 46.04 -27.31
CA ILE E 438 32.40 45.29 -28.40
C ILE E 438 33.07 45.56 -29.75
N ILE E 439 33.55 46.80 -29.96
CA ILE E 439 34.17 47.18 -31.23
C ILE E 439 35.49 46.45 -31.47
N SER E 440 36.21 46.11 -30.41
CA SER E 440 37.51 45.46 -30.58
C SER E 440 37.39 43.96 -30.80
N THR E 441 36.19 43.37 -30.69
CA THR E 441 36.07 41.93 -30.87
C THR E 441 36.24 41.61 -32.36
N PRO E 442 36.92 40.50 -32.69
CA PRO E 442 36.92 40.01 -34.07
C PRO E 442 35.54 39.69 -34.62
N GLU E 443 34.61 39.22 -33.77
CA GLU E 443 33.27 38.90 -34.24
C GLU E 443 32.51 40.13 -34.72
N TYR E 444 32.74 41.29 -34.09
CA TYR E 444 32.14 42.51 -34.61
C TYR E 444 32.78 42.93 -35.94
N LYS E 445 34.06 42.61 -36.14
CA LYS E 445 34.66 42.88 -37.45
C LYS E 445 34.07 42.00 -38.52
N GLU E 446 33.81 40.72 -38.21
CA GLU E 446 33.13 39.85 -39.16
C GLU E 446 31.70 40.32 -39.42
N CYS E 447 31.05 40.87 -38.39
CA CYS E 447 29.71 41.40 -38.57
C CYS E 447 29.70 42.64 -39.45
N LEU E 448 30.68 43.53 -39.26
CA LEU E 448 30.81 44.71 -40.12
C LEU E 448 31.16 44.34 -41.56
N GLN E 449 31.93 43.27 -41.76
CA GLN E 449 32.26 42.83 -43.11
C GLN E 449 31.00 42.30 -43.79
N MET E 450 30.23 41.44 -43.09
CA MET E 450 29.01 40.92 -43.67
C MET E 450 27.93 41.99 -43.81
N LEU E 451 28.01 43.09 -43.06
CA LEU E 451 27.04 44.15 -43.28
C LEU E 451 27.44 45.11 -44.38
N SER E 452 28.73 45.29 -44.66
CA SER E 452 29.09 46.07 -45.84
C SER E 452 29.06 45.22 -47.10
N PHE E 453 29.01 43.89 -46.97
CA PHE E 453 28.87 42.96 -48.08
C PHE E 453 27.45 42.87 -48.61
N LEU E 454 26.47 43.44 -47.90
CA LEU E 454 25.08 43.24 -48.23
C LEU E 454 24.69 44.04 -49.47
N SER E 455 23.68 43.55 -50.17
CA SER E 455 23.06 44.39 -51.18
C SER E 455 22.26 45.50 -50.51
N LYS E 456 22.06 46.59 -51.26
CA LYS E 456 21.51 47.82 -50.72
C LYS E 456 20.07 47.66 -50.21
N ASP E 457 19.26 46.81 -50.84
CA ASP E 457 17.84 46.72 -50.52
C ASP E 457 17.61 46.06 -49.16
N GLU E 458 18.24 44.91 -48.92
CA GLU E 458 18.10 44.24 -47.64
C GLU E 458 18.76 45.05 -46.52
N PHE E 459 19.80 45.81 -46.87
CA PHE E 459 20.46 46.67 -45.91
C PHE E 459 19.57 47.84 -45.47
N VAL E 460 18.95 48.54 -46.42
CA VAL E 460 18.03 49.62 -46.06
C VAL E 460 16.81 49.08 -45.34
N ALA E 461 16.33 47.88 -45.71
CA ALA E 461 15.20 47.29 -44.97
C ALA E 461 15.59 46.93 -43.54
N LYS E 462 16.83 46.48 -43.32
CA LYS E 462 17.23 46.14 -41.96
C LYS E 462 17.45 47.38 -41.10
N VAL E 463 18.05 48.42 -41.65
CA VAL E 463 18.20 49.65 -40.89
C VAL E 463 16.85 50.34 -40.66
N ASN E 464 15.92 50.26 -41.62
CA ASN E 464 14.59 50.82 -41.38
C ASN E 464 13.82 50.03 -40.33
N ARG E 465 13.99 48.70 -40.28
CA ARG E 465 13.37 47.92 -39.22
C ARG E 465 13.98 48.24 -37.86
N ALA E 466 15.30 48.42 -37.80
CA ALA E 466 15.95 48.83 -36.56
C ALA E 466 15.52 50.22 -36.12
N LEU E 467 15.30 51.11 -37.08
CA LEU E 467 14.88 52.47 -36.79
C LEU E 467 13.46 52.48 -36.23
N GLU E 468 12.54 51.76 -36.88
CA GLU E 468 11.17 51.70 -36.39
C GLU E 468 11.09 50.97 -35.06
N ARG E 469 11.95 49.96 -34.85
CA ARG E 469 11.97 49.23 -33.59
C ARG E 469 12.48 50.09 -32.45
N THR E 470 13.57 50.82 -32.66
CA THR E 470 14.12 51.66 -31.61
C THR E 470 13.22 52.84 -31.29
N GLU E 471 12.60 53.44 -32.32
CA GLU E 471 11.68 54.55 -32.06
C GLU E 471 10.40 54.07 -31.36
N GLN E 472 9.89 52.88 -31.72
CA GLN E 472 8.73 52.33 -31.04
C GLN E 472 9.07 51.98 -29.60
N PHE E 473 10.30 51.50 -29.36
CA PHE E 473 10.74 51.24 -27.99
C PHE E 473 10.87 52.52 -27.19
N LEU E 474 11.36 53.60 -27.81
CA LEU E 474 11.46 54.88 -27.13
C LEU E 474 10.10 55.47 -26.78
N VAL E 475 9.09 55.27 -27.63
CA VAL E 475 7.76 55.78 -27.33
C VAL E 475 7.03 54.89 -26.33
N GLU E 476 7.04 53.58 -26.54
CA GLU E 476 6.21 52.71 -25.71
C GLU E 476 6.85 52.42 -24.35
N GLU E 477 8.17 52.47 -24.23
CA GLU E 477 8.81 51.98 -23.02
C GLU E 477 9.63 53.04 -22.30
N ILE E 478 10.31 53.91 -23.04
CA ILE E 478 11.16 54.93 -22.41
C ILE E 478 10.34 56.14 -21.96
N ALA E 479 9.30 56.49 -22.71
CA ALA E 479 8.49 57.68 -22.44
C ALA E 479 7.79 57.73 -21.07
N PRO E 480 7.11 56.67 -20.57
CA PRO E 480 6.58 56.76 -19.20
C PRO E 480 7.59 57.00 -18.09
N LEU E 481 8.84 56.53 -18.20
CA LEU E 481 9.77 56.68 -17.08
C LEU E 481 10.20 58.13 -16.87
N GLU E 482 10.32 58.50 -15.60
CA GLU E 482 10.94 59.76 -15.21
C GLU E 482 12.43 59.72 -15.50
N LEU E 483 13.02 60.90 -15.73
CA LEU E 483 14.36 61.04 -16.33
C LEU E 483 14.45 60.29 -17.65
N GLY E 484 13.39 60.35 -18.45
CA GLY E 484 13.29 59.72 -19.75
C GLY E 484 13.29 60.73 -20.90
N GLU E 485 12.79 61.92 -20.59
CA GLU E 485 12.80 63.02 -21.55
C GLU E 485 14.23 63.42 -21.92
N ALA E 486 15.15 63.44 -20.94
CA ALA E 486 16.56 63.68 -21.26
C ALA E 486 17.14 62.54 -22.08
N CYS E 487 16.65 61.31 -21.89
CA CYS E 487 17.16 60.17 -22.65
C CYS E 487 16.78 60.26 -24.12
N THR E 488 15.50 60.54 -24.41
CA THR E 488 15.15 60.72 -25.80
C THR E 488 15.77 61.99 -26.39
N ALA E 489 15.99 63.02 -25.56
CA ALA E 489 16.68 64.21 -26.05
C ALA E 489 18.15 63.95 -26.39
N VAL E 490 18.81 63.03 -25.70
CA VAL E 490 20.17 62.66 -26.10
C VAL E 490 20.17 61.73 -27.31
N LEU E 491 19.28 60.73 -27.33
CA LEU E 491 19.44 59.69 -28.32
C LEU E 491 18.88 60.09 -29.69
N ARG E 492 17.76 60.80 -29.70
CA ARG E 492 17.04 61.07 -30.94
C ARG E 492 17.80 61.86 -32.01
N PRO E 493 18.55 62.95 -31.73
CA PRO E 493 19.35 63.56 -32.81
C PRO E 493 20.38 62.64 -33.46
N LYS E 494 20.98 61.71 -32.70
CA LYS E 494 21.88 60.73 -33.31
C LYS E 494 21.11 59.78 -34.22
N LEU E 495 19.89 59.43 -33.83
CA LEU E 495 19.02 58.62 -34.66
C LEU E 495 18.60 59.38 -35.92
N GLU E 496 18.39 60.69 -35.79
CA GLU E 496 18.09 61.52 -36.95
C GLU E 496 19.27 61.63 -37.90
N ALA E 497 20.49 61.63 -37.36
CA ALA E 497 21.68 61.64 -38.21
C ALA E 497 21.83 60.33 -38.96
N ILE E 498 21.51 59.22 -38.29
CA ILE E 498 21.49 57.91 -38.96
C ILE E 498 20.39 57.87 -40.03
N ARG E 499 19.26 58.51 -39.75
CA ARG E 499 18.18 58.58 -40.73
C ARG E 499 18.57 59.40 -41.95
N LEU E 500 19.35 60.47 -41.74
CA LEU E 500 19.88 61.22 -42.87
C LEU E 500 20.91 60.42 -43.66
N ALA E 501 21.67 59.56 -42.96
CA ALA E 501 22.56 58.65 -43.68
C ALA E 501 21.78 57.61 -44.49
N VAL E 502 20.61 57.21 -43.99
CA VAL E 502 19.72 56.31 -44.73
C VAL E 502 19.18 57.00 -45.98
N ASP E 503 18.84 58.28 -45.85
CA ASP E 503 18.41 59.06 -47.02
C ASP E 503 19.55 59.23 -48.02
N GLU E 504 20.79 59.32 -47.53
CA GLU E 504 21.92 59.44 -48.45
C GLU E 504 22.18 58.13 -49.18
N VAL E 505 22.09 56.99 -48.49
CA VAL E 505 22.30 55.73 -49.20
C VAL E 505 21.10 55.31 -50.07
N VAL E 506 19.90 55.83 -49.81
CA VAL E 506 18.82 55.60 -50.77
C VAL E 506 19.03 56.45 -52.03
N LYS E 507 19.36 57.75 -51.87
CA LYS E 507 19.51 58.59 -53.04
C LYS E 507 20.76 58.26 -53.86
N ALA E 508 21.76 57.61 -53.27
CA ALA E 508 22.95 57.21 -54.03
C ALA E 508 22.92 55.73 -54.41
N GLY E 562 27.50 52.70 -52.96
CA GLY E 562 28.21 51.65 -52.26
C GLY E 562 29.07 52.14 -51.12
N ARG E 563 29.89 53.17 -51.39
CA ARG E 563 30.75 53.77 -50.38
C ARG E 563 29.93 54.49 -49.30
N ALA E 564 28.75 55.00 -49.66
CA ALA E 564 27.95 55.68 -48.65
C ALA E 564 27.36 54.70 -47.66
N LEU E 565 27.26 53.41 -48.03
CA LEU E 565 26.84 52.40 -47.07
C LEU E 565 27.90 52.26 -45.99
N GLN E 566 29.17 52.39 -46.38
CA GLN E 566 30.26 52.39 -45.41
C GLN E 566 30.24 53.65 -44.55
N LYS E 567 29.84 54.80 -45.12
CA LYS E 567 29.71 55.98 -44.25
C LYS E 567 28.56 55.83 -43.26
N THR E 568 27.46 55.19 -43.67
CA THR E 568 26.36 54.95 -42.75
C THR E 568 26.74 53.96 -41.65
N LEU E 569 27.47 52.90 -41.99
CA LEU E 569 27.97 51.97 -40.98
C LEU E 569 28.97 52.62 -40.04
N GLN E 570 29.80 53.53 -40.56
CA GLN E 570 30.75 54.22 -39.70
C GLN E 570 30.03 55.15 -38.74
N LEU E 571 28.96 55.79 -39.20
CA LEU E 571 28.19 56.68 -38.35
C LEU E 571 27.41 55.90 -37.29
N ILE E 572 26.85 54.74 -37.65
CA ILE E 572 26.18 53.88 -36.67
C ILE E 572 27.18 53.34 -35.65
N GLU E 573 28.42 53.10 -36.06
CA GLU E 573 29.42 52.62 -35.11
C GLU E 573 29.85 53.73 -34.16
N THR E 574 30.13 54.91 -34.68
CA THR E 574 30.70 55.97 -33.86
C THR E 574 29.65 56.79 -33.13
N GLN E 575 28.36 56.64 -33.44
CA GLN E 575 27.31 57.41 -32.79
C GLN E 575 26.40 56.59 -31.87
N ILE E 576 26.56 55.27 -31.77
CA ILE E 576 25.68 54.45 -30.95
C ILE E 576 26.53 53.44 -30.19
N VAL E 577 27.44 52.79 -30.90
CA VAL E 577 28.23 51.72 -30.29
C VAL E 577 29.36 52.31 -29.47
N GLN E 578 29.99 53.37 -29.98
CA GLN E 578 31.20 53.89 -29.36
C GLN E 578 30.87 54.66 -28.09
N ASP E 579 29.84 55.50 -28.12
CA ASP E 579 29.58 56.41 -27.01
C ASP E 579 28.57 55.84 -26.02
N HIS E 580 27.61 55.03 -26.47
CA HIS E 580 26.52 54.60 -25.60
C HIS E 580 26.61 53.13 -25.23
N LEU E 581 27.72 52.46 -25.54
CA LEU E 581 27.83 51.03 -25.29
C LEU E 581 29.24 50.71 -24.83
N ARG E 582 29.70 51.40 -23.79
CA ARG E 582 31.07 51.24 -23.33
C ARG E 582 31.24 50.02 -22.44
N ALA E 583 32.49 49.60 -22.31
CA ALA E 583 32.88 48.54 -21.40
C ALA E 583 32.74 48.99 -19.95
N LEU E 584 32.62 47.99 -19.07
CA LEU E 584 32.38 48.25 -17.66
C LEU E 584 33.52 48.99 -16.99
N GLN E 585 34.75 48.82 -17.48
CA GLN E 585 35.83 49.66 -16.99
C GLN E 585 35.64 51.11 -17.43
N ASP E 586 35.03 51.33 -18.59
CA ASP E 586 34.76 52.66 -19.12
C ASP E 586 33.37 53.14 -18.73
N ALA E 587 32.73 52.48 -17.78
CA ALA E 587 31.44 52.91 -17.30
C ALA E 587 31.56 54.23 -16.52
N PRO E 588 30.49 55.02 -16.46
CA PRO E 588 30.53 56.24 -15.68
C PRO E 588 30.71 55.92 -14.20
N PRO E 589 31.35 56.82 -13.45
CA PRO E 589 31.75 56.50 -12.07
C PRO E 589 30.56 56.32 -11.15
N ILE E 590 30.83 55.60 -10.05
CA ILE E 590 29.92 54.96 -9.10
C ILE E 590 28.83 54.18 -9.83
N HIS E 591 29.23 53.44 -10.87
CA HIS E 591 28.32 52.44 -11.38
C HIS E 591 28.33 51.18 -10.52
N GLU E 592 29.26 51.10 -9.56
CA GLU E 592 29.29 50.00 -8.61
C GLU E 592 28.07 50.03 -7.72
N LEU E 593 27.45 51.20 -7.57
CA LEU E 593 26.19 51.34 -6.88
C LEU E 593 25.09 50.60 -7.64
N PHE E 594 25.24 50.44 -8.94
CA PHE E 594 24.17 49.92 -9.78
C PHE E 594 24.47 48.52 -10.30
N VAL E 595 25.74 48.18 -10.54
CA VAL E 595 26.08 46.83 -10.97
C VAL E 595 26.43 46.00 -9.75
N PHE E 596 26.51 44.68 -9.94
CA PHE E 596 26.97 43.74 -8.91
C PHE E 596 27.92 42.79 -9.63
N SER E 597 29.21 43.09 -9.58
CA SER E 597 30.19 42.30 -10.31
C SER E 597 30.87 41.22 -9.49
N ASP E 598 30.62 41.13 -8.18
CA ASP E 598 31.38 40.20 -7.35
C ASP E 598 30.70 38.83 -7.47
N ILE E 599 31.21 38.03 -8.40
CA ILE E 599 30.61 36.72 -8.67
C ILE E 599 31.30 35.60 -7.89
N ALA E 600 32.49 35.84 -7.34
CA ALA E 600 33.25 34.79 -6.68
C ALA E 600 32.56 34.36 -5.40
N THR E 601 32.16 35.32 -4.57
CA THR E 601 31.52 35.00 -3.30
C THR E 601 30.12 34.43 -3.51
N VAL E 602 29.38 34.96 -4.48
CA VAL E 602 28.05 34.40 -4.79
C VAL E 602 28.18 32.97 -5.33
N ARG E 603 29.24 32.71 -6.10
CA ARG E 603 29.45 31.37 -6.65
C ARG E 603 29.85 30.38 -5.56
N ARG E 604 30.75 30.77 -4.66
CA ARG E 604 31.11 29.86 -3.58
C ARG E 604 30.01 29.72 -2.54
N ASN E 605 29.08 30.68 -2.45
CA ASN E 605 28.00 30.53 -1.50
C ASN E 605 26.76 29.85 -2.07
N ILE E 606 26.61 29.82 -3.39
CA ILE E 606 25.48 29.15 -4.04
C ILE E 606 25.88 27.77 -4.55
N ILE E 607 26.88 27.73 -5.44
CA ILE E 607 27.43 26.46 -5.91
C ILE E 607 28.10 25.74 -4.76
N GLY E 608 27.79 24.45 -4.61
CA GLY E 608 28.32 23.64 -3.53
C GLY E 608 29.18 22.48 -3.98
N ALA E 609 30.41 22.44 -3.49
CA ALA E 609 31.37 21.38 -3.84
C ALA E 609 31.96 20.89 -2.52
N PRO E 610 31.21 20.08 -1.76
CA PRO E 610 31.79 19.50 -0.52
C PRO E 610 33.03 18.67 -0.75
N ARG E 611 33.11 17.93 -1.87
CA ARG E 611 34.25 17.07 -2.11
C ARG E 611 35.50 17.88 -2.40
N ALA E 612 35.36 19.02 -3.07
CA ALA E 612 36.49 19.91 -3.32
C ALA E 612 36.99 20.55 -2.04
N ALA E 613 36.07 20.91 -1.14
CA ALA E 613 36.47 21.49 0.14
C ALA E 613 37.15 20.44 1.01
N LEU E 614 36.64 19.22 1.00
CA LEU E 614 37.28 18.12 1.73
C LEU E 614 38.64 17.79 1.14
N HIS E 615 38.79 17.95 -0.18
CA HIS E 615 40.07 17.66 -0.84
C HIS E 615 41.13 18.70 -0.49
N THR E 616 40.76 19.98 -0.55
CA THR E 616 41.69 21.04 -0.14
C THR E 616 41.89 21.07 1.37
N ALA E 617 40.97 20.50 2.14
CA ALA E 617 41.18 20.39 3.58
C ALA E 617 42.06 19.19 3.93
N LEU E 618 42.13 18.18 3.06
CA LEU E 618 42.99 17.04 3.35
C LEU E 618 44.36 17.13 2.68
N ASN E 619 44.53 18.01 1.69
CA ASN E 619 45.87 18.21 1.15
C ASN E 619 46.67 19.27 1.90
N ASN E 620 46.20 20.51 1.88
CA ASN E 620 46.86 21.58 2.62
C ASN E 620 45.98 22.27 3.65
N PRO E 621 46.07 21.90 4.94
CA PRO E 621 45.38 22.71 5.96
C PRO E 621 45.93 24.12 6.02
N HIS E 622 47.18 24.31 5.60
CA HIS E 622 47.86 25.60 5.61
C HIS E 622 47.15 26.60 4.70
N PHE E 623 46.44 26.10 3.69
CA PHE E 623 45.64 26.98 2.83
C PHE E 623 44.52 27.64 3.63
N TYR E 624 43.98 26.95 4.64
CA TYR E 624 42.90 27.50 5.45
C TYR E 624 43.40 28.05 6.78
N MET E 625 44.06 27.20 7.57
CA MET E 625 44.49 27.52 8.93
C MET E 625 45.66 28.50 8.96
N GLN E 626 46.44 28.55 7.88
CA GLN E 626 47.69 29.32 7.74
C GLN E 626 48.69 28.99 8.86
N CYS E 627 48.92 27.69 9.06
CA CYS E 627 49.95 27.23 9.98
C CYS E 627 51.34 27.53 9.42
N GLU F 223 46.81 47.99 -6.77
CA GLU F 223 47.24 48.80 -5.64
C GLU F 223 46.14 48.88 -4.57
N ASP F 224 46.55 49.10 -3.32
CA ASP F 224 45.59 49.25 -2.24
C ASP F 224 44.84 50.57 -2.36
N TYR F 225 43.59 50.57 -1.87
CA TYR F 225 42.77 51.77 -1.88
C TYR F 225 43.35 52.85 -0.98
N GLU F 226 44.00 52.43 0.11
CA GLU F 226 44.50 53.37 1.11
C GLU F 226 45.68 54.18 0.58
N ILE F 227 46.65 53.50 -0.07
CA ILE F 227 47.77 54.26 -0.62
C ILE F 227 47.33 55.14 -1.79
N TRP F 228 46.27 54.74 -2.51
CA TRP F 228 45.77 55.58 -3.59
C TRP F 228 45.05 56.79 -3.05
N LYS F 229 44.22 56.59 -2.02
CA LYS F 229 43.51 57.69 -1.36
C LYS F 229 44.47 58.64 -0.66
N ALA F 230 45.57 58.12 -0.11
CA ALA F 230 46.53 58.99 0.54
C ALA F 230 47.31 59.81 -0.47
N ARG F 231 47.75 59.18 -1.57
CA ARG F 231 48.44 59.92 -2.62
C ARG F 231 47.51 60.90 -3.33
N MET F 232 46.24 60.54 -3.46
CA MET F 232 45.27 61.45 -4.05
C MET F 232 44.96 62.62 -3.13
N LEU F 233 44.88 62.39 -1.83
CA LEU F 233 44.69 63.50 -0.91
C LEU F 233 45.90 64.44 -0.93
N ALA F 234 47.11 63.89 -1.10
CA ALA F 234 48.29 64.76 -1.18
C ALA F 234 48.32 65.55 -2.49
N LYS F 235 47.95 64.92 -3.60
CA LYS F 235 47.83 65.61 -4.89
C LYS F 235 46.68 66.59 -4.89
N ALA F 236 45.67 66.30 -4.08
CA ALA F 236 44.51 67.17 -3.94
C ALA F 236 44.85 68.43 -3.17
N GLN F 237 45.57 68.31 -2.06
CA GLN F 237 45.98 69.52 -1.35
C GLN F 237 47.04 70.27 -2.15
N ALA F 238 47.80 69.55 -2.98
CA ALA F 238 48.79 70.15 -3.87
C ALA F 238 48.21 70.69 -5.17
N LYS F 239 46.94 70.46 -5.49
CA LYS F 239 46.41 70.93 -6.77
C LYS F 239 46.13 72.43 -6.71
PG ATP G . -14.97 -27.63 8.25
O1G ATP G . -15.30 -27.38 9.70
O2G ATP G . -13.60 -28.22 8.06
O3G ATP G . -15.32 -26.52 7.30
PB ATP G . -17.41 -28.89 8.46
O1B ATP G . -17.30 -29.79 9.67
O2B ATP G . -17.96 -27.49 8.62
O3B ATP G . -15.96 -28.81 7.81
PA ATP G . -19.86 -29.72 7.48
O1A ATP G . -20.22 -30.56 8.68
O2A ATP G . -20.42 -28.32 7.37
O3A ATP G . -18.26 -29.69 7.38
O5' ATP G . -20.28 -30.53 6.18
C5' ATP G . -20.31 -29.90 4.91
C4' ATP G . -21.37 -30.66 4.12
O4' ATP G . -21.11 -32.05 4.25
C3' ATP G . -22.72 -30.40 4.72
O3' ATP G . -23.60 -29.95 3.69
C2' ATP G . -23.21 -31.73 5.25
O2' ATP G . -24.55 -31.94 4.84
C1' ATP G . -22.29 -32.75 4.62
N9 ATP G . -21.89 -33.85 5.53
C8 ATP G . -20.62 -34.22 5.76
N7 ATP G . -20.55 -35.27 6.61
C5 ATP G . -21.81 -35.59 6.94
C6 ATP G . -22.44 -36.61 7.80
N6 ATP G . -21.69 -37.50 8.48
N1 ATP G . -23.78 -36.62 7.88
C2 ATP G . -24.53 -35.75 7.20
N3 ATP G . -24.03 -34.80 6.39
C4 ATP G . -22.69 -34.67 6.22
MG MG H . -17.64 -26.00 10.17
PG ATP I . -12.46 -7.30 -16.87
O1G ATP I . -12.43 -8.76 -16.49
O2G ATP I . -11.20 -6.80 -17.51
O3G ATP I . -13.02 -6.40 -15.81
PB ATP I . -15.03 -7.85 -17.84
O1B ATP I . -14.94 -9.36 -17.91
O2B ATP I . -15.64 -7.19 -16.64
O3B ATP I . -13.55 -7.27 -18.05
PA ATP I . -16.94 -6.23 -19.04
O1A ATP I . -16.35 -5.00 -18.42
O2A ATP I . -18.18 -6.84 -18.44
O3A ATP I . -15.79 -7.34 -19.15
O5' ATP I . -17.28 -5.87 -20.57
C5' ATP I . -17.58 -4.50 -20.87
C4' ATP I . -18.36 -4.38 -22.17
O4' ATP I . -18.35 -5.59 -22.91
C3' ATP I . -19.82 -4.07 -21.88
O3' ATP I . -20.09 -2.71 -22.22
C2' ATP I . -20.61 -5.00 -22.77
O2' ATP I . -21.52 -4.25 -23.57
C1' ATP I . -19.57 -5.67 -23.64
N9 ATP I . -19.96 -7.08 -23.90
C8 ATP I . -19.31 -8.16 -23.45
N7 ATP I . -19.91 -9.30 -23.87
C5 ATP I . -20.96 -8.95 -24.62
C6 ATP I . -22.02 -9.66 -25.36
N6 ATP I . -22.05 -11.01 -25.38
N1 ATP I . -22.92 -8.91 -26.02
C2 ATP I . -22.89 -7.58 -26.00
N3 ATP I . -21.96 -6.87 -25.34
C4 ATP I . -20.98 -7.48 -24.64
MG MG J . -14.86 -6.29 -14.73
PG ATP K . 2.30 -24.54 35.27
O1G ATP K . 3.78 -24.54 35.55
O2G ATP K . 1.91 -24.90 33.86
O3G ATP K . 1.57 -23.34 35.80
PB ATP K . 1.97 -25.90 37.70
O1B ATP K . 3.25 -26.65 37.93
O2B ATP K . 1.74 -24.57 38.35
O3B ATP K . 1.76 -25.77 36.12
PA ATP K . -0.13 -26.77 39.38
O1A ATP K . -0.76 -25.42 39.48
O2A ATP K . 0.70 -27.35 40.50
O3A ATP K . 0.75 -26.89 38.05
O5' ATP K . -1.31 -27.81 39.06
C5' ATP K . -1.01 -29.19 38.94
C4' ATP K . -2.27 -29.98 39.20
O4' ATP K . -1.91 -31.36 39.29
C3' ATP K . -2.88 -29.57 40.52
O3' ATP K . -4.20 -29.08 40.32
C2' ATP K . -2.93 -30.83 41.36
O2' ATP K . -4.29 -31.20 41.56
C1' ATP K . -2.22 -31.90 40.56
N9 ATP K . -0.95 -32.22 41.24
C8 ATP K . 0.27 -31.81 40.86
N7 ATP K . 1.23 -32.25 41.69
C5 ATP K . 0.61 -32.98 42.64
C6 ATP K . 1.04 -33.73 43.83
N6 ATP K . 2.34 -33.81 44.18
N1 ATP K . 0.09 -34.34 44.55
C2 ATP K . -1.21 -34.27 44.22
N3 ATP K . -1.67 -33.60 43.15
C4 ATP K . -0.81 -32.95 42.35
MG MG L . 1.27 -22.51 37.77
#